data_1AWQ
# 
_entry.id   1AWQ 
# 
_audit_conform.dict_name       mmcif_pdbx.dic 
_audit_conform.dict_version    5.392 
_audit_conform.dict_location   http://mmcif.pdb.org/dictionaries/ascii/mmcif_pdbx.dic 
# 
loop_
_database_2.database_id 
_database_2.database_code 
_database_2.pdbx_database_accession 
_database_2.pdbx_DOI 
PDB   1AWQ         pdb_00001awq 10.2210/pdb1awq/pdb 
WWPDB D_1000171349 ?            ?                   
# 
loop_
_pdbx_audit_revision_history.ordinal 
_pdbx_audit_revision_history.data_content_type 
_pdbx_audit_revision_history.major_revision 
_pdbx_audit_revision_history.minor_revision 
_pdbx_audit_revision_history.revision_date 
1 'Structure model' 1 0 1998-03-18 
2 'Structure model' 1 1 2008-03-24 
3 'Structure model' 1 2 2011-07-13 
4 'Structure model' 1 3 2023-08-02 
5 'Structure model' 1 4 2024-05-22 
# 
_pdbx_audit_revision_details.ordinal             1 
_pdbx_audit_revision_details.revision_ordinal    1 
_pdbx_audit_revision_details.data_content_type   'Structure model' 
_pdbx_audit_revision_details.provider            repository 
_pdbx_audit_revision_details.type                'Initial release' 
_pdbx_audit_revision_details.description         ? 
_pdbx_audit_revision_details.details             ? 
# 
loop_
_pdbx_audit_revision_group.ordinal 
_pdbx_audit_revision_group.revision_ordinal 
_pdbx_audit_revision_group.data_content_type 
_pdbx_audit_revision_group.group 
1 2 'Structure model' 'Version format compliance' 
2 3 'Structure model' 'Version format compliance' 
3 4 'Structure model' 'Database references'       
4 4 'Structure model' 'Refinement description'    
5 5 'Structure model' 'Data collection'           
# 
loop_
_pdbx_audit_revision_category.ordinal 
_pdbx_audit_revision_category.revision_ordinal 
_pdbx_audit_revision_category.data_content_type 
_pdbx_audit_revision_category.category 
1 4 'Structure model' database_2                    
2 4 'Structure model' pdbx_initial_refinement_model 
3 5 'Structure model' chem_comp_atom                
4 5 'Structure model' chem_comp_bond                
# 
loop_
_pdbx_audit_revision_item.ordinal 
_pdbx_audit_revision_item.revision_ordinal 
_pdbx_audit_revision_item.data_content_type 
_pdbx_audit_revision_item.item 
1 4 'Structure model' '_database_2.pdbx_DOI'                
2 4 'Structure model' '_database_2.pdbx_database_accession' 
# 
_pdbx_database_status.status_code                     REL 
_pdbx_database_status.entry_id                        1AWQ 
_pdbx_database_status.recvd_initial_deposition_date   1997-10-04 
_pdbx_database_status.deposit_site                    ? 
_pdbx_database_status.process_site                    BNL 
_pdbx_database_status.status_code_sf                  REL 
_pdbx_database_status.status_code_mr                  ? 
_pdbx_database_status.SG_entry                        ? 
_pdbx_database_status.pdb_format_compatible           Y 
_pdbx_database_status.status_code_cs                  ? 
_pdbx_database_status.status_code_nmr_data            ? 
_pdbx_database_status.methods_development_category    ? 
# 
_audit_author.name           'Vajdos, F.F.' 
_audit_author.pdbx_ordinal   1 
# 
_citation.id                        primary 
_citation.title                     
'Crystal structure of cyclophilin A complexed with a binding site peptide from the HIV-1 capsid protein.' 
_citation.journal_abbrev            'Protein Sci.' 
_citation.journal_volume            6 
_citation.page_first                2297 
_citation.page_last                 2307 
_citation.year                      1997 
_citation.journal_id_ASTM           PRCIEI 
_citation.country                   US 
_citation.journal_id_ISSN           0961-8368 
_citation.journal_id_CSD            0795 
_citation.book_publisher            ? 
_citation.pdbx_database_id_PubMed   9385632 
_citation.pdbx_database_id_DOI      ? 
# 
loop_
_citation_author.citation_id 
_citation_author.name 
_citation_author.ordinal 
_citation_author.identifier_ORCID 
primary 'Vajdos, F.F.'    1 ? 
primary 'Yoo, S.'         2 ? 
primary 'Houseweart, M.'  3 ? 
primary 'Sundquist, W.I.' 4 ? 
primary 'Hill, C.P.'      5 ? 
# 
loop_
_entity.id 
_entity.type 
_entity.src_method 
_entity.pdbx_description 
_entity.formula_weight 
_entity.pdbx_number_of_molecules 
_entity.pdbx_ec 
_entity.pdbx_mutation 
_entity.pdbx_fragment 
_entity.details 
1 polymer man 'CYCLOPHILIN A'                         17905.307 1  5.2.1.8 ? ? ? 
2 polymer man 'PEPTIDE FROM THE HIV-1 CAPSID PROTEIN' 565.642   1  ?       ? ? ? 
3 water   nat water                                   18.015    52 ?       ? ? ? 
# 
loop_
_entity_poly.entity_id 
_entity_poly.type 
_entity_poly.nstd_linkage 
_entity_poly.nstd_monomer 
_entity_poly.pdbx_seq_one_letter_code 
_entity_poly.pdbx_seq_one_letter_code_can 
_entity_poly.pdbx_strand_id 
_entity_poly.pdbx_target_identifier 
1 'polypeptide(L)' no no 
;VNPTVFFDIAVDGEPLGRVSFELFADKVPKTAENFRALSTGEKGFGYKGSCFHRIIPGFMCQGGDFTRHNGTGGKSIYGE
KFEDENFILKHTGPGILSMANAGPNTNGSQFFICTAKTEWLDGKHVVFGKVKEGMNIVEAMERFGSRNGKTSKKITIADC
GQLE
;
;VNPTVFFDIAVDGEPLGRVSFELFADKVPKTAENFRALSTGEKGFGYKGSCFHRIIPGFMCQGGDFTRHNGTGGKSIYGE
KFEDENFILKHTGPGILSMANAGPNTNGSQFFICTAKTEWLDGKHVVFGKVKEGMNIVEAMERFGSRNGKTSKKITIADC
GQLE
;
A ? 
2 'polypeptide(L)' no no HAGPIA HAGPIA B ? 
# 
_pdbx_entity_nonpoly.entity_id   3 
_pdbx_entity_nonpoly.name        water 
_pdbx_entity_nonpoly.comp_id     HOH 
# 
loop_
_entity_poly_seq.entity_id 
_entity_poly_seq.num 
_entity_poly_seq.mon_id 
_entity_poly_seq.hetero 
1 1   VAL n 
1 2   ASN n 
1 3   PRO n 
1 4   THR n 
1 5   VAL n 
1 6   PHE n 
1 7   PHE n 
1 8   ASP n 
1 9   ILE n 
1 10  ALA n 
1 11  VAL n 
1 12  ASP n 
1 13  GLY n 
1 14  GLU n 
1 15  PRO n 
1 16  LEU n 
1 17  GLY n 
1 18  ARG n 
1 19  VAL n 
1 20  SER n 
1 21  PHE n 
1 22  GLU n 
1 23  LEU n 
1 24  PHE n 
1 25  ALA n 
1 26  ASP n 
1 27  LYS n 
1 28  VAL n 
1 29  PRO n 
1 30  LYS n 
1 31  THR n 
1 32  ALA n 
1 33  GLU n 
1 34  ASN n 
1 35  PHE n 
1 36  ARG n 
1 37  ALA n 
1 38  LEU n 
1 39  SER n 
1 40  THR n 
1 41  GLY n 
1 42  GLU n 
1 43  LYS n 
1 44  GLY n 
1 45  PHE n 
1 46  GLY n 
1 47  TYR n 
1 48  LYS n 
1 49  GLY n 
1 50  SER n 
1 51  CYS n 
1 52  PHE n 
1 53  HIS n 
1 54  ARG n 
1 55  ILE n 
1 56  ILE n 
1 57  PRO n 
1 58  GLY n 
1 59  PHE n 
1 60  MET n 
1 61  CYS n 
1 62  GLN n 
1 63  GLY n 
1 64  GLY n 
1 65  ASP n 
1 66  PHE n 
1 67  THR n 
1 68  ARG n 
1 69  HIS n 
1 70  ASN n 
1 71  GLY n 
1 72  THR n 
1 73  GLY n 
1 74  GLY n 
1 75  LYS n 
1 76  SER n 
1 77  ILE n 
1 78  TYR n 
1 79  GLY n 
1 80  GLU n 
1 81  LYS n 
1 82  PHE n 
1 83  GLU n 
1 84  ASP n 
1 85  GLU n 
1 86  ASN n 
1 87  PHE n 
1 88  ILE n 
1 89  LEU n 
1 90  LYS n 
1 91  HIS n 
1 92  THR n 
1 93  GLY n 
1 94  PRO n 
1 95  GLY n 
1 96  ILE n 
1 97  LEU n 
1 98  SER n 
1 99  MET n 
1 100 ALA n 
1 101 ASN n 
1 102 ALA n 
1 103 GLY n 
1 104 PRO n 
1 105 ASN n 
1 106 THR n 
1 107 ASN n 
1 108 GLY n 
1 109 SER n 
1 110 GLN n 
1 111 PHE n 
1 112 PHE n 
1 113 ILE n 
1 114 CYS n 
1 115 THR n 
1 116 ALA n 
1 117 LYS n 
1 118 THR n 
1 119 GLU n 
1 120 TRP n 
1 121 LEU n 
1 122 ASP n 
1 123 GLY n 
1 124 LYS n 
1 125 HIS n 
1 126 VAL n 
1 127 VAL n 
1 128 PHE n 
1 129 GLY n 
1 130 LYS n 
1 131 VAL n 
1 132 LYS n 
1 133 GLU n 
1 134 GLY n 
1 135 MET n 
1 136 ASN n 
1 137 ILE n 
1 138 VAL n 
1 139 GLU n 
1 140 ALA n 
1 141 MET n 
1 142 GLU n 
1 143 ARG n 
1 144 PHE n 
1 145 GLY n 
1 146 SER n 
1 147 ARG n 
1 148 ASN n 
1 149 GLY n 
1 150 LYS n 
1 151 THR n 
1 152 SER n 
1 153 LYS n 
1 154 LYS n 
1 155 ILE n 
1 156 THR n 
1 157 ILE n 
1 158 ALA n 
1 159 ASP n 
1 160 CYS n 
1 161 GLY n 
1 162 GLN n 
1 163 LEU n 
1 164 GLU n 
2 1   HIS n 
2 2   ALA n 
2 3   GLY n 
2 4   PRO n 
2 5   ILE n 
2 6   ALA n 
# 
_entity_src_gen.entity_id                          1 
_entity_src_gen.pdbx_src_id                        1 
_entity_src_gen.pdbx_alt_source_flag               sample 
_entity_src_gen.pdbx_seq_type                      ? 
_entity_src_gen.pdbx_beg_seq_num                   ? 
_entity_src_gen.pdbx_end_seq_num                   ? 
_entity_src_gen.gene_src_common_name               human 
_entity_src_gen.gene_src_genus                     Homo 
_entity_src_gen.pdbx_gene_src_gene                 CYCLOPHILIN 
_entity_src_gen.gene_src_species                   ? 
_entity_src_gen.gene_src_strain                    ? 
_entity_src_gen.gene_src_tissue                    ? 
_entity_src_gen.gene_src_tissue_fraction           ? 
_entity_src_gen.gene_src_details                   ? 
_entity_src_gen.pdbx_gene_src_fragment             ? 
_entity_src_gen.pdbx_gene_src_scientific_name      'Homo sapiens' 
_entity_src_gen.pdbx_gene_src_ncbi_taxonomy_id     9606 
_entity_src_gen.pdbx_gene_src_variant              ? 
_entity_src_gen.pdbx_gene_src_cell_line            ? 
_entity_src_gen.pdbx_gene_src_atcc                 ? 
_entity_src_gen.pdbx_gene_src_organ                ? 
_entity_src_gen.pdbx_gene_src_organelle            ? 
_entity_src_gen.pdbx_gene_src_cell                 ? 
_entity_src_gen.pdbx_gene_src_cellular_location    CYTOPLASM 
_entity_src_gen.host_org_common_name               ? 
_entity_src_gen.pdbx_host_org_scientific_name      'Escherichia coli' 
_entity_src_gen.pdbx_host_org_ncbi_taxonomy_id     562 
_entity_src_gen.host_org_genus                     Escherichia 
_entity_src_gen.pdbx_host_org_gene                 CYCLOPHILIN 
_entity_src_gen.pdbx_host_org_organ                ? 
_entity_src_gen.host_org_species                   ? 
_entity_src_gen.pdbx_host_org_tissue               ? 
_entity_src_gen.pdbx_host_org_tissue_fraction      ? 
_entity_src_gen.pdbx_host_org_strain               ? 
_entity_src_gen.pdbx_host_org_variant              ? 
_entity_src_gen.pdbx_host_org_cell_line            ? 
_entity_src_gen.pdbx_host_org_atcc                 ? 
_entity_src_gen.pdbx_host_org_culture_collection   ? 
_entity_src_gen.pdbx_host_org_cell                 ? 
_entity_src_gen.pdbx_host_org_organelle            ? 
_entity_src_gen.pdbx_host_org_cellular_location    ? 
_entity_src_gen.pdbx_host_org_vector_type          ? 
_entity_src_gen.pdbx_host_org_vector               ? 
_entity_src_gen.host_org_details                   ? 
_entity_src_gen.expression_system_id               ? 
_entity_src_gen.plasmid_name                       ? 
_entity_src_gen.plasmid_details                    ? 
_entity_src_gen.pdbx_description                   ? 
# 
loop_
_chem_comp.id 
_chem_comp.type 
_chem_comp.mon_nstd_flag 
_chem_comp.name 
_chem_comp.pdbx_synonyms 
_chem_comp.formula 
_chem_comp.formula_weight 
ALA 'L-peptide linking' y ALANINE         ? 'C3 H7 N O2'     89.093  
ARG 'L-peptide linking' y ARGININE        ? 'C6 H15 N4 O2 1' 175.209 
ASN 'L-peptide linking' y ASPARAGINE      ? 'C4 H8 N2 O3'    132.118 
ASP 'L-peptide linking' y 'ASPARTIC ACID' ? 'C4 H7 N O4'     133.103 
CYS 'L-peptide linking' y CYSTEINE        ? 'C3 H7 N O2 S'   121.158 
GLN 'L-peptide linking' y GLUTAMINE       ? 'C5 H10 N2 O3'   146.144 
GLU 'L-peptide linking' y 'GLUTAMIC ACID' ? 'C5 H9 N O4'     147.129 
GLY 'peptide linking'   y GLYCINE         ? 'C2 H5 N O2'     75.067  
HIS 'L-peptide linking' y HISTIDINE       ? 'C6 H10 N3 O2 1' 156.162 
HOH non-polymer         . WATER           ? 'H2 O'           18.015  
ILE 'L-peptide linking' y ISOLEUCINE      ? 'C6 H13 N O2'    131.173 
LEU 'L-peptide linking' y LEUCINE         ? 'C6 H13 N O2'    131.173 
LYS 'L-peptide linking' y LYSINE          ? 'C6 H15 N2 O2 1' 147.195 
MET 'L-peptide linking' y METHIONINE      ? 'C5 H11 N O2 S'  149.211 
PHE 'L-peptide linking' y PHENYLALANINE   ? 'C9 H11 N O2'    165.189 
PRO 'L-peptide linking' y PROLINE         ? 'C5 H9 N O2'     115.130 
SER 'L-peptide linking' y SERINE          ? 'C3 H7 N O3'     105.093 
THR 'L-peptide linking' y THREONINE       ? 'C4 H9 N O3'     119.119 
TRP 'L-peptide linking' y TRYPTOPHAN      ? 'C11 H12 N2 O2'  204.225 
TYR 'L-peptide linking' y TYROSINE        ? 'C9 H11 N O3'    181.189 
VAL 'L-peptide linking' y VALINE          ? 'C5 H11 N O2'    117.146 
# 
loop_
_pdbx_poly_seq_scheme.asym_id 
_pdbx_poly_seq_scheme.entity_id 
_pdbx_poly_seq_scheme.seq_id 
_pdbx_poly_seq_scheme.mon_id 
_pdbx_poly_seq_scheme.ndb_seq_num 
_pdbx_poly_seq_scheme.pdb_seq_num 
_pdbx_poly_seq_scheme.auth_seq_num 
_pdbx_poly_seq_scheme.pdb_mon_id 
_pdbx_poly_seq_scheme.auth_mon_id 
_pdbx_poly_seq_scheme.pdb_strand_id 
_pdbx_poly_seq_scheme.pdb_ins_code 
_pdbx_poly_seq_scheme.hetero 
A 1 1   VAL 1   1002 1002 VAL VAL A . n 
A 1 2   ASN 2   1003 1003 ASN ASN A . n 
A 1 3   PRO 3   1004 1004 PRO PRO A . n 
A 1 4   THR 4   1005 1005 THR THR A . n 
A 1 5   VAL 5   1006 1006 VAL VAL A . n 
A 1 6   PHE 6   1007 1007 PHE PHE A . n 
A 1 7   PHE 7   1008 1008 PHE PHE A . n 
A 1 8   ASP 8   1009 1009 ASP ASP A . n 
A 1 9   ILE 9   1010 1010 ILE ILE A . n 
A 1 10  ALA 10  1011 1011 ALA ALA A . n 
A 1 11  VAL 11  1012 1012 VAL VAL A . n 
A 1 12  ASP 12  1013 1013 ASP ASP A . n 
A 1 13  GLY 13  1014 1014 GLY GLY A . n 
A 1 14  GLU 14  1015 1015 GLU GLU A . n 
A 1 15  PRO 15  1016 1016 PRO PRO A . n 
A 1 16  LEU 16  1017 1017 LEU LEU A . n 
A 1 17  GLY 17  1018 1018 GLY GLY A . n 
A 1 18  ARG 18  1019 1019 ARG ARG A . n 
A 1 19  VAL 19  1020 1020 VAL VAL A . n 
A 1 20  SER 20  1021 1021 SER SER A . n 
A 1 21  PHE 21  1022 1022 PHE PHE A . n 
A 1 22  GLU 22  1023 1023 GLU GLU A . n 
A 1 23  LEU 23  1024 1024 LEU LEU A . n 
A 1 24  PHE 24  1025 1025 PHE PHE A . n 
A 1 25  ALA 25  1026 1026 ALA ALA A . n 
A 1 26  ASP 26  1027 1027 ASP ASP A . n 
A 1 27  LYS 27  1028 1028 LYS LYS A . n 
A 1 28  VAL 28  1029 1029 VAL VAL A . n 
A 1 29  PRO 29  1030 1030 PRO PRO A . n 
A 1 30  LYS 30  1031 1031 LYS LYS A . n 
A 1 31  THR 31  1032 1032 THR THR A . n 
A 1 32  ALA 32  1033 1033 ALA ALA A . n 
A 1 33  GLU 33  1034 1034 GLU GLU A . n 
A 1 34  ASN 34  1035 1035 ASN ASN A . n 
A 1 35  PHE 35  1036 1036 PHE PHE A . n 
A 1 36  ARG 36  1037 1037 ARG ARG A . n 
A 1 37  ALA 37  1038 1038 ALA ALA A . n 
A 1 38  LEU 38  1039 1039 LEU LEU A . n 
A 1 39  SER 39  1040 1040 SER SER A . n 
A 1 40  THR 40  1041 1041 THR THR A . n 
A 1 41  GLY 41  1042 1042 GLY GLY A . n 
A 1 42  GLU 42  1043 1043 GLU GLU A . n 
A 1 43  LYS 43  1044 1044 LYS LYS A . n 
A 1 44  GLY 44  1045 1045 GLY GLY A . n 
A 1 45  PHE 45  1046 1046 PHE PHE A . n 
A 1 46  GLY 46  1047 1047 GLY GLY A . n 
A 1 47  TYR 47  1048 1048 TYR TYR A . n 
A 1 48  LYS 48  1049 1049 LYS LYS A . n 
A 1 49  GLY 49  1050 1050 GLY GLY A . n 
A 1 50  SER 50  1051 1051 SER SER A . n 
A 1 51  CYS 51  1052 1052 CYS CYS A . n 
A 1 52  PHE 52  1053 1053 PHE PHE A . n 
A 1 53  HIS 53  1054 1054 HIS HIS A . n 
A 1 54  ARG 54  1055 1055 ARG ARG A . n 
A 1 55  ILE 55  1056 1056 ILE ILE A . n 
A 1 56  ILE 56  1057 1057 ILE ILE A . n 
A 1 57  PRO 57  1058 1058 PRO PRO A . n 
A 1 58  GLY 58  1059 1059 GLY GLY A . n 
A 1 59  PHE 59  1060 1060 PHE PHE A . n 
A 1 60  MET 60  1061 1061 MET MET A . n 
A 1 61  CYS 61  1062 1062 CYS CYS A . n 
A 1 62  GLN 62  1063 1063 GLN GLN A . n 
A 1 63  GLY 63  1064 1064 GLY GLY A . n 
A 1 64  GLY 64  1065 1065 GLY GLY A . n 
A 1 65  ASP 65  1066 1066 ASP ASP A . n 
A 1 66  PHE 66  1067 1067 PHE PHE A . n 
A 1 67  THR 67  1068 1068 THR THR A . n 
A 1 68  ARG 68  1069 1069 ARG ARG A . n 
A 1 69  HIS 69  1070 1070 HIS HIS A . n 
A 1 70  ASN 70  1071 1071 ASN ASN A . n 
A 1 71  GLY 71  1072 1072 GLY GLY A . n 
A 1 72  THR 72  1073 1073 THR THR A . n 
A 1 73  GLY 73  1074 1074 GLY GLY A . n 
A 1 74  GLY 74  1075 1075 GLY GLY A . n 
A 1 75  LYS 75  1076 1076 LYS LYS A . n 
A 1 76  SER 76  1077 1077 SER SER A . n 
A 1 77  ILE 77  1078 1078 ILE ILE A . n 
A 1 78  TYR 78  1079 1079 TYR TYR A . n 
A 1 79  GLY 79  1080 1080 GLY GLY A . n 
A 1 80  GLU 80  1081 1081 GLU GLU A . n 
A 1 81  LYS 81  1082 1082 LYS LYS A . n 
A 1 82  PHE 82  1083 1083 PHE PHE A . n 
A 1 83  GLU 83  1084 1084 GLU GLU A . n 
A 1 84  ASP 84  1085 1085 ASP ASP A . n 
A 1 85  GLU 85  1086 1086 GLU GLU A . n 
A 1 86  ASN 86  1087 1087 ASN ASN A . n 
A 1 87  PHE 87  1088 1088 PHE PHE A . n 
A 1 88  ILE 88  1089 1089 ILE ILE A . n 
A 1 89  LEU 89  1090 1090 LEU LEU A . n 
A 1 90  LYS 90  1091 1091 LYS LYS A . n 
A 1 91  HIS 91  1092 1092 HIS HIS A . n 
A 1 92  THR 92  1093 1093 THR THR A . n 
A 1 93  GLY 93  1094 1094 GLY GLY A . n 
A 1 94  PRO 94  1095 1095 PRO PRO A . n 
A 1 95  GLY 95  1096 1096 GLY GLY A . n 
A 1 96  ILE 96  1097 1097 ILE ILE A . n 
A 1 97  LEU 97  1098 1098 LEU LEU A . n 
A 1 98  SER 98  1099 1099 SER SER A . n 
A 1 99  MET 99  1100 1100 MET MET A . n 
A 1 100 ALA 100 1101 1101 ALA ALA A . n 
A 1 101 ASN 101 1102 1102 ASN ASN A . n 
A 1 102 ALA 102 1103 1103 ALA ALA A . n 
A 1 103 GLY 103 1104 1104 GLY GLY A . n 
A 1 104 PRO 104 1105 1105 PRO PRO A . n 
A 1 105 ASN 105 1106 1106 ASN ASN A . n 
A 1 106 THR 106 1107 1107 THR THR A . n 
A 1 107 ASN 107 1108 1108 ASN ASN A . n 
A 1 108 GLY 108 1109 1109 GLY GLY A . n 
A 1 109 SER 109 1110 1110 SER SER A . n 
A 1 110 GLN 110 1111 1111 GLN GLN A . n 
A 1 111 PHE 111 1112 1112 PHE PHE A . n 
A 1 112 PHE 112 1113 1113 PHE PHE A . n 
A 1 113 ILE 113 1114 1114 ILE ILE A . n 
A 1 114 CYS 114 1115 1115 CYS CYS A . n 
A 1 115 THR 115 1116 1116 THR THR A . n 
A 1 116 ALA 116 1117 1117 ALA ALA A . n 
A 1 117 LYS 117 1118 1118 LYS LYS A . n 
A 1 118 THR 118 1119 1119 THR THR A . n 
A 1 119 GLU 119 1120 1120 GLU GLU A . n 
A 1 120 TRP 120 1121 1121 TRP TRP A . n 
A 1 121 LEU 121 1122 1122 LEU LEU A . n 
A 1 122 ASP 122 1123 1123 ASP ASP A . n 
A 1 123 GLY 123 1124 1124 GLY GLY A . n 
A 1 124 LYS 124 1125 1125 LYS LYS A . n 
A 1 125 HIS 125 1126 1126 HIS HIS A . n 
A 1 126 VAL 126 1127 1127 VAL VAL A . n 
A 1 127 VAL 127 1128 1128 VAL VAL A . n 
A 1 128 PHE 128 1129 1129 PHE PHE A . n 
A 1 129 GLY 129 1130 1130 GLY GLY A . n 
A 1 130 LYS 130 1131 1131 LYS LYS A . n 
A 1 131 VAL 131 1132 1132 VAL VAL A . n 
A 1 132 LYS 132 1133 1133 LYS LYS A . n 
A 1 133 GLU 133 1134 1134 GLU GLU A . n 
A 1 134 GLY 134 1135 1135 GLY GLY A . n 
A 1 135 MET 135 1136 1136 MET MET A . n 
A 1 136 ASN 136 1137 1137 ASN ASN A . n 
A 1 137 ILE 137 1138 1138 ILE ILE A . n 
A 1 138 VAL 138 1139 1139 VAL VAL A . n 
A 1 139 GLU 139 1140 1140 GLU GLU A . n 
A 1 140 ALA 140 1141 1141 ALA ALA A . n 
A 1 141 MET 141 1142 1142 MET MET A . n 
A 1 142 GLU 142 1143 1143 GLU GLU A . n 
A 1 143 ARG 143 1144 1144 ARG ARG A . n 
A 1 144 PHE 144 1145 1145 PHE PHE A . n 
A 1 145 GLY 145 1146 1146 GLY GLY A . n 
A 1 146 SER 146 1147 1147 SER SER A . n 
A 1 147 ARG 147 1148 1148 ARG ARG A . n 
A 1 148 ASN 148 1149 1149 ASN ASN A . n 
A 1 149 GLY 149 1150 1150 GLY GLY A . n 
A 1 150 LYS 150 1151 1151 LYS LYS A . n 
A 1 151 THR 151 1152 1152 THR THR A . n 
A 1 152 SER 152 1153 1153 SER SER A . n 
A 1 153 LYS 153 1154 1154 LYS LYS A . n 
A 1 154 LYS 154 1155 1155 LYS LYS A . n 
A 1 155 ILE 155 1156 1156 ILE ILE A . n 
A 1 156 THR 156 1157 1157 THR THR A . n 
A 1 157 ILE 157 1158 1158 ILE ILE A . n 
A 1 158 ALA 158 1159 1159 ALA ALA A . n 
A 1 159 ASP 159 1160 1160 ASP ASP A . n 
A 1 160 CYS 160 1161 1161 CYS CYS A . n 
A 1 161 GLY 161 1162 1162 GLY GLY A . n 
A 1 162 GLN 162 1163 1163 GLN GLN A . n 
A 1 163 LEU 163 1164 1164 LEU LEU A . n 
A 1 164 GLU 164 1165 1165 GLU GLU A . n 
B 2 1   HIS 1   1    1    HIS HIS B . n 
B 2 2   ALA 2   2    2    ALA ALA B . n 
B 2 3   GLY 3   3    3    GLY GLY B . n 
B 2 4   PRO 4   4    4    PRO PRO B . n 
B 2 5   ILE 5   5    5    ILE ILE B . n 
B 2 6   ALA 6   6    6    ALA ALA B . n 
# 
loop_
_pdbx_nonpoly_scheme.asym_id 
_pdbx_nonpoly_scheme.entity_id 
_pdbx_nonpoly_scheme.mon_id 
_pdbx_nonpoly_scheme.ndb_seq_num 
_pdbx_nonpoly_scheme.pdb_seq_num 
_pdbx_nonpoly_scheme.auth_seq_num 
_pdbx_nonpoly_scheme.pdb_mon_id 
_pdbx_nonpoly_scheme.auth_mon_id 
_pdbx_nonpoly_scheme.pdb_strand_id 
_pdbx_nonpoly_scheme.pdb_ins_code 
C 3 HOH 1  201 201 HOH HOH A . 
C 3 HOH 2  202 202 HOH HOH A . 
C 3 HOH 3  203 203 HOH HOH A . 
C 3 HOH 4  204 204 HOH HOH A . 
C 3 HOH 5  206 206 HOH HOH A . 
C 3 HOH 6  207 207 HOH HOH A . 
C 3 HOH 7  208 208 HOH HOH A . 
C 3 HOH 8  209 209 HOH HOH A . 
C 3 HOH 9  210 210 HOH HOH A . 
C 3 HOH 10 211 211 HOH HOH A . 
C 3 HOH 11 213 213 HOH HOH A . 
C 3 HOH 12 214 214 HOH HOH A . 
C 3 HOH 13 215 215 HOH HOH A . 
C 3 HOH 14 216 216 HOH HOH A . 
C 3 HOH 15 217 217 HOH HOH A . 
C 3 HOH 16 218 218 HOH HOH A . 
C 3 HOH 17 219 219 HOH HOH A . 
C 3 HOH 18 220 220 HOH HOH A . 
C 3 HOH 19 221 221 HOH HOH A . 
C 3 HOH 20 222 222 HOH HOH A . 
C 3 HOH 21 223 223 HOH HOH A . 
C 3 HOH 22 224 224 HOH HOH A . 
C 3 HOH 23 225 225 HOH HOH A . 
C 3 HOH 24 226 226 HOH HOH A . 
C 3 HOH 25 227 227 HOH HOH A . 
C 3 HOH 26 228 228 HOH HOH A . 
C 3 HOH 27 229 229 HOH HOH A . 
C 3 HOH 28 230 230 HOH HOH A . 
C 3 HOH 29 231 231 HOH HOH A . 
C 3 HOH 30 232 232 HOH HOH A . 
C 3 HOH 31 233 233 HOH HOH A . 
C 3 HOH 32 234 234 HOH HOH A . 
C 3 HOH 33 235 235 HOH HOH A . 
C 3 HOH 34 236 236 HOH HOH A . 
C 3 HOH 35 237 237 HOH HOH A . 
C 3 HOH 36 238 238 HOH HOH A . 
C 3 HOH 37 239 239 HOH HOH A . 
C 3 HOH 38 240 240 HOH HOH A . 
C 3 HOH 39 241 241 HOH HOH A . 
C 3 HOH 40 242 242 HOH HOH A . 
C 3 HOH 41 243 243 HOH HOH A . 
C 3 HOH 42 244 244 HOH HOH A . 
C 3 HOH 43 245 245 HOH HOH A . 
C 3 HOH 44 246 246 HOH HOH A . 
C 3 HOH 45 248 248 HOH HOH A . 
C 3 HOH 46 250 250 HOH HOH A . 
C 3 HOH 47 251 251 HOH HOH A . 
C 3 HOH 48 252 252 HOH HOH A . 
D 3 HOH 1  205 205 HOH HOH B . 
D 3 HOH 2  212 212 HOH HOH B . 
D 3 HOH 3  247 247 HOH HOH B . 
D 3 HOH 4  249 249 HOH HOH B . 
# 
loop_
_software.name 
_software.classification 
_software.version 
_software.citation_id 
_software.pdbx_ordinal 
AMoRE     phasing          .     ? 1 
X-PLOR    refinement       3.843 ? 2 
DENZO     'data reduction' .     ? 3 
SCALEPACK 'data scaling'   .     ? 4 
# 
_cell.entry_id           1AWQ 
_cell.length_a           51.500 
_cell.length_b           51.500 
_cell.length_c           62.800 
_cell.angle_alpha        90.00 
_cell.angle_beta         90.00 
_cell.angle_gamma        90.00 
_cell.Z_PDB              4 
_cell.pdbx_unique_axis   ? 
# 
_symmetry.entry_id                         1AWQ 
_symmetry.space_group_name_H-M             'P 43' 
_symmetry.pdbx_full_space_group_name_H-M   ? 
_symmetry.cell_setting                     ? 
_symmetry.Int_Tables_number                78 
# 
_exptl.entry_id          1AWQ 
_exptl.method            'X-RAY DIFFRACTION' 
_exptl.crystals_number   1 
# 
_exptl_crystal.id                    1 
_exptl_crystal.density_meas          ? 
_exptl_crystal.density_Matthews      2.25 
_exptl_crystal.density_percent_sol   45.42 
_exptl_crystal.description           ? 
# 
_exptl_crystal_grow.crystal_id      1 
_exptl_crystal_grow.method          ? 
_exptl_crystal_grow.temp            ? 
_exptl_crystal_grow.temp_details    ? 
_exptl_crystal_grow.pH              8.4 
_exptl_crystal_grow.pdbx_pH_range   ? 
_exptl_crystal_grow.pdbx_details    'pH 8.4' 
# 
_diffrn.id                     1 
_diffrn.ambient_temp           100 
_diffrn.ambient_temp_details   ? 
_diffrn.crystal_id             1 
# 
_diffrn_detector.diffrn_id              1 
_diffrn_detector.detector               'IMAGE PLATE' 
_diffrn_detector.type                   MARRESEARCH 
_diffrn_detector.pdbx_collection_date   1995-10-28 
_diffrn_detector.details                ? 
# 
_diffrn_radiation.diffrn_id                        1 
_diffrn_radiation.wavelength_id                    1 
_diffrn_radiation.pdbx_monochromatic_or_laue_m_l   M 
_diffrn_radiation.monochromator                    'SI(111)' 
_diffrn_radiation.pdbx_diffrn_protocol             ? 
_diffrn_radiation.pdbx_scattering_type             x-ray 
# 
_diffrn_radiation_wavelength.id           1 
_diffrn_radiation_wavelength.wavelength   1.100 
_diffrn_radiation_wavelength.wt           1.0 
# 
_diffrn_source.diffrn_id                   1 
_diffrn_source.source                      SYNCHROTRON 
_diffrn_source.type                        'NSLS BEAMLINE X12C' 
_diffrn_source.pdbx_synchrotron_site       NSLS 
_diffrn_source.pdbx_synchrotron_beamline   X12C 
_diffrn_source.pdbx_wavelength             1.100 
_diffrn_source.pdbx_wavelength_list        ? 
# 
_reflns.entry_id                     1AWQ 
_reflns.observed_criterion_sigma_I   0. 
_reflns.observed_criterion_sigma_F   ? 
_reflns.d_resolution_low             15.0 
_reflns.d_resolution_high            1.58 
_reflns.number_obs                   24895 
_reflns.number_all                   ? 
_reflns.percent_possible_obs         88.1 
_reflns.pdbx_Rmerge_I_obs            ? 
_reflns.pdbx_Rsym_value              0.0860000 
_reflns.pdbx_netI_over_sigmaI        9.4 
_reflns.B_iso_Wilson_estimate        20.0 
_reflns.pdbx_redundancy              ? 
_reflns.pdbx_diffrn_id               1 
_reflns.pdbx_ordinal                 1 
# 
_reflns_shell.d_res_high             1.58 
_reflns_shell.d_res_low              1.61 
_reflns_shell.percent_possible_all   51.9 
_reflns_shell.Rmerge_I_obs           ? 
_reflns_shell.pdbx_Rsym_value        0.1560000 
_reflns_shell.meanI_over_sigI_obs    ? 
_reflns_shell.pdbx_redundancy        ? 
_reflns_shell.pdbx_diffrn_id         ? 
_reflns_shell.pdbx_ordinal           1 
# 
_refine.entry_id                                 1AWQ 
_refine.ls_number_reflns_obs                     19855 
_refine.ls_number_reflns_all                     ? 
_refine.pdbx_ls_sigma_I                          ? 
_refine.pdbx_ls_sigma_F                          0.0 
_refine.pdbx_data_cutoff_high_absF               10000000.0 
_refine.pdbx_data_cutoff_low_absF                0.001 
_refine.pdbx_data_cutoff_high_rms_absF           ? 
_refine.ls_d_res_low                             15.00 
_refine.ls_d_res_high                            1.58 
_refine.ls_percent_reflns_obs                    88.3 
_refine.ls_R_factor_obs                          0.3430000 
_refine.ls_R_factor_all                          ? 
_refine.ls_R_factor_R_work                       0.3430000 
_refine.ls_R_factor_R_free                       0.4330000 
_refine.ls_R_factor_R_free_error                 0.014 
_refine.ls_R_factor_R_free_error_details         ? 
_refine.ls_percent_reflns_R_free                 4.8 
_refine.ls_number_reflns_R_free                  960 
_refine.ls_number_parameters                     ? 
_refine.ls_number_restraints                     ? 
_refine.occupancy_min                            ? 
_refine.occupancy_max                            ? 
_refine.B_iso_mean                               27.2 
_refine.aniso_B[1][1]                            ? 
_refine.aniso_B[2][2]                            ? 
_refine.aniso_B[3][3]                            ? 
_refine.aniso_B[1][2]                            ? 
_refine.aniso_B[1][3]                            ? 
_refine.aniso_B[2][3]                            ? 
_refine.solvent_model_details                    ? 
_refine.solvent_model_param_ksol                 ? 
_refine.solvent_model_param_bsol                 ? 
_refine.pdbx_ls_cross_valid_method               THROUGHOUT 
_refine.details                                  
;BULK SOLVENT MODEL USED

REGARDING THE HIGH R-VALUE:  THIS IS THE STRUCTURE OF THE
COMPLEX REFINED IN A PSEUDO-SPACE GROUP.  THE DETAILS ARE
ADDRESSED EXTENSIVELY IN THE PAPER.  TO SUMMARIZE HERE, THE
HIGH R-VALUE FOR THIS STRUCTURE STEMS FROM THE BREAKDOWN IN
PSEUDO-SYMMETRY AT HIGH RESOLUTION.
;
_refine.pdbx_starting_model                      'PDB ENTRY 2CYH' 
_refine.pdbx_method_to_determine_struct          'MOLECULAR REPLACEMENT' 
_refine.pdbx_isotropic_thermal_model             RESTRAINED 
_refine.pdbx_stereochemistry_target_values       ? 
_refine.pdbx_stereochem_target_val_spec_case     ? 
_refine.pdbx_R_Free_selection_details            RANDOM 
_refine.pdbx_overall_ESU_R                       ? 
_refine.pdbx_overall_ESU_R_Free                  ? 
_refine.overall_SU_ML                            ? 
_refine.overall_SU_B                             ? 
_refine.pdbx_refine_id                           'X-RAY DIFFRACTION' 
_refine.pdbx_diffrn_id                           1 
_refine.pdbx_TLS_residual_ADP_flag               ? 
_refine.correlation_coeff_Fo_to_Fc               ? 
_refine.correlation_coeff_Fo_to_Fc_free          ? 
_refine.pdbx_solvent_vdw_probe_radii             ? 
_refine.pdbx_solvent_ion_probe_radii             ? 
_refine.pdbx_solvent_shrinkage_radii             ? 
_refine.pdbx_overall_phase_error                 ? 
_refine.overall_SU_R_Cruickshank_DPI             ? 
_refine.pdbx_overall_SU_R_free_Cruickshank_DPI   ? 
_refine.pdbx_overall_SU_R_Blow_DPI               ? 
_refine.pdbx_overall_SU_R_free_Blow_DPI          ? 
# 
_refine_analyze.entry_id                        1AWQ 
_refine_analyze.Luzzati_coordinate_error_obs    0.45 
_refine_analyze.Luzzati_sigma_a_obs             0.59 
_refine_analyze.Luzzati_d_res_low_obs           5.00 
_refine_analyze.Luzzati_coordinate_error_free   0.54 
_refine_analyze.Luzzati_sigma_a_free            0.66 
_refine_analyze.Luzzati_d_res_low_free          ? 
_refine_analyze.number_disordered_residues      ? 
_refine_analyze.occupancy_sum_hydrogen          ? 
_refine_analyze.occupancy_sum_non_hydrogen      ? 
_refine_analyze.pdbx_refine_id                  'X-RAY DIFFRACTION' 
# 
_refine_hist.pdbx_refine_id                   'X-RAY DIFFRACTION' 
_refine_hist.cycle_id                         LAST 
_refine_hist.pdbx_number_atoms_protein        1258 
_refine_hist.pdbx_number_atoms_nucleic_acid   0 
_refine_hist.pdbx_number_atoms_ligand         40 
_refine_hist.number_atoms_solvent             52 
_refine_hist.number_atoms_total               1350 
_refine_hist.d_res_high                       1.58 
_refine_hist.d_res_low                        15.00 
# 
loop_
_refine_ls_restr.type 
_refine_ls_restr.dev_ideal 
_refine_ls_restr.dev_ideal_target 
_refine_ls_restr.weight 
_refine_ls_restr.number 
_refine_ls_restr.pdbx_refine_id 
_refine_ls_restr.pdbx_restraint_function 
x_bond_d                0.008 ?    ? ? 'X-RAY DIFFRACTION' ? 
x_bond_d_na             ?     ?    ? ? 'X-RAY DIFFRACTION' ? 
x_bond_d_prot           ?     ?    ? ? 'X-RAY DIFFRACTION' ? 
x_angle_d               ?     ?    ? ? 'X-RAY DIFFRACTION' ? 
x_angle_d_na            ?     ?    ? ? 'X-RAY DIFFRACTION' ? 
x_angle_d_prot          ?     ?    ? ? 'X-RAY DIFFRACTION' ? 
x_angle_deg             1.4   ?    ? ? 'X-RAY DIFFRACTION' ? 
x_angle_deg_na          ?     ?    ? ? 'X-RAY DIFFRACTION' ? 
x_angle_deg_prot        ?     ?    ? ? 'X-RAY DIFFRACTION' ? 
x_dihedral_angle_d      25.0  ?    ? ? 'X-RAY DIFFRACTION' ? 
x_dihedral_angle_d_na   ?     ?    ? ? 'X-RAY DIFFRACTION' ? 
x_dihedral_angle_d_prot ?     ?    ? ? 'X-RAY DIFFRACTION' ? 
x_improper_angle_d      1.20  ?    ? ? 'X-RAY DIFFRACTION' ? 
x_improper_angle_d_na   ?     ?    ? ? 'X-RAY DIFFRACTION' ? 
x_improper_angle_d_prot ?     ?    ? ? 'X-RAY DIFFRACTION' ? 
x_mcbond_it             2.89  1.50 ? ? 'X-RAY DIFFRACTION' ? 
x_mcangle_it            4.28  2.00 ? ? 'X-RAY DIFFRACTION' ? 
x_scbond_it             3.74  2.00 ? ? 'X-RAY DIFFRACTION' ? 
x_scangle_it            4.76  2.50 ? ? 'X-RAY DIFFRACTION' ? 
# 
_refine_ls_shell.pdbx_total_number_of_bins_used   6 
_refine_ls_shell.d_res_high                       1.58 
_refine_ls_shell.d_res_low                        1.68 
_refine_ls_shell.number_reflns_R_work             2096 
_refine_ls_shell.R_factor_R_work                  0.5690000 
_refine_ls_shell.percent_reflns_obs               59.3 
_refine_ls_shell.R_factor_R_free                  0.5110000 
_refine_ls_shell.R_factor_R_free_error            0.050 
_refine_ls_shell.percent_reflns_R_free            4.7 
_refine_ls_shell.number_reflns_R_free             103 
_refine_ls_shell.pdbx_refine_id                   'X-RAY DIFFRACTION' 
_refine_ls_shell.number_reflns_all                ? 
_refine_ls_shell.R_factor_all                     ? 
# 
loop_
_pdbx_xplor_file.serial_no 
_pdbx_xplor_file.param_file 
_pdbx_xplor_file.topol_file 
_pdbx_xplor_file.pdbx_refine_id 
1 PARHCSDX.PRO    TOPHCSDX.PRO   'X-RAY DIFFRACTION' 
2 TIP3P.PARAMETER TIP3P.TOPOLOGY 'X-RAY DIFFRACTION' 
# 
_struct.entry_id                  1AWQ 
_struct.title                     'CYPA COMPLEXED WITH HAGPIA (PSEUDO-SYMMETRIC MONOMER)' 
_struct.pdbx_model_details        ? 
_struct.pdbx_CASP_flag            ? 
_struct.pdbx_model_type_details   ? 
# 
_struct_keywords.entry_id        1AWQ 
_struct_keywords.pdbx_keywords   'COMPLEX (ISOMERASE/PEPTIDE)' 
_struct_keywords.text            
'COMPLEX (ISOMERASE-PEPTIDE), CYCLOPHILIN A, HIV-1 CAPSID, PSEUDO-SYMMETRY, COMPLEX (ISOMERASE-PEPTIDE) complex' 
# 
loop_
_struct_asym.id 
_struct_asym.pdbx_blank_PDB_chainid_flag 
_struct_asym.pdbx_modified 
_struct_asym.entity_id 
_struct_asym.details 
A N N 1 ? 
B N N 2 ? 
C N N 3 ? 
D N N 3 ? 
# 
loop_
_struct_ref.id 
_struct_ref.db_name 
_struct_ref.db_code 
_struct_ref.entity_id 
_struct_ref.pdbx_db_accession 
_struct_ref.pdbx_align_begin 
_struct_ref.pdbx_seq_one_letter_code 
_struct_ref.pdbx_db_isoform 
1 UNP PPIA_HUMAN 1 P62937 1 
;VNPTVFFDIAVDGEPLGRVSFELFADKVPKTAENFRALSTGEKGFGYKGSCFHRIIPGFMCQGGDFTRHNGTGGKSIYGE
KFEDENFILKHTGPGILSMANAGPNTNGSQFFICTAKTEWLDGKHVVFGKVKEGMNIVEAMERFGSRNGKTSKKITIADC
GQLE
;
? 
2 PDB 1AWQ       2 1AWQ   ? ? ? 
# 
loop_
_struct_ref_seq.align_id 
_struct_ref_seq.ref_id 
_struct_ref_seq.pdbx_PDB_id_code 
_struct_ref_seq.pdbx_strand_id 
_struct_ref_seq.seq_align_beg 
_struct_ref_seq.pdbx_seq_align_beg_ins_code 
_struct_ref_seq.seq_align_end 
_struct_ref_seq.pdbx_seq_align_end_ins_code 
_struct_ref_seq.pdbx_db_accession 
_struct_ref_seq.db_align_beg 
_struct_ref_seq.pdbx_db_align_beg_ins_code 
_struct_ref_seq.db_align_end 
_struct_ref_seq.pdbx_db_align_end_ins_code 
_struct_ref_seq.pdbx_auth_seq_align_beg 
_struct_ref_seq.pdbx_auth_seq_align_end 
1 1 1AWQ A 1 ? 164 ? P62937 1 ? 164 ? 1002 1165 
2 2 1AWQ B 1 ? 6   ? 1AWQ   1 ? 6   ? 1    6    
# 
_pdbx_struct_assembly.id                   1 
_pdbx_struct_assembly.details              author_and_software_defined_assembly 
_pdbx_struct_assembly.method_details       PISA 
_pdbx_struct_assembly.oligomeric_details   dimeric 
_pdbx_struct_assembly.oligomeric_count     2 
# 
loop_
_pdbx_struct_assembly_prop.biol_id 
_pdbx_struct_assembly_prop.type 
_pdbx_struct_assembly_prop.value 
_pdbx_struct_assembly_prop.details 
1 'ABSA (A^2)' 790  ? 
1 MORE         -4   ? 
1 'SSA (A^2)'  7290 ? 
# 
_pdbx_struct_assembly_gen.assembly_id       1 
_pdbx_struct_assembly_gen.oper_expression   1 
_pdbx_struct_assembly_gen.asym_id_list      A,B,C,D 
# 
_pdbx_struct_oper_list.id                   1 
_pdbx_struct_oper_list.type                 'identity operation' 
_pdbx_struct_oper_list.name                 1_555 
_pdbx_struct_oper_list.symmetry_operation   x,y,z 
_pdbx_struct_oper_list.matrix[1][1]         1.0000000000 
_pdbx_struct_oper_list.matrix[1][2]         0.0000000000 
_pdbx_struct_oper_list.matrix[1][3]         0.0000000000 
_pdbx_struct_oper_list.vector[1]            0.0000000000 
_pdbx_struct_oper_list.matrix[2][1]         0.0000000000 
_pdbx_struct_oper_list.matrix[2][2]         1.0000000000 
_pdbx_struct_oper_list.matrix[2][3]         0.0000000000 
_pdbx_struct_oper_list.vector[2]            0.0000000000 
_pdbx_struct_oper_list.matrix[3][1]         0.0000000000 
_pdbx_struct_oper_list.matrix[3][2]         0.0000000000 
_pdbx_struct_oper_list.matrix[3][3]         1.0000000000 
_pdbx_struct_oper_list.vector[3]            0.0000000000 
# 
_struct_biol.id   1 
# 
loop_
_struct_conf.conf_type_id 
_struct_conf.id 
_struct_conf.pdbx_PDB_helix_id 
_struct_conf.beg_label_comp_id 
_struct_conf.beg_label_asym_id 
_struct_conf.beg_label_seq_id 
_struct_conf.pdbx_beg_PDB_ins_code 
_struct_conf.end_label_comp_id 
_struct_conf.end_label_asym_id 
_struct_conf.end_label_seq_id 
_struct_conf.pdbx_end_PDB_ins_code 
_struct_conf.beg_auth_comp_id 
_struct_conf.beg_auth_asym_id 
_struct_conf.beg_auth_seq_id 
_struct_conf.end_auth_comp_id 
_struct_conf.end_auth_asym_id 
_struct_conf.end_auth_seq_id 
_struct_conf.pdbx_PDB_helix_class 
_struct_conf.details 
_struct_conf.pdbx_PDB_helix_length 
HELX_P HELX_P1 1 PRO A 29  ? THR A 40  ? PRO A 1030 THR A 1041 1 ? 12 
HELX_P HELX_P2 2 GLU A 119 ? LEU A 121 ? GLU A 1120 LEU A 1122 5 ? 3  
HELX_P HELX_P3 3 MET A 135 ? GLU A 142 ? MET A 1136 GLU A 1143 1 ? 8  
# 
_struct_conf_type.id          HELX_P 
_struct_conf_type.criteria    ? 
_struct_conf_type.reference   ? 
# 
_struct_sheet.id               A 
_struct_sheet.type             ? 
_struct_sheet.number_strands   8 
_struct_sheet.details          ? 
# 
loop_
_struct_sheet_order.sheet_id 
_struct_sheet_order.range_id_1 
_struct_sheet_order.range_id_2 
_struct_sheet_order.offset 
_struct_sheet_order.sense 
A 1 2 ? anti-parallel 
A 2 3 ? anti-parallel 
A 3 4 ? anti-parallel 
A 4 5 ? anti-parallel 
A 5 6 ? anti-parallel 
A 6 7 ? anti-parallel 
A 7 8 ? anti-parallel 
# 
loop_
_struct_sheet_range.sheet_id 
_struct_sheet_range.id 
_struct_sheet_range.beg_label_comp_id 
_struct_sheet_range.beg_label_asym_id 
_struct_sheet_range.beg_label_seq_id 
_struct_sheet_range.pdbx_beg_PDB_ins_code 
_struct_sheet_range.end_label_comp_id 
_struct_sheet_range.end_label_asym_id 
_struct_sheet_range.end_label_seq_id 
_struct_sheet_range.pdbx_end_PDB_ins_code 
_struct_sheet_range.beg_auth_comp_id 
_struct_sheet_range.beg_auth_asym_id 
_struct_sheet_range.beg_auth_seq_id 
_struct_sheet_range.end_auth_comp_id 
_struct_sheet_range.end_auth_asym_id 
_struct_sheet_range.end_auth_seq_id 
A 1 ARG A 54  ? ILE A 56  ? ARG A 1055 ILE A 1057 
A 2 MET A 60  ? GLY A 63  ? MET A 1061 GLY A 1064 
A 3 PHE A 111 ? CYS A 114 ? PHE A 1112 CYS A 1115 
A 4 ILE A 96  ? MET A 99  ? ILE A 1097 MET A 1100 
A 5 VAL A 127 ? GLU A 133 ? VAL A 1128 GLU A 1134 
A 6 GLU A 14  ? LEU A 23  ? GLU A 1015 LEU A 1024 
A 7 THR A 4   ? VAL A 11  ? THR A 1005 VAL A 1012 
A 8 ILE A 155 ? GLN A 162 ? ILE A 1156 GLN A 1163 
# 
loop_
_pdbx_struct_sheet_hbond.sheet_id 
_pdbx_struct_sheet_hbond.range_id_1 
_pdbx_struct_sheet_hbond.range_id_2 
_pdbx_struct_sheet_hbond.range_1_label_atom_id 
_pdbx_struct_sheet_hbond.range_1_label_comp_id 
_pdbx_struct_sheet_hbond.range_1_label_asym_id 
_pdbx_struct_sheet_hbond.range_1_label_seq_id 
_pdbx_struct_sheet_hbond.range_1_PDB_ins_code 
_pdbx_struct_sheet_hbond.range_1_auth_atom_id 
_pdbx_struct_sheet_hbond.range_1_auth_comp_id 
_pdbx_struct_sheet_hbond.range_1_auth_asym_id 
_pdbx_struct_sheet_hbond.range_1_auth_seq_id 
_pdbx_struct_sheet_hbond.range_2_label_atom_id 
_pdbx_struct_sheet_hbond.range_2_label_comp_id 
_pdbx_struct_sheet_hbond.range_2_label_asym_id 
_pdbx_struct_sheet_hbond.range_2_label_seq_id 
_pdbx_struct_sheet_hbond.range_2_PDB_ins_code 
_pdbx_struct_sheet_hbond.range_2_auth_atom_id 
_pdbx_struct_sheet_hbond.range_2_auth_comp_id 
_pdbx_struct_sheet_hbond.range_2_auth_asym_id 
_pdbx_struct_sheet_hbond.range_2_auth_seq_id 
A 1 2 O ARG A 54  ? O ARG A 1055 N GLN A 62  ? N GLN A 1063 
A 2 3 O CYS A 61  ? O CYS A 1062 N ILE A 113 ? N ILE A 1114 
A 3 4 O PHE A 112 ? O PHE A 1113 N SER A 98  ? N SER A 1099 
A 4 5 O LEU A 97  ? O LEU A 1098 N GLY A 129 ? N GLY A 1130 
A 5 6 O LYS A 130 ? O LYS A 1131 N GLU A 22  ? N GLU A 1023 
A 6 7 O GLU A 14  ? O GLU A 1015 N VAL A 11  ? N VAL A 1012 
A 7 8 O PHE A 6   ? O PHE A 1007 N GLY A 161 ? N GLY A 1162 
# 
_pdbx_validate_rmsd_angle.id                         1 
_pdbx_validate_rmsd_angle.PDB_model_num              1 
_pdbx_validate_rmsd_angle.auth_atom_id_1             C 
_pdbx_validate_rmsd_angle.auth_asym_id_1             A 
_pdbx_validate_rmsd_angle.auth_comp_id_1             VAL 
_pdbx_validate_rmsd_angle.auth_seq_id_1              1029 
_pdbx_validate_rmsd_angle.PDB_ins_code_1             ? 
_pdbx_validate_rmsd_angle.label_alt_id_1             ? 
_pdbx_validate_rmsd_angle.auth_atom_id_2             N 
_pdbx_validate_rmsd_angle.auth_asym_id_2             A 
_pdbx_validate_rmsd_angle.auth_comp_id_2             PRO 
_pdbx_validate_rmsd_angle.auth_seq_id_2              1030 
_pdbx_validate_rmsd_angle.PDB_ins_code_2             ? 
_pdbx_validate_rmsd_angle.label_alt_id_2             ? 
_pdbx_validate_rmsd_angle.auth_atom_id_3             CA 
_pdbx_validate_rmsd_angle.auth_asym_id_3             A 
_pdbx_validate_rmsd_angle.auth_comp_id_3             PRO 
_pdbx_validate_rmsd_angle.auth_seq_id_3              1030 
_pdbx_validate_rmsd_angle.PDB_ins_code_3             ? 
_pdbx_validate_rmsd_angle.label_alt_id_3             ? 
_pdbx_validate_rmsd_angle.angle_value                129.36 
_pdbx_validate_rmsd_angle.angle_target_value         119.30 
_pdbx_validate_rmsd_angle.angle_deviation            10.06 
_pdbx_validate_rmsd_angle.angle_standard_deviation   1.50 
_pdbx_validate_rmsd_angle.linker_flag                Y 
# 
loop_
_pdbx_validate_torsion.id 
_pdbx_validate_torsion.PDB_model_num 
_pdbx_validate_torsion.auth_comp_id 
_pdbx_validate_torsion.auth_asym_id 
_pdbx_validate_torsion.auth_seq_id 
_pdbx_validate_torsion.PDB_ins_code 
_pdbx_validate_torsion.label_alt_id 
_pdbx_validate_torsion.phi 
_pdbx_validate_torsion.psi 
1  1 VAL A 1029 ? ? -117.47 79.79   
2  1 GLU A 1043 ? ? -56.28  9.17    
3  1 PHE A 1046 ? ? -105.61 -102.66 
4  1 PHE A 1060 ? ? -119.80 -78.75  
5  1 ASN A 1071 ? ? -132.10 -30.89  
6  1 SER A 1077 ? ? -75.77  -158.33 
7  1 TYR A 1079 ? ? -108.15 60.05   
8  1 GLU A 1081 ? ? -126.08 -78.15  
9  1 ASN A 1087 ? ? 175.74  -176.25 
10 1 SER A 1147 ? ? -166.48 -165.83 
# 
loop_
_chem_comp_atom.comp_id 
_chem_comp_atom.atom_id 
_chem_comp_atom.type_symbol 
_chem_comp_atom.pdbx_aromatic_flag 
_chem_comp_atom.pdbx_stereo_config 
_chem_comp_atom.pdbx_ordinal 
ALA N    N N N 1   
ALA CA   C N S 2   
ALA C    C N N 3   
ALA O    O N N 4   
ALA CB   C N N 5   
ALA OXT  O N N 6   
ALA H    H N N 7   
ALA H2   H N N 8   
ALA HA   H N N 9   
ALA HB1  H N N 10  
ALA HB2  H N N 11  
ALA HB3  H N N 12  
ALA HXT  H N N 13  
ARG N    N N N 14  
ARG CA   C N S 15  
ARG C    C N N 16  
ARG O    O N N 17  
ARG CB   C N N 18  
ARG CG   C N N 19  
ARG CD   C N N 20  
ARG NE   N N N 21  
ARG CZ   C N N 22  
ARG NH1  N N N 23  
ARG NH2  N N N 24  
ARG OXT  O N N 25  
ARG H    H N N 26  
ARG H2   H N N 27  
ARG HA   H N N 28  
ARG HB2  H N N 29  
ARG HB3  H N N 30  
ARG HG2  H N N 31  
ARG HG3  H N N 32  
ARG HD2  H N N 33  
ARG HD3  H N N 34  
ARG HE   H N N 35  
ARG HH11 H N N 36  
ARG HH12 H N N 37  
ARG HH21 H N N 38  
ARG HH22 H N N 39  
ARG HXT  H N N 40  
ASN N    N N N 41  
ASN CA   C N S 42  
ASN C    C N N 43  
ASN O    O N N 44  
ASN CB   C N N 45  
ASN CG   C N N 46  
ASN OD1  O N N 47  
ASN ND2  N N N 48  
ASN OXT  O N N 49  
ASN H    H N N 50  
ASN H2   H N N 51  
ASN HA   H N N 52  
ASN HB2  H N N 53  
ASN HB3  H N N 54  
ASN HD21 H N N 55  
ASN HD22 H N N 56  
ASN HXT  H N N 57  
ASP N    N N N 58  
ASP CA   C N S 59  
ASP C    C N N 60  
ASP O    O N N 61  
ASP CB   C N N 62  
ASP CG   C N N 63  
ASP OD1  O N N 64  
ASP OD2  O N N 65  
ASP OXT  O N N 66  
ASP H    H N N 67  
ASP H2   H N N 68  
ASP HA   H N N 69  
ASP HB2  H N N 70  
ASP HB3  H N N 71  
ASP HD2  H N N 72  
ASP HXT  H N N 73  
CYS N    N N N 74  
CYS CA   C N R 75  
CYS C    C N N 76  
CYS O    O N N 77  
CYS CB   C N N 78  
CYS SG   S N N 79  
CYS OXT  O N N 80  
CYS H    H N N 81  
CYS H2   H N N 82  
CYS HA   H N N 83  
CYS HB2  H N N 84  
CYS HB3  H N N 85  
CYS HG   H N N 86  
CYS HXT  H N N 87  
GLN N    N N N 88  
GLN CA   C N S 89  
GLN C    C N N 90  
GLN O    O N N 91  
GLN CB   C N N 92  
GLN CG   C N N 93  
GLN CD   C N N 94  
GLN OE1  O N N 95  
GLN NE2  N N N 96  
GLN OXT  O N N 97  
GLN H    H N N 98  
GLN H2   H N N 99  
GLN HA   H N N 100 
GLN HB2  H N N 101 
GLN HB3  H N N 102 
GLN HG2  H N N 103 
GLN HG3  H N N 104 
GLN HE21 H N N 105 
GLN HE22 H N N 106 
GLN HXT  H N N 107 
GLU N    N N N 108 
GLU CA   C N S 109 
GLU C    C N N 110 
GLU O    O N N 111 
GLU CB   C N N 112 
GLU CG   C N N 113 
GLU CD   C N N 114 
GLU OE1  O N N 115 
GLU OE2  O N N 116 
GLU OXT  O N N 117 
GLU H    H N N 118 
GLU H2   H N N 119 
GLU HA   H N N 120 
GLU HB2  H N N 121 
GLU HB3  H N N 122 
GLU HG2  H N N 123 
GLU HG3  H N N 124 
GLU HE2  H N N 125 
GLU HXT  H N N 126 
GLY N    N N N 127 
GLY CA   C N N 128 
GLY C    C N N 129 
GLY O    O N N 130 
GLY OXT  O N N 131 
GLY H    H N N 132 
GLY H2   H N N 133 
GLY HA2  H N N 134 
GLY HA3  H N N 135 
GLY HXT  H N N 136 
HIS N    N N N 137 
HIS CA   C N S 138 
HIS C    C N N 139 
HIS O    O N N 140 
HIS CB   C N N 141 
HIS CG   C Y N 142 
HIS ND1  N Y N 143 
HIS CD2  C Y N 144 
HIS CE1  C Y N 145 
HIS NE2  N Y N 146 
HIS OXT  O N N 147 
HIS H    H N N 148 
HIS H2   H N N 149 
HIS HA   H N N 150 
HIS HB2  H N N 151 
HIS HB3  H N N 152 
HIS HD1  H N N 153 
HIS HD2  H N N 154 
HIS HE1  H N N 155 
HIS HE2  H N N 156 
HIS HXT  H N N 157 
HOH O    O N N 158 
HOH H1   H N N 159 
HOH H2   H N N 160 
ILE N    N N N 161 
ILE CA   C N S 162 
ILE C    C N N 163 
ILE O    O N N 164 
ILE CB   C N S 165 
ILE CG1  C N N 166 
ILE CG2  C N N 167 
ILE CD1  C N N 168 
ILE OXT  O N N 169 
ILE H    H N N 170 
ILE H2   H N N 171 
ILE HA   H N N 172 
ILE HB   H N N 173 
ILE HG12 H N N 174 
ILE HG13 H N N 175 
ILE HG21 H N N 176 
ILE HG22 H N N 177 
ILE HG23 H N N 178 
ILE HD11 H N N 179 
ILE HD12 H N N 180 
ILE HD13 H N N 181 
ILE HXT  H N N 182 
LEU N    N N N 183 
LEU CA   C N S 184 
LEU C    C N N 185 
LEU O    O N N 186 
LEU CB   C N N 187 
LEU CG   C N N 188 
LEU CD1  C N N 189 
LEU CD2  C N N 190 
LEU OXT  O N N 191 
LEU H    H N N 192 
LEU H2   H N N 193 
LEU HA   H N N 194 
LEU HB2  H N N 195 
LEU HB3  H N N 196 
LEU HG   H N N 197 
LEU HD11 H N N 198 
LEU HD12 H N N 199 
LEU HD13 H N N 200 
LEU HD21 H N N 201 
LEU HD22 H N N 202 
LEU HD23 H N N 203 
LEU HXT  H N N 204 
LYS N    N N N 205 
LYS CA   C N S 206 
LYS C    C N N 207 
LYS O    O N N 208 
LYS CB   C N N 209 
LYS CG   C N N 210 
LYS CD   C N N 211 
LYS CE   C N N 212 
LYS NZ   N N N 213 
LYS OXT  O N N 214 
LYS H    H N N 215 
LYS H2   H N N 216 
LYS HA   H N N 217 
LYS HB2  H N N 218 
LYS HB3  H N N 219 
LYS HG2  H N N 220 
LYS HG3  H N N 221 
LYS HD2  H N N 222 
LYS HD3  H N N 223 
LYS HE2  H N N 224 
LYS HE3  H N N 225 
LYS HZ1  H N N 226 
LYS HZ2  H N N 227 
LYS HZ3  H N N 228 
LYS HXT  H N N 229 
MET N    N N N 230 
MET CA   C N S 231 
MET C    C N N 232 
MET O    O N N 233 
MET CB   C N N 234 
MET CG   C N N 235 
MET SD   S N N 236 
MET CE   C N N 237 
MET OXT  O N N 238 
MET H    H N N 239 
MET H2   H N N 240 
MET HA   H N N 241 
MET HB2  H N N 242 
MET HB3  H N N 243 
MET HG2  H N N 244 
MET HG3  H N N 245 
MET HE1  H N N 246 
MET HE2  H N N 247 
MET HE3  H N N 248 
MET HXT  H N N 249 
PHE N    N N N 250 
PHE CA   C N S 251 
PHE C    C N N 252 
PHE O    O N N 253 
PHE CB   C N N 254 
PHE CG   C Y N 255 
PHE CD1  C Y N 256 
PHE CD2  C Y N 257 
PHE CE1  C Y N 258 
PHE CE2  C Y N 259 
PHE CZ   C Y N 260 
PHE OXT  O N N 261 
PHE H    H N N 262 
PHE H2   H N N 263 
PHE HA   H N N 264 
PHE HB2  H N N 265 
PHE HB3  H N N 266 
PHE HD1  H N N 267 
PHE HD2  H N N 268 
PHE HE1  H N N 269 
PHE HE2  H N N 270 
PHE HZ   H N N 271 
PHE HXT  H N N 272 
PRO N    N N N 273 
PRO CA   C N S 274 
PRO C    C N N 275 
PRO O    O N N 276 
PRO CB   C N N 277 
PRO CG   C N N 278 
PRO CD   C N N 279 
PRO OXT  O N N 280 
PRO H    H N N 281 
PRO HA   H N N 282 
PRO HB2  H N N 283 
PRO HB3  H N N 284 
PRO HG2  H N N 285 
PRO HG3  H N N 286 
PRO HD2  H N N 287 
PRO HD3  H N N 288 
PRO HXT  H N N 289 
SER N    N N N 290 
SER CA   C N S 291 
SER C    C N N 292 
SER O    O N N 293 
SER CB   C N N 294 
SER OG   O N N 295 
SER OXT  O N N 296 
SER H    H N N 297 
SER H2   H N N 298 
SER HA   H N N 299 
SER HB2  H N N 300 
SER HB3  H N N 301 
SER HG   H N N 302 
SER HXT  H N N 303 
THR N    N N N 304 
THR CA   C N S 305 
THR C    C N N 306 
THR O    O N N 307 
THR CB   C N R 308 
THR OG1  O N N 309 
THR CG2  C N N 310 
THR OXT  O N N 311 
THR H    H N N 312 
THR H2   H N N 313 
THR HA   H N N 314 
THR HB   H N N 315 
THR HG1  H N N 316 
THR HG21 H N N 317 
THR HG22 H N N 318 
THR HG23 H N N 319 
THR HXT  H N N 320 
TRP N    N N N 321 
TRP CA   C N S 322 
TRP C    C N N 323 
TRP O    O N N 324 
TRP CB   C N N 325 
TRP CG   C Y N 326 
TRP CD1  C Y N 327 
TRP CD2  C Y N 328 
TRP NE1  N Y N 329 
TRP CE2  C Y N 330 
TRP CE3  C Y N 331 
TRP CZ2  C Y N 332 
TRP CZ3  C Y N 333 
TRP CH2  C Y N 334 
TRP OXT  O N N 335 
TRP H    H N N 336 
TRP H2   H N N 337 
TRP HA   H N N 338 
TRP HB2  H N N 339 
TRP HB3  H N N 340 
TRP HD1  H N N 341 
TRP HE1  H N N 342 
TRP HE3  H N N 343 
TRP HZ2  H N N 344 
TRP HZ3  H N N 345 
TRP HH2  H N N 346 
TRP HXT  H N N 347 
TYR N    N N N 348 
TYR CA   C N S 349 
TYR C    C N N 350 
TYR O    O N N 351 
TYR CB   C N N 352 
TYR CG   C Y N 353 
TYR CD1  C Y N 354 
TYR CD2  C Y N 355 
TYR CE1  C Y N 356 
TYR CE2  C Y N 357 
TYR CZ   C Y N 358 
TYR OH   O N N 359 
TYR OXT  O N N 360 
TYR H    H N N 361 
TYR H2   H N N 362 
TYR HA   H N N 363 
TYR HB2  H N N 364 
TYR HB3  H N N 365 
TYR HD1  H N N 366 
TYR HD2  H N N 367 
TYR HE1  H N N 368 
TYR HE2  H N N 369 
TYR HH   H N N 370 
TYR HXT  H N N 371 
VAL N    N N N 372 
VAL CA   C N S 373 
VAL C    C N N 374 
VAL O    O N N 375 
VAL CB   C N N 376 
VAL CG1  C N N 377 
VAL CG2  C N N 378 
VAL OXT  O N N 379 
VAL H    H N N 380 
VAL H2   H N N 381 
VAL HA   H N N 382 
VAL HB   H N N 383 
VAL HG11 H N N 384 
VAL HG12 H N N 385 
VAL HG13 H N N 386 
VAL HG21 H N N 387 
VAL HG22 H N N 388 
VAL HG23 H N N 389 
VAL HXT  H N N 390 
# 
loop_
_chem_comp_bond.comp_id 
_chem_comp_bond.atom_id_1 
_chem_comp_bond.atom_id_2 
_chem_comp_bond.value_order 
_chem_comp_bond.pdbx_aromatic_flag 
_chem_comp_bond.pdbx_stereo_config 
_chem_comp_bond.pdbx_ordinal 
ALA N   CA   sing N N 1   
ALA N   H    sing N N 2   
ALA N   H2   sing N N 3   
ALA CA  C    sing N N 4   
ALA CA  CB   sing N N 5   
ALA CA  HA   sing N N 6   
ALA C   O    doub N N 7   
ALA C   OXT  sing N N 8   
ALA CB  HB1  sing N N 9   
ALA CB  HB2  sing N N 10  
ALA CB  HB3  sing N N 11  
ALA OXT HXT  sing N N 12  
ARG N   CA   sing N N 13  
ARG N   H    sing N N 14  
ARG N   H2   sing N N 15  
ARG CA  C    sing N N 16  
ARG CA  CB   sing N N 17  
ARG CA  HA   sing N N 18  
ARG C   O    doub N N 19  
ARG C   OXT  sing N N 20  
ARG CB  CG   sing N N 21  
ARG CB  HB2  sing N N 22  
ARG CB  HB3  sing N N 23  
ARG CG  CD   sing N N 24  
ARG CG  HG2  sing N N 25  
ARG CG  HG3  sing N N 26  
ARG CD  NE   sing N N 27  
ARG CD  HD2  sing N N 28  
ARG CD  HD3  sing N N 29  
ARG NE  CZ   sing N N 30  
ARG NE  HE   sing N N 31  
ARG CZ  NH1  sing N N 32  
ARG CZ  NH2  doub N N 33  
ARG NH1 HH11 sing N N 34  
ARG NH1 HH12 sing N N 35  
ARG NH2 HH21 sing N N 36  
ARG NH2 HH22 sing N N 37  
ARG OXT HXT  sing N N 38  
ASN N   CA   sing N N 39  
ASN N   H    sing N N 40  
ASN N   H2   sing N N 41  
ASN CA  C    sing N N 42  
ASN CA  CB   sing N N 43  
ASN CA  HA   sing N N 44  
ASN C   O    doub N N 45  
ASN C   OXT  sing N N 46  
ASN CB  CG   sing N N 47  
ASN CB  HB2  sing N N 48  
ASN CB  HB3  sing N N 49  
ASN CG  OD1  doub N N 50  
ASN CG  ND2  sing N N 51  
ASN ND2 HD21 sing N N 52  
ASN ND2 HD22 sing N N 53  
ASN OXT HXT  sing N N 54  
ASP N   CA   sing N N 55  
ASP N   H    sing N N 56  
ASP N   H2   sing N N 57  
ASP CA  C    sing N N 58  
ASP CA  CB   sing N N 59  
ASP CA  HA   sing N N 60  
ASP C   O    doub N N 61  
ASP C   OXT  sing N N 62  
ASP CB  CG   sing N N 63  
ASP CB  HB2  sing N N 64  
ASP CB  HB3  sing N N 65  
ASP CG  OD1  doub N N 66  
ASP CG  OD2  sing N N 67  
ASP OD2 HD2  sing N N 68  
ASP OXT HXT  sing N N 69  
CYS N   CA   sing N N 70  
CYS N   H    sing N N 71  
CYS N   H2   sing N N 72  
CYS CA  C    sing N N 73  
CYS CA  CB   sing N N 74  
CYS CA  HA   sing N N 75  
CYS C   O    doub N N 76  
CYS C   OXT  sing N N 77  
CYS CB  SG   sing N N 78  
CYS CB  HB2  sing N N 79  
CYS CB  HB3  sing N N 80  
CYS SG  HG   sing N N 81  
CYS OXT HXT  sing N N 82  
GLN N   CA   sing N N 83  
GLN N   H    sing N N 84  
GLN N   H2   sing N N 85  
GLN CA  C    sing N N 86  
GLN CA  CB   sing N N 87  
GLN CA  HA   sing N N 88  
GLN C   O    doub N N 89  
GLN C   OXT  sing N N 90  
GLN CB  CG   sing N N 91  
GLN CB  HB2  sing N N 92  
GLN CB  HB3  sing N N 93  
GLN CG  CD   sing N N 94  
GLN CG  HG2  sing N N 95  
GLN CG  HG3  sing N N 96  
GLN CD  OE1  doub N N 97  
GLN CD  NE2  sing N N 98  
GLN NE2 HE21 sing N N 99  
GLN NE2 HE22 sing N N 100 
GLN OXT HXT  sing N N 101 
GLU N   CA   sing N N 102 
GLU N   H    sing N N 103 
GLU N   H2   sing N N 104 
GLU CA  C    sing N N 105 
GLU CA  CB   sing N N 106 
GLU CA  HA   sing N N 107 
GLU C   O    doub N N 108 
GLU C   OXT  sing N N 109 
GLU CB  CG   sing N N 110 
GLU CB  HB2  sing N N 111 
GLU CB  HB3  sing N N 112 
GLU CG  CD   sing N N 113 
GLU CG  HG2  sing N N 114 
GLU CG  HG3  sing N N 115 
GLU CD  OE1  doub N N 116 
GLU CD  OE2  sing N N 117 
GLU OE2 HE2  sing N N 118 
GLU OXT HXT  sing N N 119 
GLY N   CA   sing N N 120 
GLY N   H    sing N N 121 
GLY N   H2   sing N N 122 
GLY CA  C    sing N N 123 
GLY CA  HA2  sing N N 124 
GLY CA  HA3  sing N N 125 
GLY C   O    doub N N 126 
GLY C   OXT  sing N N 127 
GLY OXT HXT  sing N N 128 
HIS N   CA   sing N N 129 
HIS N   H    sing N N 130 
HIS N   H2   sing N N 131 
HIS CA  C    sing N N 132 
HIS CA  CB   sing N N 133 
HIS CA  HA   sing N N 134 
HIS C   O    doub N N 135 
HIS C   OXT  sing N N 136 
HIS CB  CG   sing N N 137 
HIS CB  HB2  sing N N 138 
HIS CB  HB3  sing N N 139 
HIS CG  ND1  sing Y N 140 
HIS CG  CD2  doub Y N 141 
HIS ND1 CE1  doub Y N 142 
HIS ND1 HD1  sing N N 143 
HIS CD2 NE2  sing Y N 144 
HIS CD2 HD2  sing N N 145 
HIS CE1 NE2  sing Y N 146 
HIS CE1 HE1  sing N N 147 
HIS NE2 HE2  sing N N 148 
HIS OXT HXT  sing N N 149 
HOH O   H1   sing N N 150 
HOH O   H2   sing N N 151 
ILE N   CA   sing N N 152 
ILE N   H    sing N N 153 
ILE N   H2   sing N N 154 
ILE CA  C    sing N N 155 
ILE CA  CB   sing N N 156 
ILE CA  HA   sing N N 157 
ILE C   O    doub N N 158 
ILE C   OXT  sing N N 159 
ILE CB  CG1  sing N N 160 
ILE CB  CG2  sing N N 161 
ILE CB  HB   sing N N 162 
ILE CG1 CD1  sing N N 163 
ILE CG1 HG12 sing N N 164 
ILE CG1 HG13 sing N N 165 
ILE CG2 HG21 sing N N 166 
ILE CG2 HG22 sing N N 167 
ILE CG2 HG23 sing N N 168 
ILE CD1 HD11 sing N N 169 
ILE CD1 HD12 sing N N 170 
ILE CD1 HD13 sing N N 171 
ILE OXT HXT  sing N N 172 
LEU N   CA   sing N N 173 
LEU N   H    sing N N 174 
LEU N   H2   sing N N 175 
LEU CA  C    sing N N 176 
LEU CA  CB   sing N N 177 
LEU CA  HA   sing N N 178 
LEU C   O    doub N N 179 
LEU C   OXT  sing N N 180 
LEU CB  CG   sing N N 181 
LEU CB  HB2  sing N N 182 
LEU CB  HB3  sing N N 183 
LEU CG  CD1  sing N N 184 
LEU CG  CD2  sing N N 185 
LEU CG  HG   sing N N 186 
LEU CD1 HD11 sing N N 187 
LEU CD1 HD12 sing N N 188 
LEU CD1 HD13 sing N N 189 
LEU CD2 HD21 sing N N 190 
LEU CD2 HD22 sing N N 191 
LEU CD2 HD23 sing N N 192 
LEU OXT HXT  sing N N 193 
LYS N   CA   sing N N 194 
LYS N   H    sing N N 195 
LYS N   H2   sing N N 196 
LYS CA  C    sing N N 197 
LYS CA  CB   sing N N 198 
LYS CA  HA   sing N N 199 
LYS C   O    doub N N 200 
LYS C   OXT  sing N N 201 
LYS CB  CG   sing N N 202 
LYS CB  HB2  sing N N 203 
LYS CB  HB3  sing N N 204 
LYS CG  CD   sing N N 205 
LYS CG  HG2  sing N N 206 
LYS CG  HG3  sing N N 207 
LYS CD  CE   sing N N 208 
LYS CD  HD2  sing N N 209 
LYS CD  HD3  sing N N 210 
LYS CE  NZ   sing N N 211 
LYS CE  HE2  sing N N 212 
LYS CE  HE3  sing N N 213 
LYS NZ  HZ1  sing N N 214 
LYS NZ  HZ2  sing N N 215 
LYS NZ  HZ3  sing N N 216 
LYS OXT HXT  sing N N 217 
MET N   CA   sing N N 218 
MET N   H    sing N N 219 
MET N   H2   sing N N 220 
MET CA  C    sing N N 221 
MET CA  CB   sing N N 222 
MET CA  HA   sing N N 223 
MET C   O    doub N N 224 
MET C   OXT  sing N N 225 
MET CB  CG   sing N N 226 
MET CB  HB2  sing N N 227 
MET CB  HB3  sing N N 228 
MET CG  SD   sing N N 229 
MET CG  HG2  sing N N 230 
MET CG  HG3  sing N N 231 
MET SD  CE   sing N N 232 
MET CE  HE1  sing N N 233 
MET CE  HE2  sing N N 234 
MET CE  HE3  sing N N 235 
MET OXT HXT  sing N N 236 
PHE N   CA   sing N N 237 
PHE N   H    sing N N 238 
PHE N   H2   sing N N 239 
PHE CA  C    sing N N 240 
PHE CA  CB   sing N N 241 
PHE CA  HA   sing N N 242 
PHE C   O    doub N N 243 
PHE C   OXT  sing N N 244 
PHE CB  CG   sing N N 245 
PHE CB  HB2  sing N N 246 
PHE CB  HB3  sing N N 247 
PHE CG  CD1  doub Y N 248 
PHE CG  CD2  sing Y N 249 
PHE CD1 CE1  sing Y N 250 
PHE CD1 HD1  sing N N 251 
PHE CD2 CE2  doub Y N 252 
PHE CD2 HD2  sing N N 253 
PHE CE1 CZ   doub Y N 254 
PHE CE1 HE1  sing N N 255 
PHE CE2 CZ   sing Y N 256 
PHE CE2 HE2  sing N N 257 
PHE CZ  HZ   sing N N 258 
PHE OXT HXT  sing N N 259 
PRO N   CA   sing N N 260 
PRO N   CD   sing N N 261 
PRO N   H    sing N N 262 
PRO CA  C    sing N N 263 
PRO CA  CB   sing N N 264 
PRO CA  HA   sing N N 265 
PRO C   O    doub N N 266 
PRO C   OXT  sing N N 267 
PRO CB  CG   sing N N 268 
PRO CB  HB2  sing N N 269 
PRO CB  HB3  sing N N 270 
PRO CG  CD   sing N N 271 
PRO CG  HG2  sing N N 272 
PRO CG  HG3  sing N N 273 
PRO CD  HD2  sing N N 274 
PRO CD  HD3  sing N N 275 
PRO OXT HXT  sing N N 276 
SER N   CA   sing N N 277 
SER N   H    sing N N 278 
SER N   H2   sing N N 279 
SER CA  C    sing N N 280 
SER CA  CB   sing N N 281 
SER CA  HA   sing N N 282 
SER C   O    doub N N 283 
SER C   OXT  sing N N 284 
SER CB  OG   sing N N 285 
SER CB  HB2  sing N N 286 
SER CB  HB3  sing N N 287 
SER OG  HG   sing N N 288 
SER OXT HXT  sing N N 289 
THR N   CA   sing N N 290 
THR N   H    sing N N 291 
THR N   H2   sing N N 292 
THR CA  C    sing N N 293 
THR CA  CB   sing N N 294 
THR CA  HA   sing N N 295 
THR C   O    doub N N 296 
THR C   OXT  sing N N 297 
THR CB  OG1  sing N N 298 
THR CB  CG2  sing N N 299 
THR CB  HB   sing N N 300 
THR OG1 HG1  sing N N 301 
THR CG2 HG21 sing N N 302 
THR CG2 HG22 sing N N 303 
THR CG2 HG23 sing N N 304 
THR OXT HXT  sing N N 305 
TRP N   CA   sing N N 306 
TRP N   H    sing N N 307 
TRP N   H2   sing N N 308 
TRP CA  C    sing N N 309 
TRP CA  CB   sing N N 310 
TRP CA  HA   sing N N 311 
TRP C   O    doub N N 312 
TRP C   OXT  sing N N 313 
TRP CB  CG   sing N N 314 
TRP CB  HB2  sing N N 315 
TRP CB  HB3  sing N N 316 
TRP CG  CD1  doub Y N 317 
TRP CG  CD2  sing Y N 318 
TRP CD1 NE1  sing Y N 319 
TRP CD1 HD1  sing N N 320 
TRP CD2 CE2  doub Y N 321 
TRP CD2 CE3  sing Y N 322 
TRP NE1 CE2  sing Y N 323 
TRP NE1 HE1  sing N N 324 
TRP CE2 CZ2  sing Y N 325 
TRP CE3 CZ3  doub Y N 326 
TRP CE3 HE3  sing N N 327 
TRP CZ2 CH2  doub Y N 328 
TRP CZ2 HZ2  sing N N 329 
TRP CZ3 CH2  sing Y N 330 
TRP CZ3 HZ3  sing N N 331 
TRP CH2 HH2  sing N N 332 
TRP OXT HXT  sing N N 333 
TYR N   CA   sing N N 334 
TYR N   H    sing N N 335 
TYR N   H2   sing N N 336 
TYR CA  C    sing N N 337 
TYR CA  CB   sing N N 338 
TYR CA  HA   sing N N 339 
TYR C   O    doub N N 340 
TYR C   OXT  sing N N 341 
TYR CB  CG   sing N N 342 
TYR CB  HB2  sing N N 343 
TYR CB  HB3  sing N N 344 
TYR CG  CD1  doub Y N 345 
TYR CG  CD2  sing Y N 346 
TYR CD1 CE1  sing Y N 347 
TYR CD1 HD1  sing N N 348 
TYR CD2 CE2  doub Y N 349 
TYR CD2 HD2  sing N N 350 
TYR CE1 CZ   doub Y N 351 
TYR CE1 HE1  sing N N 352 
TYR CE2 CZ   sing Y N 353 
TYR CE2 HE2  sing N N 354 
TYR CZ  OH   sing N N 355 
TYR OH  HH   sing N N 356 
TYR OXT HXT  sing N N 357 
VAL N   CA   sing N N 358 
VAL N   H    sing N N 359 
VAL N   H2   sing N N 360 
VAL CA  C    sing N N 361 
VAL CA  CB   sing N N 362 
VAL CA  HA   sing N N 363 
VAL C   O    doub N N 364 
VAL C   OXT  sing N N 365 
VAL CB  CG1  sing N N 366 
VAL CB  CG2  sing N N 367 
VAL CB  HB   sing N N 368 
VAL CG1 HG11 sing N N 369 
VAL CG1 HG12 sing N N 370 
VAL CG1 HG13 sing N N 371 
VAL CG2 HG21 sing N N 372 
VAL CG2 HG22 sing N N 373 
VAL CG2 HG23 sing N N 374 
VAL OXT HXT  sing N N 375 
# 
_pdbx_initial_refinement_model.id               1 
_pdbx_initial_refinement_model.entity_id_list   ? 
_pdbx_initial_refinement_model.type             'experimental model' 
_pdbx_initial_refinement_model.source_name      PDB 
_pdbx_initial_refinement_model.accession_code   2CYH 
_pdbx_initial_refinement_model.details          'PDB ENTRY 2CYH' 
# 
_atom_sites.entry_id                    1AWQ 
_atom_sites.fract_transf_matrix[1][1]   0.01177341 
_atom_sites.fract_transf_matrix[1][2]   0.00363812 
_atom_sites.fract_transf_matrix[1][3]   -0.01500569 
_atom_sites.fract_transf_matrix[2][1]   0.00265178 
_atom_sites.fract_transf_matrix[2][2]   0.01811350 
_atom_sites.fract_transf_matrix[2][3]   0.00647218 
_atom_sites.fract_transf_matrix[3][1]   0.01247464 
_atom_sites.fract_transf_matrix[3][2]   -0.00489907 
_atom_sites.fract_transf_matrix[3][3]   0.00859978 
_atom_sites.fract_transf_vector[1]      0.986595 
_atom_sites.fract_transf_vector[2]      0.521231 
_atom_sites.fract_transf_vector[3]      -0.005096 
# 
loop_
_atom_type.symbol 
C 
N 
O 
S 
# 
loop_
_atom_site.group_PDB 
_atom_site.id 
_atom_site.type_symbol 
_atom_site.label_atom_id 
_atom_site.label_alt_id 
_atom_site.label_comp_id 
_atom_site.label_asym_id 
_atom_site.label_entity_id 
_atom_site.label_seq_id 
_atom_site.pdbx_PDB_ins_code 
_atom_site.Cartn_x 
_atom_site.Cartn_y 
_atom_site.Cartn_z 
_atom_site.occupancy 
_atom_site.B_iso_or_equiv 
_atom_site.pdbx_formal_charge 
_atom_site.auth_seq_id 
_atom_site.auth_comp_id 
_atom_site.auth_asym_id 
_atom_site.auth_atom_id 
_atom_site.pdbx_PDB_model_num 
ATOM   1    N N   . VAL A 1 1   ? 5.511   1.018   20.243  1.00 38.46 ? 1002 VAL A N   1 
ATOM   2    C CA  . VAL A 1 1   ? 4.506   -0.070  20.076  1.00 39.48 ? 1002 VAL A CA  1 
ATOM   3    C C   . VAL A 1 1   ? 3.993   -0.152  18.630  1.00 36.44 ? 1002 VAL A C   1 
ATOM   4    O O   . VAL A 1 1   ? 3.527   -1.213  18.194  1.00 37.52 ? 1002 VAL A O   1 
ATOM   5    C CB  . VAL A 1 1   ? 3.295   0.122   21.034  1.00 41.78 ? 1002 VAL A CB  1 
ATOM   6    C CG1 . VAL A 1 1   ? 2.641   -1.227  21.344  1.00 43.21 ? 1002 VAL A CG1 1 
ATOM   7    C CG2 . VAL A 1 1   ? 3.724   0.825   22.321  1.00 44.48 ? 1002 VAL A CG2 1 
ATOM   8    N N   . ASN A 1 2   ? 4.064   0.967   17.902  1.00 34.63 ? 1003 ASN A N   1 
ATOM   9    C CA  . ASN A 1 2   ? 3.610   1.031   16.502  1.00 29.47 ? 1003 ASN A CA  1 
ATOM   10   C C   . ASN A 1 2   ? 4.377   0.054   15.622  1.00 25.27 ? 1003 ASN A C   1 
ATOM   11   O O   . ASN A 1 2   ? 5.584   0.201   15.405  1.00 21.73 ? 1003 ASN A O   1 
ATOM   12   C CB  . ASN A 1 2   ? 3.737   2.456   15.926  1.00 26.69 ? 1003 ASN A CB  1 
ATOM   13   C CG  . ASN A 1 2   ? 2.417   3.227   15.964  1.00 26.50 ? 1003 ASN A CG  1 
ATOM   14   O OD1 . ASN A 1 2   ? 1.364   2.676   16.315  1.00 25.45 ? 1003 ASN A OD1 1 
ATOM   15   N ND2 . ASN A 1 2   ? 2.471   4.508   15.603  1.00 22.38 ? 1003 ASN A ND2 1 
ATOM   16   N N   . PRO A 1 3   ? 3.666   -0.932  15.060  1.00 23.65 ? 1004 PRO A N   1 
ATOM   17   C CA  . PRO A 1 3   ? 4.301   -1.933  14.202  1.00 23.06 ? 1004 PRO A CA  1 
ATOM   18   C C   . PRO A 1 3   ? 5.113   -1.360  13.056  1.00 24.30 ? 1004 PRO A C   1 
ATOM   19   O O   . PRO A 1 3   ? 4.835   -0.277  12.542  1.00 26.81 ? 1004 PRO A O   1 
ATOM   20   C CB  . PRO A 1 3   ? 3.114   -2.761  13.703  1.00 24.14 ? 1004 PRO A CB  1 
ATOM   21   C CG  . PRO A 1 3   ? 2.126   -2.646  14.816  1.00 20.17 ? 1004 PRO A CG  1 
ATOM   22   C CD  . PRO A 1 3   ? 2.221   -1.189  15.183  1.00 20.86 ? 1004 PRO A CD  1 
ATOM   23   N N   . THR A 1 4   ? 6.186   -2.073  12.737  1.00 21.66 ? 1005 THR A N   1 
ATOM   24   C CA  . THR A 1 4   ? 7.066   -1.720  11.644  1.00 22.62 ? 1005 THR A CA  1 
ATOM   25   C C   . THR A 1 4   ? 7.098   -2.983  10.798  1.00 18.49 ? 1005 THR A C   1 
ATOM   26   O O   . THR A 1 4   ? 7.285   -4.080  11.317  1.00 20.70 ? 1005 THR A O   1 
ATOM   27   C CB  . THR A 1 4   ? 8.492   -1.383  12.129  1.00 21.23 ? 1005 THR A CB  1 
ATOM   28   O OG1 . THR A 1 4   ? 8.431   -0.331  13.097  1.00 27.58 ? 1005 THR A OG1 1 
ATOM   29   C CG2 . THR A 1 4   ? 9.355   -0.937  10.969  1.00 19.95 ? 1005 THR A CG2 1 
ATOM   30   N N   . VAL A 1 5   ? 6.796   -2.827  9.516   1.00 17.45 ? 1006 VAL A N   1 
ATOM   31   C CA  . VAL A 1 5   ? 6.796   -3.924  8.566   1.00 9.54  ? 1006 VAL A CA  1 
ATOM   32   C C   . VAL A 1 5   ? 7.615   -3.452  7.374   1.00 9.88  ? 1006 VAL A C   1 
ATOM   33   O O   . VAL A 1 5   ? 8.011   -2.292  7.320   1.00 9.31  ? 1006 VAL A O   1 
ATOM   34   C CB  . VAL A 1 5   ? 5.369   -4.265  8.119   1.00 11.52 ? 1006 VAL A CB  1 
ATOM   35   C CG1 . VAL A 1 5   ? 4.631   -4.926  9.223   1.00 6.17  ? 1006 VAL A CG1 1 
ATOM   36   C CG2 . VAL A 1 5   ? 4.632   -2.996  7.693   1.00 9.75  ? 1006 VAL A CG2 1 
ATOM   37   N N   . PHE A 1 6   ? 7.867   -4.333  6.413   1.00 8.25  ? 1007 PHE A N   1 
ATOM   38   C CA  . PHE A 1 6   ? 8.642   -3.954  5.255   1.00 12.59 ? 1007 PHE A CA  1 
ATOM   39   C C   . PHE A 1 6   ? 8.264   -4.719  3.999   1.00 6.87  ? 1007 PHE A C   1 
ATOM   40   O O   . PHE A 1 6   ? 7.609   -5.756  4.056   1.00 13.05 ? 1007 PHE A O   1 
ATOM   41   C CB  . PHE A 1 6   ? 10.128  -4.183  5.527   1.00 11.80 ? 1007 PHE A CB  1 
ATOM   42   C CG  . PHE A 1 6   ? 10.481  -5.633  5.735   1.00 13.24 ? 1007 PHE A CG  1 
ATOM   43   C CD1 . PHE A 1 6   ? 10.225  -6.245  6.965   1.00 12.59 ? 1007 PHE A CD1 1 
ATOM   44   C CD2 . PHE A 1 6   ? 11.057  -6.389  4.710   1.00 10.44 ? 1007 PHE A CD2 1 
ATOM   45   C CE1 . PHE A 1 6   ? 10.544  -7.585  7.176   1.00 10.00 ? 1007 PHE A CE1 1 
ATOM   46   C CE2 . PHE A 1 6   ? 11.380  -7.730  4.905   1.00 7.35  ? 1007 PHE A CE2 1 
ATOM   47   C CZ  . PHE A 1 6   ? 11.126  -8.326  6.141   1.00 10.99 ? 1007 PHE A CZ  1 
ATOM   48   N N   . PHE A 1 7   ? 8.747   -4.201  2.881   1.00 13.86 ? 1008 PHE A N   1 
ATOM   49   C CA  . PHE A 1 7   ? 8.563   -4.763  1.557   1.00 15.58 ? 1008 PHE A CA  1 
ATOM   50   C C   . PHE A 1 7   ? 9.941   -4.782  0.896   1.00 19.06 ? 1008 PHE A C   1 
ATOM   51   O O   . PHE A 1 7   ? 10.653  -3.769  0.909   1.00 14.74 ? 1008 PHE A O   1 
ATOM   52   C CB  . PHE A 1 7   ? 7.705   -3.842  0.670   1.00 13.16 ? 1008 PHE A CB  1 
ATOM   53   C CG  . PHE A 1 7   ? 6.230   -3.841  0.979   1.00 13.98 ? 1008 PHE A CG  1 
ATOM   54   C CD1 . PHE A 1 7   ? 5.670   -4.712  1.907   1.00 10.53 ? 1008 PHE A CD1 1 
ATOM   55   C CD2 . PHE A 1 7   ? 5.393   -2.949  0.305   1.00 12.05 ? 1008 PHE A CD2 1 
ATOM   56   C CE1 . PHE A 1 7   ? 4.296   -4.697  2.160   1.00 15.44 ? 1008 PHE A CE1 1 
ATOM   57   C CE2 . PHE A 1 7   ? 4.023   -2.929  0.551   1.00 10.98 ? 1008 PHE A CE2 1 
ATOM   58   C CZ  . PHE A 1 7   ? 3.470   -3.800  1.477   1.00 11.11 ? 1008 PHE A CZ  1 
ATOM   59   N N   . ASP A 1 8   ? 10.307  -5.928  0.328   1.00 21.18 ? 1009 ASP A N   1 
ATOM   60   C CA  . ASP A 1 8   ? 11.541  -6.066  -0.434  1.00 21.68 ? 1009 ASP A CA  1 
ATOM   61   C C   . ASP A 1 8   ? 11.054  -6.004  -1.875  1.00 21.29 ? 1009 ASP A C   1 
ATOM   62   O O   . ASP A 1 8   ? 10.370  -6.901  -2.351  1.00 20.83 ? 1009 ASP A O   1 
ATOM   63   C CB  . ASP A 1 8   ? 12.240  -7.396  -0.152  1.00 27.50 ? 1009 ASP A CB  1 
ATOM   64   C CG  . ASP A 1 8   ? 13.172  -7.307  1.033   1.00 30.43 ? 1009 ASP A CG  1 
ATOM   65   O OD1 . ASP A 1 8   ? 14.036  -6.403  1.018   1.00 26.80 ? 1009 ASP A OD1 1 
ATOM   66   O OD2 . ASP A 1 8   ? 13.031  -8.113  1.977   1.00 28.86 ? 1009 ASP A OD2 1 
ATOM   67   N N   . ILE A 1 9   ? 11.331  -4.885  -2.531  1.00 24.41 ? 1010 ILE A N   1 
ATOM   68   C CA  . ILE A 1 9   ? 10.887  -4.671  -3.900  1.00 26.89 ? 1010 ILE A CA  1 
ATOM   69   C C   . ILE A 1 9   ? 11.886  -5.171  -4.941  1.00 28.52 ? 1010 ILE A C   1 
ATOM   70   O O   . ILE A 1 9   ? 13.101  -5.120  -4.736  1.00 26.88 ? 1010 ILE A O   1 
ATOM   71   C CB  . ILE A 1 9   ? 10.551  -3.158  -4.120  1.00 22.20 ? 1010 ILE A CB  1 
ATOM   72   C CG1 . ILE A 1 9   ? 9.532   -2.681  -3.061  1.00 20.57 ? 1010 ILE A CG1 1 
ATOM   73   C CG2 . ILE A 1 9   ? 10.052  -2.904  -5.537  1.00 20.09 ? 1010 ILE A CG2 1 
ATOM   74   C CD1 . ILE A 1 9   ? 8.357   -3.634  -2.818  1.00 16.12 ? 1010 ILE A CD1 1 
ATOM   75   N N   . ALA A 1 10  ? 11.355  -5.668  -6.056  1.00 31.10 ? 1011 ALA A N   1 
ATOM   76   C CA  . ALA A 1 10  ? 12.163  -6.167  -7.165  1.00 30.08 ? 1011 ALA A CA  1 
ATOM   77   C C   . ALA A 1 10  ? 11.581  -5.681  -8.497  1.00 32.33 ? 1011 ALA A C   1 
ATOM   78   O O   . ALA A 1 10  ? 10.367  -5.538  -8.634  1.00 34.38 ? 1011 ALA A O   1 
ATOM   79   C CB  . ALA A 1 10  ? 12.217  -7.696  -7.133  1.00 31.70 ? 1011 ALA A CB  1 
ATOM   80   N N   . VAL A 1 11  ? 12.451  -5.378  -9.453  1.00 30.78 ? 1012 VAL A N   1 
ATOM   81   C CA  . VAL A 1 11  ? 12.030  -4.928  -10.775 1.00 33.85 ? 1012 VAL A CA  1 
ATOM   82   C C   . VAL A 1 11  ? 12.328  -6.061  -11.764 1.00 38.76 ? 1012 VAL A C   1 
ATOM   83   O O   . VAL A 1 11  ? 13.478  -6.251  -12.184 1.00 39.78 ? 1012 VAL A O   1 
ATOM   84   C CB  . VAL A 1 11  ? 12.788  -3.645  -11.202 1.00 32.49 ? 1012 VAL A CB  1 
ATOM   85   C CG1 . VAL A 1 11  ? 12.202  -3.084  -12.474 1.00 31.77 ? 1012 VAL A CG1 1 
ATOM   86   C CG2 . VAL A 1 11  ? 12.729  -2.601  -10.105 1.00 31.34 ? 1012 VAL A CG2 1 
ATOM   87   N N   . ASP A 1 12  ? 11.294  -6.830  -12.108 1.00 43.89 ? 1013 ASP A N   1 
ATOM   88   C CA  . ASP A 1 12  ? 11.422  -7.969  -13.025 1.00 48.24 ? 1013 ASP A CA  1 
ATOM   89   C C   . ASP A 1 12  ? 12.288  -9.077  -12.421 1.00 48.97 ? 1013 ASP A C   1 
ATOM   90   O O   . ASP A 1 12  ? 13.294  -9.486  -13.015 1.00 52.20 ? 1013 ASP A O   1 
ATOM   91   C CB  . ASP A 1 12  ? 12.013  -7.525  -14.375 1.00 50.04 ? 1013 ASP A CB  1 
ATOM   92   C CG  . ASP A 1 12  ? 10.966  -6.985  -15.328 1.00 50.35 ? 1013 ASP A CG  1 
ATOM   93   O OD1 . ASP A 1 12  ? 10.102  -7.774  -15.761 1.00 51.28 ? 1013 ASP A OD1 1 
ATOM   94   O OD2 . ASP A 1 12  ? 11.024  -5.782  -15.661 1.00 45.34 ? 1013 ASP A OD2 1 
ATOM   95   N N   . GLY A 1 13  ? 11.910  -9.533  -11.226 1.00 50.18 ? 1014 GLY A N   1 
ATOM   96   C CA  . GLY A 1 13  ? 12.649  -10.586 -10.542 1.00 49.49 ? 1014 GLY A CA  1 
ATOM   97   C C   . GLY A 1 13  ? 13.921  -10.139 -9.833  1.00 49.36 ? 1014 GLY A C   1 
ATOM   98   O O   . GLY A 1 13  ? 14.275  -10.680 -8.784  1.00 47.53 ? 1014 GLY A O   1 
ATOM   99   N N   . GLU A 1 14  ? 14.611  -9.161  -10.416 1.00 50.12 ? 1015 GLU A N   1 
ATOM   100  C CA  . GLU A 1 14  ? 15.852  -8.618  -9.864  1.00 50.85 ? 1015 GLU A CA  1 
ATOM   101  C C   . GLU A 1 14  ? 15.608  -7.684  -8.672  1.00 52.63 ? 1015 GLU A C   1 
ATOM   102  O O   . GLU A 1 14  ? 15.092  -6.578  -8.846  1.00 50.72 ? 1015 GLU A O   1 
ATOM   103  C CB  . GLU A 1 14  ? 16.601  -7.863  -10.960 1.00 51.89 ? 1015 GLU A CB  1 
ATOM   104  C CG  . GLU A 1 14  ? 17.854  -7.165  -10.487 1.00 53.83 ? 1015 GLU A CG  1 
ATOM   105  C CD  . GLU A 1 14  ? 18.001  -5.788  -11.100 1.00 58.00 ? 1015 GLU A CD  1 
ATOM   106  O OE1 . GLU A 1 14  ? 18.614  -5.685  -12.185 1.00 57.81 ? 1015 GLU A OE1 1 
ATOM   107  O OE2 . GLU A 1 14  ? 17.496  -4.809  -10.500 1.00 61.30 ? 1015 GLU A OE2 1 
ATOM   108  N N   . PRO A 1 15  ? 16.028  -8.096  -7.454  1.00 52.80 ? 1016 PRO A N   1 
ATOM   109  C CA  . PRO A 1 15  ? 15.859  -7.303  -6.226  1.00 50.10 ? 1016 PRO A CA  1 
ATOM   110  C C   . PRO A 1 15  ? 16.268  -5.830  -6.355  1.00 48.36 ? 1016 PRO A C   1 
ATOM   111  O O   . PRO A 1 15  ? 17.383  -5.508  -6.785  1.00 47.61 ? 1016 PRO A O   1 
ATOM   112  C CB  . PRO A 1 15  ? 16.708  -8.067  -5.202  1.00 51.46 ? 1016 PRO A CB  1 
ATOM   113  C CG  . PRO A 1 15  ? 17.673  -8.866  -6.050  1.00 52.29 ? 1016 PRO A CG  1 
ATOM   114  C CD  . PRO A 1 15  ? 16.799  -9.318  -7.170  1.00 52.32 ? 1016 PRO A CD  1 
ATOM   115  N N   . LEU A 1 16  ? 15.327  -4.944  -6.021  1.00 45.14 ? 1017 LEU A N   1 
ATOM   116  C CA  . LEU A 1 16  ? 15.522  -3.496  -6.107  1.00 39.54 ? 1017 LEU A CA  1 
ATOM   117  C C   . LEU A 1 16  ? 15.954  -2.880  -4.780  1.00 37.56 ? 1017 LEU A C   1 
ATOM   118  O O   . LEU A 1 16  ? 16.931  -2.130  -4.729  1.00 33.60 ? 1017 LEU A O   1 
ATOM   119  C CB  . LEU A 1 16  ? 14.231  -2.828  -6.590  1.00 38.17 ? 1017 LEU A CB  1 
ATOM   120  C CG  . LEU A 1 16  ? 14.227  -1.307  -6.726  1.00 37.03 ? 1017 LEU A CG  1 
ATOM   121  C CD1 . LEU A 1 16  ? 15.194  -0.879  -7.813  1.00 39.35 ? 1017 LEU A CD1 1 
ATOM   122  C CD2 . LEU A 1 16  ? 12.827  -0.822  -7.037  1.00 37.86 ? 1017 LEU A CD2 1 
ATOM   123  N N   . GLY A 1 17  ? 15.209  -3.181  -3.720  1.00 36.29 ? 1018 GLY A N   1 
ATOM   124  C CA  . GLY A 1 17  ? 15.537  -2.650  -2.406  1.00 35.29 ? 1018 GLY A CA  1 
ATOM   125  C C   . GLY A 1 17  ? 14.451  -2.893  -1.383  1.00 30.29 ? 1018 GLY A C   1 
ATOM   126  O O   . GLY A 1 17  ? 13.426  -3.481  -1.703  1.00 34.68 ? 1018 GLY A O   1 
ATOM   127  N N   . ARG A 1 18  ? 14.681  -2.453  -0.151  1.00 29.77 ? 1019 ARG A N   1 
ATOM   128  C CA  . ARG A 1 18  ? 13.699  -2.620  0.924   1.00 26.17 ? 1019 ARG A CA  1 
ATOM   129  C C   . ARG A 1 18  ? 13.010  -1.312  1.277   1.00 23.90 ? 1019 ARG A C   1 
ATOM   130  O O   . ARG A 1 18  ? 13.617  -0.236  1.240   1.00 26.31 ? 1019 ARG A O   1 
ATOM   131  C CB  . ARG A 1 18  ? 14.345  -3.196  2.196   1.00 24.92 ? 1019 ARG A CB  1 
ATOM   132  C CG  . ARG A 1 18  ? 13.378  -3.332  3.392   1.00 19.47 ? 1019 ARG A CG  1 
ATOM   133  C CD  . ARG A 1 18  ? 13.992  -4.083  4.564   1.00 22.30 ? 1019 ARG A CD  1 
ATOM   134  N NE  . ARG A 1 18  ? 14.328  -5.465  4.221   1.00 21.62 ? 1019 ARG A NE  1 
ATOM   135  C CZ  . ARG A 1 18  ? 14.323  -6.477  5.086   1.00 23.83 ? 1019 ARG A CZ  1 
ATOM   136  N NH1 . ARG A 1 18  ? 14.001  -6.280  6.364   1.00 24.81 ? 1019 ARG A NH1 1 
ATOM   137  N NH2 . ARG A 1 18  ? 14.605  -7.705  4.663   1.00 26.54 ? 1019 ARG A NH2 1 
ATOM   138  N N   . VAL A 1 19  ? 11.723  -1.422  1.577   1.00 18.17 ? 1020 VAL A N   1 
ATOM   139  C CA  . VAL A 1 19  ? 10.912  -0.295  1.989   1.00 14.91 ? 1020 VAL A CA  1 
ATOM   140  C C   . VAL A 1 19  ? 10.215  -0.749  3.270   1.00 6.77  ? 1020 VAL A C   1 
ATOM   141  O O   . VAL A 1 19  ? 9.584   -1.802  3.301   1.00 10.79 ? 1020 VAL A O   1 
ATOM   142  C CB  . VAL A 1 19  ? 9.839   0.095   0.925   1.00 8.73  ? 1020 VAL A CB  1 
ATOM   143  C CG1 . VAL A 1 19  ? 8.990   1.228   1.441   1.00 15.11 ? 1020 VAL A CG1 1 
ATOM   144  C CG2 . VAL A 1 19  ? 10.496  0.522   -0.353  1.00 16.13 ? 1020 VAL A CG2 1 
ATOM   145  N N   . SER A 1 20  ? 10.391  0.013   4.336   1.00 10.03 ? 1021 SER A N   1 
ATOM   146  C CA  . SER A 1 20  ? 9.769   -0.280  5.614   1.00 7.44  ? 1021 SER A CA  1 
ATOM   147  C C   . SER A 1 20  ? 8.788   0.836   5.957   1.00 6.46  ? 1021 SER A C   1 
ATOM   148  O O   . SER A 1 20  ? 8.981   1.990   5.569   1.00 11.91 ? 1021 SER A O   1 
ATOM   149  C CB  . SER A 1 20  ? 10.811  -0.455  6.729   1.00 7.94  ? 1021 SER A CB  1 
ATOM   150  O OG  . SER A 1 20  ? 11.174  0.780   7.309   1.00 14.61 ? 1021 SER A OG  1 
ATOM   151  N N   . PHE A 1 21  ? 7.760   0.469   6.717   1.00 8.04  ? 1022 PHE A N   1 
ATOM   152  C CA  . PHE A 1 21  ? 6.688   1.358   7.119   1.00 7.28  ? 1022 PHE A CA  1 
ATOM   153  C C   . PHE A 1 21  ? 6.370   1.261   8.595   1.00 9.48  ? 1022 PHE A C   1 
ATOM   154  O O   . PHE A 1 21  ? 6.483   0.202   9.210   1.00 16.39 ? 1022 PHE A O   1 
ATOM   155  C CB  . PHE A 1 21  ? 5.366   0.969   6.408   1.00 10.72 ? 1022 PHE A CB  1 
ATOM   156  C CG  . PHE A 1 21  ? 5.500   0.685   4.939   1.00 7.54  ? 1022 PHE A CG  1 
ATOM   157  C CD1 . PHE A 1 21  ? 5.441   1.724   4.004   1.00 11.96 ? 1022 PHE A CD1 1 
ATOM   158  C CD2 . PHE A 1 21  ? 5.692   -0.620  4.478   1.00 8.34  ? 1022 PHE A CD2 1 
ATOM   159  C CE1 . PHE A 1 21  ? 5.574   1.466   2.630   1.00 6.63  ? 1022 PHE A CE1 1 
ATOM   160  C CE2 . PHE A 1 21  ? 5.826   -0.886  3.113   1.00 8.53  ? 1022 PHE A CE2 1 
ATOM   161  C CZ  . PHE A 1 21  ? 5.767   0.164   2.184   1.00 9.60  ? 1022 PHE A CZ  1 
ATOM   162  N N   . GLU A 1 22  ? 5.898   2.373   9.138   1.00 11.73 ? 1023 GLU A N   1 
ATOM   163  C CA  . GLU A 1 22  ? 5.438   2.435   10.503  1.00 10.04 ? 1023 GLU A CA  1 
ATOM   164  C C   . GLU A 1 22  ? 3.920   2.446   10.353  1.00 17.65 ? 1023 GLU A C   1 
ATOM   165  O O   . GLU A 1 22  ? 3.385   3.210   9.531   1.00 16.73 ? 1023 GLU A O   1 
ATOM   166  C CB  . GLU A 1 22  ? 5.875   3.725   11.180  1.00 14.93 ? 1023 GLU A CB  1 
ATOM   167  C CG  . GLU A 1 22  ? 5.254   3.882   12.570  1.00 17.29 ? 1023 GLU A CG  1 
ATOM   168  C CD  . GLU A 1 22  ? 5.392   5.272   13.145  1.00 15.64 ? 1023 GLU A CD  1 
ATOM   169  O OE1 . GLU A 1 22  ? 6.190   6.072   12.615  1.00 16.63 ? 1023 GLU A OE1 1 
ATOM   170  O OE2 . GLU A 1 22  ? 4.673   5.567   14.126  1.00 20.07 ? 1023 GLU A OE2 1 
ATOM   171  N N   . LEU A 1 23  ? 3.242   1.557   11.072  1.00 16.87 ? 1024 LEU A N   1 
ATOM   172  C CA  . LEU A 1 23  ? 1.787   1.463   11.023  1.00 19.73 ? 1024 LEU A CA  1 
ATOM   173  C C   . LEU A 1 23  ? 1.205   2.039   12.296  1.00 24.12 ? 1024 LEU A C   1 
ATOM   174  O O   . LEU A 1 23  ? 1.480   1.553   13.390  1.00 22.88 ? 1024 LEU A O   1 
ATOM   175  C CB  . LEU A 1 23  ? 1.328   0.017   10.888  1.00 17.19 ? 1024 LEU A CB  1 
ATOM   176  C CG  . LEU A 1 23  ? 2.004   -0.845  9.833   1.00 15.05 ? 1024 LEU A CG  1 
ATOM   177  C CD1 . LEU A 1 23  ? 1.316   -2.189  9.847   1.00 13.98 ? 1024 LEU A CD1 1 
ATOM   178  C CD2 . LEU A 1 23  ? 1.956   -0.185  8.447   1.00 13.90 ? 1024 LEU A CD2 1 
ATOM   179  N N   . PHE A 1 24  ? 0.365   3.054   12.133  1.00 24.96 ? 1025 PHE A N   1 
ATOM   180  C CA  . PHE A 1 24  ? -0.263  3.732   13.256  1.00 27.79 ? 1025 PHE A CA  1 
ATOM   181  C C   . PHE A 1 24  ? -1.428  2.948   13.891  1.00 28.87 ? 1025 PHE A C   1 
ATOM   182  O O   . PHE A 1 24  ? -2.577  3.394   13.858  1.00 29.06 ? 1025 PHE A O   1 
ATOM   183  C CB  . PHE A 1 24  ? -0.730  5.119   12.813  1.00 24.32 ? 1025 PHE A CB  1 
ATOM   184  C CG  . PHE A 1 24  ? 0.263   5.856   11.947  1.00 29.18 ? 1025 PHE A CG  1 
ATOM   185  C CD1 . PHE A 1 24  ? 1.578   6.032   12.355  1.00 25.98 ? 1025 PHE A CD1 1 
ATOM   186  C CD2 . PHE A 1 24  ? -0.126  6.388   10.721  1.00 27.81 ? 1025 PHE A CD2 1 
ATOM   187  C CE1 . PHE A 1 24  ? 2.487   6.725   11.556  1.00 27.61 ? 1025 PHE A CE1 1 
ATOM   188  C CE2 . PHE A 1 24  ? 0.780   7.082   9.921   1.00 21.77 ? 1025 PHE A CE2 1 
ATOM   189  C CZ  . PHE A 1 24  ? 2.086   7.248   10.339  1.00 27.60 ? 1025 PHE A CZ  1 
ATOM   190  N N   . ALA A 1 25  ? -1.118  1.808   14.510  1.00 27.09 ? 1026 ALA A N   1 
ATOM   191  C CA  . ALA A 1 25  ? -2.132  0.969   15.166  1.00 30.00 ? 1026 ALA A CA  1 
ATOM   192  C C   . ALA A 1 25  ? -2.816  1.679   16.338  1.00 28.22 ? 1026 ALA A C   1 
ATOM   193  O O   . ALA A 1 25  ? -3.909  1.306   16.771  1.00 25.93 ? 1026 ALA A O   1 
ATOM   194  C CB  . ALA A 1 25  ? -1.506  -0.334  15.645  1.00 27.79 ? 1026 ALA A CB  1 
ATOM   195  N N   . ASP A 1 26  ? -2.148  2.701   16.852  1.00 29.36 ? 1027 ASP A N   1 
ATOM   196  C CA  . ASP A 1 26  ? -2.657  3.477   17.966  1.00 33.69 ? 1027 ASP A CA  1 
ATOM   197  C C   . ASP A 1 26  ? -3.816  4.381   17.547  1.00 35.96 ? 1027 ASP A C   1 
ATOM   198  O O   . ASP A 1 26  ? -4.690  4.688   18.356  1.00 38.49 ? 1027 ASP A O   1 
ATOM   199  C CB  . ASP A 1 26  ? -1.516  4.284   18.603  1.00 30.36 ? 1027 ASP A CB  1 
ATOM   200  C CG  . ASP A 1 26  ? -0.752  5.134   17.594  1.00 26.44 ? 1027 ASP A CG  1 
ATOM   201  O OD1 . ASP A 1 26  ? -0.670  4.763   16.405  1.00 24.03 ? 1027 ASP A OD1 1 
ATOM   202  O OD2 . ASP A 1 26  ? -0.214  6.180   18.002  1.00 25.15 ? 1027 ASP A OD2 1 
ATOM   203  N N   . LYS A 1 27  ? -3.816  4.804   16.285  1.00 39.74 ? 1028 LYS A N   1 
ATOM   204  C CA  . LYS A 1 27  ? -4.883  5.658   15.750  1.00 41.31 ? 1028 LYS A CA  1 
ATOM   205  C C   . LYS A 1 27  ? -5.826  4.789   14.906  1.00 38.89 ? 1028 LYS A C   1 
ATOM   206  O O   . LYS A 1 27  ? -7.034  4.732   15.149  1.00 34.84 ? 1028 LYS A O   1 
ATOM   207  C CB  . LYS A 1 27  ? -4.287  6.788   14.899  1.00 41.02 ? 1028 LYS A CB  1 
ATOM   208  C CG  . LYS A 1 27  ? -3.261  7.641   15.632  1.00 42.72 ? 1028 LYS A CG  1 
ATOM   209  C CD  . LYS A 1 27  ? -2.329  8.334   14.646  1.00 47.14 ? 1028 LYS A CD  1 
ATOM   210  C CE  . LYS A 1 27  ? -1.121  8.965   15.332  1.00 49.13 ? 1028 LYS A CE  1 
ATOM   211  N NZ  . LYS A 1 27  ? -0.168  9.587   14.358  1.00 44.46 ? 1028 LYS A NZ  1 
ATOM   212  N N   . VAL A 1 28  ? -5.246  4.066   13.957  1.00 35.77 ? 1029 VAL A N   1 
ATOM   213  C CA  . VAL A 1 28  ? -6.009  3.188   13.077  1.00 35.47 ? 1029 VAL A CA  1 
ATOM   214  C C   . VAL A 1 28  ? -5.595  1.715   13.249  1.00 35.58 ? 1029 VAL A C   1 
ATOM   215  O O   . VAL A 1 28  ? -4.864  1.162   12.424  1.00 34.67 ? 1029 VAL A O   1 
ATOM   216  C CB  . VAL A 1 28  ? -5.882  3.645   11.599  1.00 29.54 ? 1029 VAL A CB  1 
ATOM   217  C CG1 . VAL A 1 28  ? -7.036  4.534   11.247  1.00 23.65 ? 1029 VAL A CG1 1 
ATOM   218  C CG2 . VAL A 1 28  ? -4.593  4.414   11.396  1.00 29.52 ? 1029 VAL A CG2 1 
ATOM   219  N N   . PRO A 1 29  ? -6.110  1.058   14.308  1.00 33.69 ? 1030 PRO A N   1 
ATOM   220  C CA  . PRO A 1 29  ? -5.897  -0.331  14.736  1.00 33.37 ? 1030 PRO A CA  1 
ATOM   221  C C   . PRO A 1 29  ? -6.311  -1.439  13.779  1.00 31.83 ? 1030 PRO A C   1 
ATOM   222  O O   . PRO A 1 29  ? -5.492  -2.291  13.431  1.00 28.27 ? 1030 PRO A O   1 
ATOM   223  C CB  . PRO A 1 29  ? -6.709  -0.416  16.032  1.00 37.13 ? 1030 PRO A CB  1 
ATOM   224  C CG  . PRO A 1 29  ? -6.729  1.005   16.527  1.00 37.74 ? 1030 PRO A CG  1 
ATOM   225  C CD  . PRO A 1 29  ? -6.994  1.748   15.265  1.00 35.61 ? 1030 PRO A CD  1 
ATOM   226  N N   . LYS A 1 30  ? -7.593  -1.469  13.416  1.00 31.81 ? 1031 LYS A N   1 
ATOM   227  C CA  . LYS A 1 30  ? -8.114  -2.501  12.513  1.00 32.38 ? 1031 LYS A CA  1 
ATOM   228  C C   . LYS A 1 30  ? -7.436  -2.421  11.151  1.00 27.75 ? 1031 LYS A C   1 
ATOM   229  O O   . LYS A 1 30  ? -7.082  -3.450  10.553  1.00 22.53 ? 1031 LYS A O   1 
ATOM   230  C CB  . LYS A 1 30  ? -9.637  -2.368  12.349  1.00 31.87 ? 1031 LYS A CB  1 
ATOM   231  C CG  . LYS A 1 30  ? -10.289 -3.538  11.604  1.00 34.56 ? 1031 LYS A CG  1 
ATOM   232  C CD  . LYS A 1 30  ? -11.801 -3.366  11.473  1.00 35.50 ? 1031 LYS A CD  1 
ATOM   233  C CE  . LYS A 1 30  ? -12.461 -4.615  10.909  1.00 36.50 ? 1031 LYS A CE  1 
ATOM   234  N NZ  . LYS A 1 30  ? -13.941 -4.486  10.825  1.00 32.96 ? 1031 LYS A NZ  1 
ATOM   235  N N   . THR A 1 31  ? -7.238  -1.181  10.701  1.00 22.09 ? 1032 THR A N   1 
ATOM   236  C CA  . THR A 1 31  ? -6.614  -0.866  9.417   1.00 23.20 ? 1032 THR A CA  1 
ATOM   237  C C   . THR A 1 31  ? -5.113  -1.186  9.462   1.00 21.50 ? 1032 THR A C   1 
ATOM   238  O O   . THR A 1 31  ? -4.579  -1.793  8.532   1.00 19.03 ? 1032 THR A O   1 
ATOM   239  C CB  . THR A 1 31  ? -6.850  0.630   9.038   1.00 22.32 ? 1032 THR A CB  1 
ATOM   240  O OG1 . THR A 1 31  ? -8.259  0.907   9.041   1.00 21.91 ? 1032 THR A OG1 1 
ATOM   241  C CG2 . THR A 1 31  ? -6.297  0.938   7.658   1.00 17.35 ? 1032 THR A CG2 1 
ATOM   242  N N   . ALA A 1 32  ? -4.460  -0.805  10.557  1.00 25.32 ? 1033 ALA A N   1 
ATOM   243  C CA  . ALA A 1 32  ? -3.040  -1.085  10.741  1.00 26.12 ? 1033 ALA A CA  1 
ATOM   244  C C   . ALA A 1 32  ? -2.826  -2.589  10.900  1.00 28.98 ? 1033 ALA A C   1 
ATOM   245  O O   . ALA A 1 32  ? -2.041  -3.174  10.154  1.00 31.47 ? 1033 ALA A O   1 
ATOM   246  C CB  . ALA A 1 32  ? -2.500  -0.341  11.942  1.00 22.41 ? 1033 ALA A CB  1 
ATOM   247  N N   . GLU A 1 33  ? -3.570  -3.229  11.807  1.00 29.90 ? 1034 GLU A N   1 
ATOM   248  C CA  . GLU A 1 33  ? -3.423  -4.671  12.033  1.00 32.36 ? 1034 GLU A CA  1 
ATOM   249  C C   . GLU A 1 33  ? -3.774  -5.479  10.784  1.00 34.16 ? 1034 GLU A C   1 
ATOM   250  O O   . GLU A 1 33  ? -3.376  -6.636  10.642  1.00 36.56 ? 1034 GLU A O   1 
ATOM   251  C CB  . GLU A 1 33  ? -4.274  -5.145  13.227  1.00 38.99 ? 1034 GLU A CB  1 
ATOM   252  C CG  . GLU A 1 33  ? -5.774  -5.284  12.937  1.00 48.99 ? 1034 GLU A CG  1 
ATOM   253  C CD  . GLU A 1 33  ? -6.607  -5.798  14.121  1.00 52.99 ? 1034 GLU A CD  1 
ATOM   254  O OE1 . GLU A 1 33  ? -6.072  -5.927  15.248  1.00 57.79 ? 1034 GLU A OE1 1 
ATOM   255  O OE2 . GLU A 1 33  ? -7.817  -6.064  13.921  1.00 49.74 ? 1034 GLU A OE2 1 
ATOM   256  N N   . ASN A 1 34  ? -4.536  -4.867  9.884   1.00 32.67 ? 1035 ASN A N   1 
ATOM   257  C CA  . ASN A 1 34  ? -4.915  -5.523  8.648   1.00 29.12 ? 1035 ASN A CA  1 
ATOM   258  C C   . ASN A 1 34  ? -3.678  -5.573  7.740   1.00 27.60 ? 1035 ASN A C   1 
ATOM   259  O O   . ASN A 1 34  ? -3.298  -6.636  7.248   1.00 27.41 ? 1035 ASN A O   1 
ATOM   260  C CB  . ASN A 1 34  ? -6.069  -4.751  7.994   1.00 32.71 ? 1035 ASN A CB  1 
ATOM   261  C CG  . ASN A 1 34  ? -6.471  -5.319  6.657   1.00 33.79 ? 1035 ASN A CG  1 
ATOM   262  O OD1 . ASN A 1 34  ? -6.731  -6.513  6.528   1.00 38.74 ? 1035 ASN A OD1 1 
ATOM   263  N ND2 . ASN A 1 34  ? -6.511  -4.466  5.642   1.00 36.81 ? 1035 ASN A ND2 1 
ATOM   264  N N   . PHE A 1 35  ? -3.038  -4.419  7.561   1.00 24.77 ? 1036 PHE A N   1 
ATOM   265  C CA  . PHE A 1 35  ? -1.839  -4.297  6.726   1.00 22.36 ? 1036 PHE A CA  1 
ATOM   266  C C   . PHE A 1 35  ? -0.671  -5.139  7.264   1.00 21.17 ? 1036 PHE A C   1 
ATOM   267  O O   . PHE A 1 35  ? 0.060   -5.775  6.491   1.00 19.94 ? 1036 PHE A O   1 
ATOM   268  C CB  . PHE A 1 35  ? -1.416  -2.835  6.645   1.00 15.09 ? 1036 PHE A CB  1 
ATOM   269  C CG  . PHE A 1 35  ? -0.336  -2.579  5.651   1.00 15.28 ? 1036 PHE A CG  1 
ATOM   270  C CD1 . PHE A 1 35  ? -0.642  -2.408  4.302   1.00 12.29 ? 1036 PHE A CD1 1 
ATOM   271  C CD2 . PHE A 1 35  ? 1.000   -2.510  6.048   1.00 8.99  ? 1036 PHE A CD2 1 
ATOM   272  C CE1 . PHE A 1 35  ? 0.357   -2.172  3.374   1.00 15.68 ? 1036 PHE A CE1 1 
ATOM   273  C CE2 . PHE A 1 35  ? 1.995   -2.276  5.129   1.00 13.49 ? 1036 PHE A CE2 1 
ATOM   274  C CZ  . PHE A 1 35  ? 1.679   -2.103  3.779   1.00 12.20 ? 1036 PHE A CZ  1 
ATOM   275  N N   . ARG A 1 36  ? -0.514  -5.095  8.588   1.00 19.15 ? 1037 ARG A N   1 
ATOM   276  C CA  . ARG A 1 36  ? 0.507   -5.821  9.353   1.00 21.15 ? 1037 ARG A CA  1 
ATOM   277  C C   . ARG A 1 36  ? 0.390   -7.334  9.134   1.00 20.66 ? 1037 ARG A C   1 
ATOM   278  O O   . ARG A 1 36  ? 1.362   -8.012  8.797   1.00 20.86 ? 1037 ARG A O   1 
ATOM   279  C CB  . ARG A 1 36  ? 0.307   -5.506  10.839  1.00 23.73 ? 1037 ARG A CB  1 
ATOM   280  C CG  . ARG A 1 36  ? 1.398   -6.015  11.766  1.00 26.71 ? 1037 ARG A CG  1 
ATOM   281  C CD  . ARG A 1 36  ? 0.901   -6.059  13.209  1.00 27.57 ? 1037 ARG A CD  1 
ATOM   282  N NE  . ARG A 1 36  ? -0.179  -7.031  13.359  1.00 31.84 ? 1037 ARG A NE  1 
ATOM   283  C CZ  . ARG A 1 36  ? -0.004  -8.347  13.300  1.00 28.11 ? 1037 ARG A CZ  1 
ATOM   284  N NH1 . ARG A 1 36  ? 1.214   -8.840  13.151  1.00 33.51 ? 1037 ARG A NH1 1 
ATOM   285  N NH2 . ARG A 1 36  ? -1.036  -9.172  13.427  1.00 33.98 ? 1037 ARG A NH2 1 
ATOM   286  N N   . ALA A 1 37  ? -0.827  -7.844  9.308   1.00 22.51 ? 1038 ALA A N   1 
ATOM   287  C CA  . ALA A 1 37  ? -1.117  -9.260  9.147   1.00 21.28 ? 1038 ALA A CA  1 
ATOM   288  C C   . ALA A 1 37  ? -0.997  -9.742  7.707   1.00 23.49 ? 1038 ALA A C   1 
ATOM   289  O O   . ALA A 1 37  ? -0.764  -10.924 7.469   1.00 21.65 ? 1038 ALA A O   1 
ATOM   290  C CB  . ALA A 1 37  ? -2.504  -9.578  9.706   1.00 23.24 ? 1038 ALA A CB  1 
ATOM   291  N N   . LEU A 1 38  ? -1.129  -8.820  6.747   1.00 22.99 ? 1039 LEU A N   1 
ATOM   292  C CA  . LEU A 1 38  ? -1.033  -9.158  5.328   1.00 21.26 ? 1039 LEU A CA  1 
ATOM   293  C C   . LEU A 1 38  ? 0.401   -9.053  4.820   1.00 19.25 ? 1039 LEU A C   1 
ATOM   294  O O   . LEU A 1 38  ? 0.763   -9.663  3.807   1.00 21.72 ? 1039 LEU A O   1 
ATOM   295  C CB  . LEU A 1 38  ? -1.955  -8.244  4.499   1.00 27.32 ? 1039 LEU A CB  1 
ATOM   296  C CG  . LEU A 1 38  ? -3.476  -8.322  4.699   1.00 28.34 ? 1039 LEU A CG  1 
ATOM   297  C CD1 . LEU A 1 38  ? -4.161  -7.183  3.969   1.00 28.77 ? 1039 LEU A CD1 1 
ATOM   298  C CD2 . LEU A 1 38  ? -4.012  -9.664  4.220   1.00 32.75 ? 1039 LEU A CD2 1 
ATOM   299  N N   . SER A 1 39  ? 1.204   -8.244  5.508   1.00 18.56 ? 1040 SER A N   1 
ATOM   300  C CA  . SER A 1 39  ? 2.606   -8.041  5.148   1.00 18.19 ? 1040 SER A CA  1 
ATOM   301  C C   . SER A 1 39  ? 3.423   -9.267  5.555   1.00 17.46 ? 1040 SER A C   1 
ATOM   302  O O   . SER A 1 39  ? 4.308   -9.713  4.825   1.00 15.36 ? 1040 SER A O   1 
ATOM   303  C CB  . SER A 1 39  ? 3.141   -6.787  5.834   1.00 19.07 ? 1040 SER A CB  1 
ATOM   304  O OG  . SER A 1 39  ? 2.391   -5.649  5.450   1.00 15.69 ? 1040 SER A OG  1 
ATOM   305  N N   . THR A 1 40  ? 3.055   -9.848  6.690   1.00 11.52 ? 1041 THR A N   1 
ATOM   306  C CA  . THR A 1 40  ? 3.732   -11.031 7.191   1.00 24.03 ? 1041 THR A CA  1 
ATOM   307  C C   . THR A 1 40  ? 3.211   -12.239 6.430   1.00 26.57 ? 1041 THR A C   1 
ATOM   308  O O   . THR A 1 40  ? 3.967   -12.935 5.751   1.00 29.89 ? 1041 THR A O   1 
ATOM   309  C CB  . THR A 1 40  ? 3.490   -11.225 8.706   1.00 26.13 ? 1041 THR A CB  1 
ATOM   310  O OG1 . THR A 1 40  ? 2.094   -11.427 8.957   1.00 28.32 ? 1041 THR A OG1 1 
ATOM   311  C CG2 . THR A 1 40  ? 3.982   -10.006 9.481   1.00 20.68 ? 1041 THR A CG2 1 
ATOM   312  N N   . GLY A 1 41  ? 1.894   -12.421 6.486   1.00 30.40 ? 1042 GLY A N   1 
ATOM   313  C CA  . GLY A 1 41  ? 1.257   -13.534 5.814   1.00 36.03 ? 1042 GLY A CA  1 
ATOM   314  C C   . GLY A 1 41  ? 0.608   -14.441 6.841   1.00 37.24 ? 1042 GLY A C   1 
ATOM   315  O O   . GLY A 1 41  ? 0.427   -15.636 6.598   1.00 39.85 ? 1042 GLY A O   1 
ATOM   316  N N   . GLU A 1 42  ? 0.235   -13.849 7.978   1.00 36.70 ? 1043 GLU A N   1 
ATOM   317  C CA  . GLU A 1 42  ? -0.391  -14.551 9.101   1.00 37.82 ? 1043 GLU A CA  1 
ATOM   318  C C   . GLU A 1 42  ? -1.669  -15.322 8.794   1.00 38.98 ? 1043 GLU A C   1 
ATOM   319  O O   . GLU A 1 42  ? -2.358  -15.751 9.725   1.00 43.50 ? 1043 GLU A O   1 
ATOM   320  C CB  . GLU A 1 42  ? -0.732  -13.570 10.222  1.00 37.55 ? 1043 GLU A CB  1 
ATOM   321  C CG  . GLU A 1 42  ? 0.397   -13.132 11.125  1.00 37.24 ? 1043 GLU A CG  1 
ATOM   322  C CD  . GLU A 1 42  ? -0.107  -12.224 12.240  1.00 39.97 ? 1043 GLU A CD  1 
ATOM   323  O OE1 . GLU A 1 42  ? -1.251  -12.418 12.699  1.00 37.67 ? 1043 GLU A OE1 1 
ATOM   324  O OE2 . GLU A 1 42  ? 0.633   -11.311 12.653  1.00 40.75 ? 1043 GLU A OE2 1 
ATOM   325  N N   . LYS A 1 43  ? -2.021  -15.460 7.519   1.00 34.92 ? 1044 LYS A N   1 
ATOM   326  C CA  . LYS A 1 43  ? -3.238  -16.177 7.160   1.00 32.47 ? 1044 LYS A CA  1 
ATOM   327  C C   . LYS A 1 43  ? -3.206  -16.972 5.853   1.00 30.93 ? 1044 LYS A C   1 
ATOM   328  O O   . LYS A 1 43  ? -4.222  -17.526 5.439   1.00 34.77 ? 1044 LYS A O   1 
ATOM   329  C CB  . LYS A 1 43  ? -4.444  -15.232 7.189   1.00 31.52 ? 1044 LYS A CB  1 
ATOM   330  C CG  . LYS A 1 43  ? -5.085  -15.059 8.561   1.00 26.83 ? 1044 LYS A CG  1 
ATOM   331  C CD  . LYS A 1 43  ? -4.827  -13.678 9.152   1.00 26.22 ? 1044 LYS A CD  1 
ATOM   332  C CE  . LYS A 1 43  ? -5.597  -13.495 10.458  1.00 27.54 ? 1044 LYS A CE  1 
ATOM   333  N NZ  . LYS A 1 43  ? -5.509  -12.116 11.031  1.00 28.22 ? 1044 LYS A NZ  1 
ATOM   334  N N   . GLY A 1 44  ? -2.049  -17.047 5.206   1.00 30.80 ? 1045 GLY A N   1 
ATOM   335  C CA  . GLY A 1 44  ? -1.955  -17.815 3.975   1.00 31.71 ? 1045 GLY A CA  1 
ATOM   336  C C   . GLY A 1 44  ? -2.021  -17.074 2.652   1.00 32.71 ? 1045 GLY A C   1 
ATOM   337  O O   . GLY A 1 44  ? -1.635  -17.629 1.617   1.00 32.25 ? 1045 GLY A O   1 
ATOM   338  N N   . PHE A 1 45  ? -2.556  -15.856 2.661   1.00 33.03 ? 1046 PHE A N   1 
ATOM   339  C CA  . PHE A 1 45  ? -2.638  -15.066 1.437   1.00 32.94 ? 1046 PHE A CA  1 
ATOM   340  C C   . PHE A 1 45  ? -1.592  -13.950 1.462   1.00 35.01 ? 1046 PHE A C   1 
ATOM   341  O O   . PHE A 1 45  ? -0.418  -14.203 1.179   1.00 38.94 ? 1046 PHE A O   1 
ATOM   342  C CB  . PHE A 1 45  ? -4.066  -14.533 1.185   1.00 29.08 ? 1046 PHE A CB  1 
ATOM   343  C CG  . PHE A 1 45  ? -4.946  -14.469 2.411   1.00 22.02 ? 1046 PHE A CG  1 
ATOM   344  C CD1 . PHE A 1 45  ? -5.518  -15.620 2.938   1.00 21.91 ? 1046 PHE A CD1 1 
ATOM   345  C CD2 . PHE A 1 45  ? -5.255  -13.244 3.000   1.00 24.17 ? 1046 PHE A CD2 1 
ATOM   346  C CE1 . PHE A 1 45  ? -6.392  -15.554 4.042   1.00 19.19 ? 1046 PHE A CE1 1 
ATOM   347  C CE2 . PHE A 1 45  ? -6.127  -13.165 4.101   1.00 17.84 ? 1046 PHE A CE2 1 
ATOM   348  C CZ  . PHE A 1 45  ? -6.693  -14.317 4.619   1.00 20.62 ? 1046 PHE A CZ  1 
ATOM   349  N N   . GLY A 1 46  ? -2.021  -12.723 1.745   1.00 35.42 ? 1047 GLY A N   1 
ATOM   350  C CA  . GLY A 1 46  ? -1.101  -11.598 1.853   1.00 27.02 ? 1047 GLY A CA  1 
ATOM   351  C C   . GLY A 1 46  ? -0.358  -10.991 0.678   1.00 26.27 ? 1047 GLY A C   1 
ATOM   352  O O   . GLY A 1 46  ? -0.401  -11.471 -0.457  1.00 23.57 ? 1047 GLY A O   1 
ATOM   353  N N   . TYR A 1 47  ? 0.410   -9.958  1.009   1.00 24.34 ? 1048 TYR A N   1 
ATOM   354  C CA  . TYR A 1 47  ? 1.188   -9.192  0.047   1.00 26.99 ? 1048 TYR A CA  1 
ATOM   355  C C   . TYR A 1 47  ? 2.403   -9.882  -0.584  1.00 31.80 ? 1048 TYR A C   1 
ATOM   356  O O   . TYR A 1 47  ? 2.978   -9.360  -1.547  1.00 30.44 ? 1048 TYR A O   1 
ATOM   357  C CB  . TYR A 1 47  ? 1.620   -7.859  0.674   1.00 23.50 ? 1048 TYR A CB  1 
ATOM   358  C CG  . TYR A 1 47  ? 0.486   -7.022  1.238   1.00 21.08 ? 1048 TYR A CG  1 
ATOM   359  C CD1 . TYR A 1 47  ? -0.678  -6.798  0.498   1.00 15.48 ? 1048 TYR A CD1 1 
ATOM   360  C CD2 . TYR A 1 47  ? 0.599   -6.407  2.492   1.00 14.96 ? 1048 TYR A CD2 1 
ATOM   361  C CE1 . TYR A 1 47  ? -1.692  -5.981  0.985   1.00 11.23 ? 1048 TYR A CE1 1 
ATOM   362  C CE2 . TYR A 1 47  ? -0.410  -5.585  2.990   1.00 13.21 ? 1048 TYR A CE2 1 
ATOM   363  C CZ  . TYR A 1 47  ? -1.558  -5.369  2.221   1.00 17.30 ? 1048 TYR A CZ  1 
ATOM   364  O OH  . TYR A 1 47  ? -2.538  -4.509  2.658   1.00 12.92 ? 1048 TYR A OH  1 
ATOM   365  N N   . LYS A 1 48  ? 2.804   -11.045 -0.074  1.00 37.58 ? 1049 LYS A N   1 
ATOM   366  C CA  . LYS A 1 48  ? 3.961   -11.715 -0.665  1.00 39.47 ? 1049 LYS A CA  1 
ATOM   367  C C   . LYS A 1 48  ? 3.657   -12.200 -2.083  1.00 39.53 ? 1049 LYS A C   1 
ATOM   368  O O   . LYS A 1 48  ? 2.610   -12.799 -2.342  1.00 39.78 ? 1049 LYS A O   1 
ATOM   369  C CB  . LYS A 1 48  ? 4.471   -12.853 0.223   1.00 41.65 ? 1049 LYS A CB  1 
ATOM   370  C CG  . LYS A 1 48  ? 5.732   -13.536 -0.309  1.00 42.71 ? 1049 LYS A CG  1 
ATOM   371  C CD  . LYS A 1 48  ? 6.555   -14.218 0.787   1.00 44.17 ? 1049 LYS A CD  1 
ATOM   372  C CE  . LYS A 1 48  ? 5.736   -15.166 1.664   1.00 46.84 ? 1049 LYS A CE  1 
ATOM   373  N NZ  . LYS A 1 48  ? 4.958   -14.470 2.738   1.00 46.31 ? 1049 LYS A NZ  1 
ATOM   374  N N   . GLY A 1 49  ? 4.554   -11.870 -3.007  1.00 41.49 ? 1050 GLY A N   1 
ATOM   375  C CA  . GLY A 1 49  ? 4.373   -12.261 -4.394  1.00 40.33 ? 1050 GLY A CA  1 
ATOM   376  C C   . GLY A 1 49  ? 3.556   -11.270 -5.207  1.00 38.52 ? 1050 GLY A C   1 
ATOM   377  O O   . GLY A 1 49  ? 3.778   -11.140 -6.412  1.00 37.09 ? 1050 GLY A O   1 
ATOM   378  N N   . SER A 1 50  ? 2.631   -10.561 -4.557  1.00 37.02 ? 1051 SER A N   1 
ATOM   379  C CA  . SER A 1 50  ? 1.776   -9.576  -5.236  1.00 33.42 ? 1051 SER A CA  1 
ATOM   380  C C   . SER A 1 50  ? 2.579   -8.402  -5.808  1.00 30.96 ? 1051 SER A C   1 
ATOM   381  O O   . SER A 1 50  ? 3.733   -8.184  -5.427  1.00 29.72 ? 1051 SER A O   1 
ATOM   382  C CB  . SER A 1 50  ? 0.676   -9.070  -4.292  1.00 35.10 ? 1051 SER A CB  1 
ATOM   383  O OG  . SER A 1 50  ? 1.177   -8.173  -3.312  1.00 34.39 ? 1051 SER A OG  1 
ATOM   384  N N   . CYS A 1 51  ? 1.979   -7.645  -6.727  1.00 24.38 ? 1052 CYS A N   1 
ATOM   385  C CA  . CYS A 1 51  ? 2.692   -6.527  -7.336  1.00 20.59 ? 1052 CYS A CA  1 
ATOM   386  C C   . CYS A 1 51  ? 1.987   -5.177  -7.272  1.00 15.41 ? 1052 CYS A C   1 
ATOM   387  O O   . CYS A 1 51  ? 0.892   -5.048  -6.736  1.00 13.40 ? 1052 CYS A O   1 
ATOM   388  C CB  . CYS A 1 51  ? 3.030   -6.844  -8.797  1.00 21.42 ? 1052 CYS A CB  1 
ATOM   389  S SG  . CYS A 1 51  ? 1.618   -6.907  -9.951  1.00 35.22 ? 1052 CYS A SG  1 
ATOM   390  N N   . PHE A 1 52  ? 2.673   -4.161  -7.774  1.00 13.84 ? 1053 PHE A N   1 
ATOM   391  C CA  . PHE A 1 52  ? 2.121   -2.829  -7.830  1.00 16.56 ? 1053 PHE A CA  1 
ATOM   392  C C   . PHE A 1 52  ? 1.546   -2.654  -9.235  1.00 15.17 ? 1053 PHE A C   1 
ATOM   393  O O   . PHE A 1 52  ? 2.249   -2.255  -10.159 1.00 17.22 ? 1053 PHE A O   1 
ATOM   394  C CB  . PHE A 1 52  ? 3.210   -1.801  -7.532  1.00 18.66 ? 1053 PHE A CB  1 
ATOM   395  C CG  . PHE A 1 52  ? 3.613   -1.764  -6.085  1.00 21.41 ? 1053 PHE A CG  1 
ATOM   396  C CD1 . PHE A 1 52  ? 4.447   -2.750  -5.551  1.00 21.41 ? 1053 PHE A CD1 1 
ATOM   397  C CD2 . PHE A 1 52  ? 3.120   -0.770  -5.246  1.00 14.89 ? 1053 PHE A CD2 1 
ATOM   398  C CE1 . PHE A 1 52  ? 4.774   -2.740  -4.191  1.00 23.03 ? 1053 PHE A CE1 1 
ATOM   399  C CE2 . PHE A 1 52  ? 3.437   -0.748  -3.899  1.00 20.42 ? 1053 PHE A CE2 1 
ATOM   400  C CZ  . PHE A 1 52  ? 4.266   -1.738  -3.364  1.00 24.89 ? 1053 PHE A CZ  1 
ATOM   401  N N   . HIS A 1 53  ? 0.267   -2.990  -9.383  1.00 17.16 ? 1054 HIS A N   1 
ATOM   402  C CA  . HIS A 1 53  ? -0.432  -2.912  -10.671 1.00 19.00 ? 1054 HIS A CA  1 
ATOM   403  C C   . HIS A 1 53  ? -0.637  -1.494  -11.176 1.00 20.79 ? 1054 HIS A C   1 
ATOM   404  O O   . HIS A 1 53  ? -0.672  -1.251  -12.390 1.00 20.45 ? 1054 HIS A O   1 
ATOM   405  C CB  . HIS A 1 53  ? -1.789  -3.612  -10.579 1.00 15.17 ? 1054 HIS A CB  1 
ATOM   406  C CG  . HIS A 1 53  ? -2.614  -3.170  -9.409  1.00 16.57 ? 1054 HIS A CG  1 
ATOM   407  N ND1 . HIS A 1 53  ? -2.490  -3.734  -8.158  1.00 20.39 ? 1054 HIS A ND1 1 
ATOM   408  C CD2 . HIS A 1 53  ? -3.525  -2.176  -9.283  1.00 14.31 ? 1054 HIS A CD2 1 
ATOM   409  C CE1 . HIS A 1 53  ? -3.282  -3.103  -7.312  1.00 16.54 ? 1054 HIS A CE1 1 
ATOM   410  N NE2 . HIS A 1 53  ? -3.918  -2.153  -7.967  1.00 18.90 ? 1054 HIS A NE2 1 
ATOM   411  N N   . ARG A 1 54  ? -0.737  -0.556  -10.241 1.00 17.94 ? 1055 ARG A N   1 
ATOM   412  C CA  . ARG A 1 54  ? -0.968  0.834   -10.591 1.00 16.60 ? 1055 ARG A CA  1 
ATOM   413  C C   . ARG A 1 54  ? 0.089   1.770   -10.018 1.00 16.21 ? 1055 ARG A C   1 
ATOM   414  O O   . ARG A 1 54  ? 0.176   1.919   -8.802  1.00 17.12 ? 1055 ARG A O   1 
ATOM   415  C CB  . ARG A 1 54  ? -2.355  1.242   -10.086 1.00 11.33 ? 1055 ARG A CB  1 
ATOM   416  C CG  . ARG A 1 54  ? -3.032  2.309   -10.909 1.00 12.82 ? 1055 ARG A CG  1 
ATOM   417  C CD  . ARG A 1 54  ? -4.483  2.492   -10.489 1.00 12.54 ? 1055 ARG A CD  1 
ATOM   418  N NE  . ARG A 1 54  ? -4.942  3.835   -10.828 1.00 12.58 ? 1055 ARG A NE  1 
ATOM   419  C CZ  . ARG A 1 54  ? -5.183  4.800   -9.946  1.00 12.46 ? 1055 ARG A CZ  1 
ATOM   420  N NH1 . ARG A 1 54  ? -5.033  4.579   -8.643  1.00 12.95 ? 1055 ARG A NH1 1 
ATOM   421  N NH2 . ARG A 1 54  ? -5.502  6.021   -10.372 1.00 7.77  ? 1055 ARG A NH2 1 
ATOM   422  N N   . ILE A 1 55  ? 0.888   2.388   -10.894 1.00 15.78 ? 1056 ILE A N   1 
ATOM   423  C CA  . ILE A 1 55  ? 1.929   3.331   -10.484 1.00 14.42 ? 1056 ILE A CA  1 
ATOM   424  C C   . ILE A 1 55  ? 1.883   4.594   -11.331 1.00 15.65 ? 1056 ILE A C   1 
ATOM   425  O O   . ILE A 1 55  ? 2.079   4.551   -12.546 1.00 19.61 ? 1056 ILE A O   1 
ATOM   426  C CB  . ILE A 1 55  ? 3.368   2.729   -10.570 1.00 14.32 ? 1056 ILE A CB  1 
ATOM   427  C CG1 . ILE A 1 55  ? 3.540   1.584   -9.573  1.00 14.17 ? 1056 ILE A CG1 1 
ATOM   428  C CG2 . ILE A 1 55  ? 4.409   3.801   -10.262 1.00 18.69 ? 1056 ILE A CG2 1 
ATOM   429  C CD1 . ILE A 1 55  ? 4.864   0.829   -9.718  1.00 12.79 ? 1056 ILE A CD1 1 
ATOM   430  N N   . ILE A 1 56  ? 1.646   5.724   -10.674 1.00 20.20 ? 1057 ILE A N   1 
ATOM   431  C CA  . ILE A 1 56  ? 1.576   7.015   -11.347 1.00 19.12 ? 1057 ILE A CA  1 
ATOM   432  C C   . ILE A 1 56  ? 2.584   8.005   -10.761 1.00 15.14 ? 1057 ILE A C   1 
ATOM   433  O O   . ILE A 1 56  ? 2.418   8.514   -9.643  1.00 16.97 ? 1057 ILE A O   1 
ATOM   434  C CB  . ILE A 1 56  ? 0.142   7.605   -11.295 1.00 19.83 ? 1057 ILE A CB  1 
ATOM   435  C CG1 . ILE A 1 56  ? -0.855  6.608   -11.912 1.00 20.96 ? 1057 ILE A CG1 1 
ATOM   436  C CG2 . ILE A 1 56  ? 0.106   8.949   -12.020 1.00 11.06 ? 1057 ILE A CG2 1 
ATOM   437  C CD1 . ILE A 1 56  ? -2.315  7.067   -11.909 1.00 23.19 ? 1057 ILE A CD1 1 
ATOM   438  N N   . PRO A 1 57  ? 3.682   8.238   -11.483 1.00 17.53 ? 1058 PRO A N   1 
ATOM   439  C CA  . PRO A 1 57  ? 4.748   9.160   -11.068 1.00 16.35 ? 1058 PRO A CA  1 
ATOM   440  C C   . PRO A 1 57  ? 4.281   10.558  -10.637 1.00 16.39 ? 1058 PRO A C   1 
ATOM   441  O O   . PRO A 1 57  ? 3.593   11.265  -11.375 1.00 15.42 ? 1058 PRO A O   1 
ATOM   442  C CB  . PRO A 1 57  ? 5.650   9.179   -12.291 1.00 19.61 ? 1058 PRO A CB  1 
ATOM   443  C CG  . PRO A 1 57  ? 5.571   7.751   -12.755 1.00 22.11 ? 1058 PRO A CG  1 
ATOM   444  C CD  . PRO A 1 57  ? 4.098   7.457   -12.666 1.00 20.48 ? 1058 PRO A CD  1 
ATOM   445  N N   . GLY A 1 58  ? 4.653   10.932  -9.417  1.00 16.57 ? 1059 GLY A N   1 
ATOM   446  C CA  . GLY A 1 58  ? 4.272   12.211  -8.860  1.00 16.24 ? 1059 GLY A CA  1 
ATOM   447  C C   . GLY A 1 58  ? 2.995   12.091  -8.052  1.00 14.42 ? 1059 GLY A C   1 
ATOM   448  O O   . GLY A 1 58  ? 2.600   13.029  -7.370  1.00 19.99 ? 1059 GLY A O   1 
ATOM   449  N N   . PHE A 1 59  ? 2.386   10.908  -8.088  1.00 12.59 ? 1060 PHE A N   1 
ATOM   450  C CA  . PHE A 1 59  ? 1.145   10.650  -7.383  1.00 13.06 ? 1060 PHE A CA  1 
ATOM   451  C C   . PHE A 1 59  ? 1.301   9.525   -6.356  1.00 14.57 ? 1060 PHE A C   1 
ATOM   452  O O   . PHE A 1 59  ? 1.489   9.797   -5.160  1.00 9.39  ? 1060 PHE A O   1 
ATOM   453  C CB  . PHE A 1 59  ? 0.054   10.346  -8.425  1.00 13.32 ? 1060 PHE A CB  1 
ATOM   454  C CG  . PHE A 1 59  ? -1.308  10.034  -7.848  1.00 10.28 ? 1060 PHE A CG  1 
ATOM   455  C CD1 . PHE A 1 59  ? -1.783  10.671  -6.711  1.00 11.06 ? 1060 PHE A CD1 1 
ATOM   456  C CD2 . PHE A 1 59  ? -2.122  9.100   -8.471  1.00 8.75  ? 1060 PHE A CD2 1 
ATOM   457  C CE1 . PHE A 1 59  ? -3.053  10.373  -6.208  1.00 13.83 ? 1060 PHE A CE1 1 
ATOM   458  C CE2 . PHE A 1 59  ? -3.384  8.809   -7.970  1.00 10.26 ? 1060 PHE A CE2 1 
ATOM   459  C CZ  . PHE A 1 59  ? -3.846  9.444   -6.842  1.00 4.43  ? 1060 PHE A CZ  1 
ATOM   460  N N   . MET A 1 60  ? 1.286   8.278   -6.825  1.00 13.26 ? 1061 MET A N   1 
ATOM   461  C CA  . MET A 1 60  ? 1.393   7.123   -5.934  1.00 8.66  ? 1061 MET A CA  1 
ATOM   462  C C   . MET A 1 60  ? 1.712   5.800   -6.613  1.00 11.40 ? 1061 MET A C   1 
ATOM   463  O O   . MET A 1 60  ? 1.869   5.739   -7.833  1.00 12.57 ? 1061 MET A O   1 
ATOM   464  C CB  . MET A 1 60  ? 0.134   7.011   -5.066  1.00 10.81 ? 1061 MET A CB  1 
ATOM   465  C CG  . MET A 1 60  ? -1.207  6.815   -5.816  1.00 12.94 ? 1061 MET A CG  1 
ATOM   466  S SD  . MET A 1 60  ? -1.490  5.137   -6.346  1.00 10.33 ? 1061 MET A SD  1 
ATOM   467  C CE  . MET A 1 60  ? -1.513  5.296   -8.057  1.00 9.71  ? 1061 MET A CE  1 
ATOM   468  N N   . CYS A 1 61  ? 1.942   4.779   -5.776  1.00 16.03 ? 1062 CYS A N   1 
ATOM   469  C CA  . CYS A 1 61  ? 2.226   3.405   -6.190  1.00 11.00 ? 1062 CYS A CA  1 
ATOM   470  C C   . CYS A 1 61  ? 1.184   2.606   -5.430  1.00 11.22 ? 1062 CYS A C   1 
ATOM   471  O O   . CYS A 1 61  ? 1.145   2.634   -4.199  1.00 11.46 ? 1062 CYS A O   1 
ATOM   472  C CB  . CYS A 1 61  ? 3.633   2.948   -5.746  1.00 10.41 ? 1062 CYS A CB  1 
ATOM   473  S SG  . CYS A 1 61  ? 5.024   3.857   -6.408  1.00 19.19 ? 1062 CYS A SG  1 
ATOM   474  N N   . GLN A 1 62  ? 0.308   1.932   -6.167  1.00 10.45 ? 1063 GLN A N   1 
ATOM   475  C CA  . GLN A 1 62  ? -0.768  1.148   -5.588  1.00 9.31  ? 1063 GLN A CA  1 
ATOM   476  C C   . GLN A 1 62  ? -0.552  -0.361  -5.762  1.00 8.43  ? 1063 GLN A C   1 
ATOM   477  O O   . GLN A 1 62  ? -0.199  -0.837  -6.851  1.00 13.61 ? 1063 GLN A O   1 
ATOM   478  C CB  . GLN A 1 62  ? -2.104  1.572   -6.229  1.00 11.25 ? 1063 GLN A CB  1 
ATOM   479  C CG  . GLN A 1 62  ? -3.371  0.897   -5.678  1.00 13.81 ? 1063 GLN A CG  1 
ATOM   480  C CD  . GLN A 1 62  ? -4.610  1.266   -6.491  1.00 12.26 ? 1063 GLN A CD  1 
ATOM   481  O OE1 . GLN A 1 62  ? -4.555  2.160   -7.320  1.00 9.98  ? 1063 GLN A OE1 1 
ATOM   482  N NE2 . GLN A 1 62  ? -5.711  0.549   -6.273  1.00 13.96 ? 1063 GLN A NE2 1 
ATOM   483  N N   . GLY A 1 63  ? -0.718  -1.090  -4.664  1.00 7.52  ? 1064 GLY A N   1 
ATOM   484  C CA  . GLY A 1 63  ? -0.581  -2.532  -4.659  1.00 9.37  ? 1064 GLY A CA  1 
ATOM   485  C C   . GLY A 1 63  ? -1.603  -3.106  -3.690  1.00 11.00 ? 1064 GLY A C   1 
ATOM   486  O O   . GLY A 1 63  ? -2.561  -2.425  -3.320  1.00 14.40 ? 1064 GLY A O   1 
ATOM   487  N N   . GLY A 1 64  ? -1.432  -4.357  -3.282  1.00 8.11  ? 1065 GLY A N   1 
ATOM   488  C CA  . GLY A 1 64  ? -2.375  -4.939  -2.343  1.00 8.46  ? 1065 GLY A CA  1 
ATOM   489  C C   . GLY A 1 64  ? -3.392  -5.933  -2.912  1.00 8.50  ? 1065 GLY A C   1 
ATOM   490  O O   . GLY A 1 64  ? -4.016  -6.686  -2.177  1.00 15.08 ? 1065 GLY A O   1 
ATOM   491  N N   . ASP A 1 65  ? -3.582  -5.911  -4.222  1.00 19.47 ? 1066 ASP A N   1 
ATOM   492  C CA  . ASP A 1 65  ? -4.538  -6.800  -4.856  1.00 22.53 ? 1066 ASP A CA  1 
ATOM   493  C C   . ASP A 1 65  ? -3.810  -8.112  -5.117  1.00 20.62 ? 1066 ASP A C   1 
ATOM   494  O O   . ASP A 1 65  ? -3.251  -8.328  -6.191  1.00 19.32 ? 1066 ASP A O   1 
ATOM   495  C CB  . ASP A 1 65  ? -5.044  -6.159  -6.158  1.00 25.62 ? 1066 ASP A CB  1 
ATOM   496  C CG  . ASP A 1 65  ? -6.259  -6.867  -6.743  1.00 33.39 ? 1066 ASP A CG  1 
ATOM   497  O OD1 . ASP A 1 65  ? -7.050  -7.481  -5.990  1.00 31.94 ? 1066 ASP A OD1 1 
ATOM   498  O OD2 . ASP A 1 65  ? -6.432  -6.785  -7.975  1.00 31.34 ? 1066 ASP A OD2 1 
ATOM   499  N N   . PHE A 1 66  ? -3.764  -8.964  -4.100  1.00 23.44 ? 1067 PHE A N   1 
ATOM   500  C CA  . PHE A 1 66  ? -3.072  -10.234 -4.253  1.00 27.49 ? 1067 PHE A CA  1 
ATOM   501  C C   . PHE A 1 66  ? -3.872  -11.310 -4.988  1.00 30.37 ? 1067 PHE A C   1 
ATOM   502  O O   . PHE A 1 66  ? -3.279  -12.205 -5.612  1.00 24.13 ? 1067 PHE A O   1 
ATOM   503  C CB  . PHE A 1 66  ? -2.543  -10.742 -2.903  1.00 23.25 ? 1067 PHE A CB  1 
ATOM   504  C CG  . PHE A 1 66  ? -3.554  -10.726 -1.798  1.00 24.50 ? 1067 PHE A CG  1 
ATOM   505  C CD1 . PHE A 1 66  ? -4.498  -11.740 -1.685  1.00 23.03 ? 1067 PHE A CD1 1 
ATOM   506  C CD2 . PHE A 1 66  ? -3.537  -9.718  -0.844  1.00 22.34 ? 1067 PHE A CD2 1 
ATOM   507  C CE1 . PHE A 1 66  ? -5.406  -11.752 -0.645  1.00 13.71 ? 1067 PHE A CE1 1 
ATOM   508  C CE2 . PHE A 1 66  ? -4.438  -9.721  0.200   1.00 20.64 ? 1067 PHE A CE2 1 
ATOM   509  C CZ  . PHE A 1 66  ? -5.378  -10.743 0.300   1.00 20.72 ? 1067 PHE A CZ  1 
ATOM   510  N N   . THR A 1 67  ? -5.204  -11.168 -4.965  1.00 33.05 ? 1068 THR A N   1 
ATOM   511  C CA  . THR A 1 67  ? -6.139  -12.106 -5.609  1.00 35.02 ? 1068 THR A CA  1 
ATOM   512  C C   . THR A 1 67  ? -6.325  -11.887 -7.120  1.00 37.61 ? 1068 THR A C   1 
ATOM   513  O O   . THR A 1 67  ? -6.300  -12.850 -7.897  1.00 37.86 ? 1068 THR A O   1 
ATOM   514  C CB  . THR A 1 67  ? -7.550  -12.058 -4.953  1.00 31.44 ? 1068 THR A CB  1 
ATOM   515  O OG1 . THR A 1 67  ? -8.158  -10.791 -5.219  1.00 32.48 ? 1068 THR A OG1 1 
ATOM   516  C CG2 . THR A 1 67  ? -7.476  -12.253 -3.443  1.00 22.81 ? 1068 THR A CG2 1 
ATOM   517  N N   . ARG A 1 68  ? -6.550  -10.632 -7.525  1.00 36.78 ? 1069 ARG A N   1 
ATOM   518  C CA  . ARG A 1 68  ? -6.757  -10.290 -8.937  1.00 36.15 ? 1069 ARG A CA  1 
ATOM   519  C C   . ARG A 1 68  ? -5.546  -9.671  -9.644  1.00 34.89 ? 1069 ARG A C   1 
ATOM   520  O O   . ARG A 1 68  ? -5.365  -9.856  -10.851 1.00 32.89 ? 1069 ARG A O   1 
ATOM   521  C CB  . ARG A 1 68  ? -7.978  -9.369  -9.109  1.00 40.21 ? 1069 ARG A CB  1 
ATOM   522  C CG  . ARG A 1 68  ? -9.331  -10.071 -9.103  1.00 42.92 ? 1069 ARG A CG  1 
ATOM   523  C CD  . ARG A 1 68  ? -9.829  -10.330 -7.693  1.00 48.95 ? 1069 ARG A CD  1 
ATOM   524  N NE  . ARG A 1 68  ? -11.001 -11.205 -7.661  1.00 52.80 ? 1069 ARG A NE  1 
ATOM   525  C CZ  . ARG A 1 68  ? -11.675 -11.521 -6.558  1.00 55.37 ? 1069 ARG A CZ  1 
ATOM   526  N NH1 . ARG A 1 68  ? -11.313 -11.022 -5.379  1.00 55.28 ? 1069 ARG A NH1 1 
ATOM   527  N NH2 . ARG A 1 68  ? -12.723 -12.330 -6.633  1.00 54.84 ? 1069 ARG A NH2 1 
ATOM   528  N N   . HIS A 1 69  ? -4.736  -8.922  -8.899  1.00 33.25 ? 1070 HIS A N   1 
ATOM   529  C CA  . HIS A 1 69  ? -3.542  -8.273  -9.444  1.00 32.93 ? 1070 HIS A CA  1 
ATOM   530  C C   . HIS A 1 69  ? -3.887  -7.168  -10.445 1.00 31.70 ? 1070 HIS A C   1 
ATOM   531  O O   . HIS A 1 69  ? -3.064  -6.800  -11.290 1.00 32.09 ? 1070 HIS A O   1 
ATOM   532  C CB  . HIS A 1 69  ? -2.601  -9.314  -10.083 1.00 36.26 ? 1070 HIS A CB  1 
ATOM   533  C CG  . HIS A 1 69  ? -2.323  -10.498 -9.205  1.00 38.93 ? 1070 HIS A CG  1 
ATOM   534  N ND1 . HIS A 1 69  ? -2.975  -11.704 -9.353  1.00 40.38 ? 1070 HIS A ND1 1 
ATOM   535  C CD2 . HIS A 1 69  ? -1.495  -10.651 -8.142  1.00 40.31 ? 1070 HIS A CD2 1 
ATOM   536  C CE1 . HIS A 1 69  ? -2.568  -12.544 -8.420  1.00 39.22 ? 1070 HIS A CE1 1 
ATOM   537  N NE2 . HIS A 1 69  ? -1.669  -11.929 -7.670  1.00 40.00 ? 1070 HIS A NE2 1 
ATOM   538  N N   . ASN A 1 70  ? -5.099  -6.626  -10.342 1.00 29.82 ? 1071 ASN A N   1 
ATOM   539  C CA  . ASN A 1 70  ? -5.532  -5.555  -11.242 1.00 28.86 ? 1071 ASN A CA  1 
ATOM   540  C C   . ASN A 1 70  ? -6.174  -4.365  -10.512 1.00 26.87 ? 1071 ASN A C   1 
ATOM   541  O O   . ASN A 1 70  ? -6.049  -3.221  -10.942 1.00 30.86 ? 1071 ASN A O   1 
ATOM   542  C CB  . ASN A 1 70  ? -6.457  -6.109  -12.345 1.00 25.49 ? 1071 ASN A CB  1 
ATOM   543  C CG  . ASN A 1 70  ? -7.630  -6.909  -11.794 1.00 20.13 ? 1071 ASN A CG  1 
ATOM   544  O OD1 . ASN A 1 70  ? -8.063  -6.705  -10.666 1.00 19.60 ? 1071 ASN A OD1 1 
ATOM   545  N ND2 . ASN A 1 70  ? -8.158  -7.812  -12.607 1.00 20.98 ? 1071 ASN A ND2 1 
ATOM   546  N N   . GLY A 1 71  ? -6.827  -4.635  -9.387  1.00 25.56 ? 1072 GLY A N   1 
ATOM   547  C CA  . GLY A 1 71  ? -7.466  -3.578  -8.625  1.00 22.44 ? 1072 GLY A CA  1 
ATOM   548  C C   . GLY A 1 71  ? -8.918  -3.915  -8.370  1.00 24.59 ? 1072 GLY A C   1 
ATOM   549  O O   . GLY A 1 71  ? -9.612  -3.204  -7.660  1.00 16.66 ? 1072 GLY A O   1 
ATOM   550  N N   . THR A 1 72  ? -9.356  -5.042  -8.918  1.00 30.76 ? 1073 THR A N   1 
ATOM   551  C CA  . THR A 1 72  ? -10.733 -5.491  -8.780  1.00 37.66 ? 1073 THR A CA  1 
ATOM   552  C C   . THR A 1 72  ? -11.095 -5.975  -7.389  1.00 39.82 ? 1073 THR A C   1 
ATOM   553  O O   . THR A 1 72  ? -12.027 -5.458  -6.769  1.00 42.74 ? 1073 THR A O   1 
ATOM   554  C CB  . THR A 1 72  ? -11.041 -6.611  -9.767  1.00 38.06 ? 1073 THR A CB  1 
ATOM   555  O OG1 . THR A 1 72  ? -10.786 -6.140  -11.094 1.00 42.11 ? 1073 THR A OG1 1 
ATOM   556  C CG2 . THR A 1 72  ? -12.497 -7.052  -9.645  1.00 38.32 ? 1073 THR A CG2 1 
ATOM   557  N N   . GLY A 1 73  ? -10.342 -6.943  -6.885  1.00 40.95 ? 1074 GLY A N   1 
ATOM   558  C CA  . GLY A 1 73  ? -10.659 -7.473  -5.579  1.00 40.42 ? 1074 GLY A CA  1 
ATOM   559  C C   . GLY A 1 73  ? -9.668  -7.325  -4.445  1.00 41.35 ? 1074 GLY A C   1 
ATOM   560  O O   . GLY A 1 73  ? -9.577  -6.268  -3.805  1.00 38.12 ? 1074 GLY A O   1 
ATOM   561  N N   . GLY A 1 74  ? -8.914  -8.396  -4.209  1.00 40.25 ? 1075 GLY A N   1 
ATOM   562  C CA  . GLY A 1 74  ? -7.986  -8.422  -3.096  1.00 38.51 ? 1075 GLY A CA  1 
ATOM   563  C C   . GLY A 1 74  ? -8.906  -8.652  -1.912  1.00 36.68 ? 1075 GLY A C   1 
ATOM   564  O O   . GLY A 1 74  ? -10.126 -8.695  -2.085  1.00 37.34 ? 1075 GLY A O   1 
ATOM   565  N N   . LYS A 1 75  ? -8.364  -8.837  -0.717  1.00 35.80 ? 1076 LYS A N   1 
ATOM   566  C CA  . LYS A 1 75  ? -9.224  -9.037  0.442   1.00 33.00 ? 1076 LYS A CA  1 
ATOM   567  C C   . LYS A 1 75  ? -8.488  -8.804  1.744   1.00 31.67 ? 1076 LYS A C   1 
ATOM   568  O O   . LYS A 1 75  ? -7.300  -9.086  1.842   1.00 32.80 ? 1076 LYS A O   1 
ATOM   569  C CB  . LYS A 1 75  ? -9.843  -10.442 0.444   1.00 31.51 ? 1076 LYS A CB  1 
ATOM   570  C CG  . LYS A 1 75  ? -8.893  -11.605 0.745   1.00 34.22 ? 1076 LYS A CG  1 
ATOM   571  C CD  . LYS A 1 75  ? -9.703  -12.796 1.278   1.00 36.92 ? 1076 LYS A CD  1 
ATOM   572  C CE  . LYS A 1 75  ? -8.915  -14.095 1.376   1.00 35.83 ? 1076 LYS A CE  1 
ATOM   573  N NZ  . LYS A 1 75  ? -8.376  -14.554 0.063   1.00 36.64 ? 1076 LYS A NZ  1 
ATOM   574  N N   . SER A 1 76  ? -9.193  -8.265  2.735   1.00 32.13 ? 1077 SER A N   1 
ATOM   575  C CA  . SER A 1 76  ? -8.604  -8.021  4.052   1.00 32.53 ? 1077 SER A CA  1 
ATOM   576  C C   . SER A 1 76  ? -8.466  -9.334  4.852   1.00 35.66 ? 1077 SER A C   1 
ATOM   577  O O   . SER A 1 76  ? -8.425  -10.432 4.282   1.00 36.01 ? 1077 SER A O   1 
ATOM   578  C CB  . SER A 1 76  ? -9.465  -7.025  4.831   1.00 27.09 ? 1077 SER A CB  1 
ATOM   579  O OG  . SER A 1 76  ? -10.775 -7.527  5.064   1.00 29.38 ? 1077 SER A OG  1 
ATOM   580  N N   . ILE A 1 77  ? -8.375  -9.218  6.173   1.00 39.15 ? 1078 ILE A N   1 
ATOM   581  C CA  . ILE A 1 77  ? -8.267  -10.402 7.022   1.00 41.14 ? 1078 ILE A CA  1 
ATOM   582  C C   . ILE A 1 77  ? -9.634  -10.740 7.629   1.00 44.65 ? 1078 ILE A C   1 
ATOM   583  O O   . ILE A 1 77  ? -9.814  -11.791 8.256   1.00 43.16 ? 1078 ILE A O   1 
ATOM   584  C CB  . ILE A 1 77  ? -7.180  -10.239 8.139   1.00 36.23 ? 1078 ILE A CB  1 
ATOM   585  C CG1 . ILE A 1 77  ? -7.378  -8.945  8.926   1.00 32.50 ? 1078 ILE A CG1 1 
ATOM   586  C CG2 . ILE A 1 77  ? -5.778  -10.280 7.528   1.00 40.11 ? 1078 ILE A CG2 1 
ATOM   587  C CD1 . ILE A 1 77  ? -6.406  -8.787  10.070  1.00 31.73 ? 1078 ILE A CD1 1 
ATOM   588  N N   . TYR A 1 78  ? -10.604 -9.859  7.386   1.00 47.34 ? 1079 TYR A N   1 
ATOM   589  C CA  . TYR A 1 78  ? -11.967 -10.021 7.887   1.00 48.11 ? 1079 TYR A CA  1 
ATOM   590  C C   . TYR A 1 78  ? -12.901 -10.375 6.734   1.00 48.83 ? 1079 TYR A C   1 
ATOM   591  O O   . TYR A 1 78  ? -13.833 -9.628  6.420   1.00 50.76 ? 1079 TYR A O   1 
ATOM   592  C CB  . TYR A 1 78  ? -12.440 -8.728  8.557   1.00 47.19 ? 1079 TYR A CB  1 
ATOM   593  C CG  . TYR A 1 78  ? -11.329 -7.943  9.204   1.00 48.65 ? 1079 TYR A CG  1 
ATOM   594  C CD1 . TYR A 1 78  ? -10.838 -8.294  10.457  1.00 51.75 ? 1079 TYR A CD1 1 
ATOM   595  C CD2 . TYR A 1 78  ? -10.761 -6.850  8.556   1.00 49.40 ? 1079 TYR A CD2 1 
ATOM   596  C CE1 . TYR A 1 78  ? -9.811  -7.570  11.055  1.00 51.19 ? 1079 TYR A CE1 1 
ATOM   597  C CE2 . TYR A 1 78  ? -9.737  -6.123  9.143   1.00 50.87 ? 1079 TYR A CE2 1 
ATOM   598  C CZ  . TYR A 1 78  ? -9.265  -6.491  10.392  1.00 50.90 ? 1079 TYR A CZ  1 
ATOM   599  O OH  . TYR A 1 78  ? -8.252  -5.775  10.978  1.00 52.36 ? 1079 TYR A OH  1 
ATOM   600  N N   . GLY A 1 79  ? -12.614 -11.497 6.082   1.00 48.13 ? 1080 GLY A N   1 
ATOM   601  C CA  . GLY A 1 79  ? -13.436 -11.956 4.974   1.00 48.38 ? 1080 GLY A CA  1 
ATOM   602  C C   . GLY A 1 79  ? -13.182 -11.284 3.641   1.00 47.84 ? 1080 GLY A C   1 
ATOM   603  O O   . GLY A 1 79  ? -12.461 -11.827 2.803   1.00 48.40 ? 1080 GLY A O   1 
ATOM   604  N N   . GLU A 1 80  ? -13.805 -10.124 3.429   1.00 46.13 ? 1081 GLU A N   1 
ATOM   605  C CA  . GLU A 1 80  ? -13.650 -9.368  2.185   1.00 44.29 ? 1081 GLU A CA  1 
ATOM   606  C C   . GLU A 1 80  ? -13.217 -7.920  2.397   1.00 41.38 ? 1081 GLU A C   1 
ATOM   607  O O   . GLU A 1 80  ? -12.047 -7.588  2.182   1.00 43.02 ? 1081 GLU A O   1 
ATOM   608  C CB  . GLU A 1 80  ? -14.932 -9.419  1.350   1.00 46.81 ? 1081 GLU A CB  1 
ATOM   609  C CG  . GLU A 1 80  ? -15.126 -10.730 0.618   1.00 52.06 ? 1081 GLU A CG  1 
ATOM   610  C CD  . GLU A 1 80  ? -13.926 -11.102 -0.230  1.00 57.31 ? 1081 GLU A CD  1 
ATOM   611  O OE1 . GLU A 1 80  ? -13.426 -10.230 -0.978  1.00 61.79 ? 1081 GLU A OE1 1 
ATOM   612  O OE2 . GLU A 1 80  ? -13.475 -12.265 -0.142  1.00 56.88 ? 1081 GLU A OE2 1 
ATOM   613  N N   . LYS A 1 81  ? -14.160 -7.056  2.782   1.00 36.68 ? 1082 LYS A N   1 
ATOM   614  C CA  . LYS A 1 81  ? -13.860 -5.641  3.027   1.00 31.20 ? 1082 LYS A CA  1 
ATOM   615  C C   . LYS A 1 81  ? -14.305 -5.220  4.419   1.00 28.91 ? 1082 LYS A C   1 
ATOM   616  O O   . LYS A 1 81  ? -14.922 -5.998  5.150   1.00 29.69 ? 1082 LYS A O   1 
ATOM   617  C CB  . LYS A 1 81  ? -14.556 -4.732  1.997   1.00 28.30 ? 1082 LYS A CB  1 
ATOM   618  C CG  . LYS A 1 81  ? -14.311 -5.079  0.525   1.00 33.00 ? 1082 LYS A CG  1 
ATOM   619  C CD  . LYS A 1 81  ? -12.865 -4.903  0.108   1.00 31.14 ? 1082 LYS A CD  1 
ATOM   620  C CE  . LYS A 1 81  ? -12.677 -5.260  -1.347  1.00 34.38 ? 1082 LYS A CE  1 
ATOM   621  N NZ  . LYS A 1 81  ? -13.033 -6.679  -1.626  1.00 36.84 ? 1082 LYS A NZ  1 
ATOM   622  N N   . PHE A 1 82  ? -13.953 -3.992  4.788   1.00 30.86 ? 1083 PHE A N   1 
ATOM   623  C CA  . PHE A 1 82  ? -14.329 -3.412  6.073   1.00 31.05 ? 1083 PHE A CA  1 
ATOM   624  C C   . PHE A 1 82  ? -14.475 -1.893  5.951   1.00 34.29 ? 1083 PHE A C   1 
ATOM   625  O O   . PHE A 1 82  ? -13.966 -1.283  5.009   1.00 35.24 ? 1083 PHE A O   1 
ATOM   626  C CB  . PHE A 1 82  ? -13.355 -3.824  7.198   1.00 30.45 ? 1083 PHE A CB  1 
ATOM   627  C CG  . PHE A 1 82  ? -11.951 -3.283  7.057   1.00 19.72 ? 1083 PHE A CG  1 
ATOM   628  C CD1 . PHE A 1 82  ? -11.010 -3.931  6.261   1.00 22.33 ? 1083 PHE A CD1 1 
ATOM   629  C CD2 . PHE A 1 82  ? -11.557 -2.149  7.765   1.00 17.19 ? 1083 PHE A CD2 1 
ATOM   630  C CE1 . PHE A 1 82  ? -9.691  -3.453  6.177   1.00 18.01 ? 1083 PHE A CE1 1 
ATOM   631  C CE2 . PHE A 1 82  ? -10.251 -1.671  7.683   1.00 13.51 ? 1083 PHE A CE2 1 
ATOM   632  C CZ  . PHE A 1 82  ? -9.321  -2.321  6.894   1.00 11.45 ? 1083 PHE A CZ  1 
ATOM   633  N N   . GLU A 1 83  ? -15.190 -1.287  6.892   1.00 39.49 ? 1084 GLU A N   1 
ATOM   634  C CA  . GLU A 1 83  ? -15.441 0.151   6.867   1.00 43.94 ? 1084 GLU A CA  1 
ATOM   635  C C   . GLU A 1 83  ? -14.222 1.026   7.115   1.00 45.79 ? 1084 GLU A C   1 
ATOM   636  O O   . GLU A 1 83  ? -13.141 0.526   7.428   1.00 47.03 ? 1084 GLU A O   1 
ATOM   637  C CB  . GLU A 1 83  ? -16.545 0.515   7.869   1.00 48.81 ? 1084 GLU A CB  1 
ATOM   638  C CG  . GLU A 1 83  ? -16.123 0.483   9.339   1.00 55.29 ? 1084 GLU A CG  1 
ATOM   639  C CD  . GLU A 1 83  ? -15.555 -0.858  9.765   1.00 56.47 ? 1084 GLU A CD  1 
ATOM   640  O OE1 . GLU A 1 83  ? -16.292 -1.866  9.701   1.00 60.24 ? 1084 GLU A OE1 1 
ATOM   641  O OE2 . GLU A 1 83  ? -14.367 -0.903  10.153  1.00 59.22 ? 1084 GLU A OE2 1 
ATOM   642  N N   . ASP A 1 84  ? -14.412 2.337   6.955   1.00 47.18 ? 1085 ASP A N   1 
ATOM   643  C CA  . ASP A 1 84  ? -13.353 3.316   7.179   1.00 48.40 ? 1085 ASP A CA  1 
ATOM   644  C C   . ASP A 1 84  ? -13.210 3.493   8.679   1.00 50.17 ? 1085 ASP A C   1 
ATOM   645  O O   . ASP A 1 84  ? -14.189 3.779   9.373   1.00 52.64 ? 1085 ASP A O   1 
ATOM   646  C CB  . ASP A 1 84  ? -13.692 4.679   6.545   1.00 45.97 ? 1085 ASP A CB  1 
ATOM   647  C CG  . ASP A 1 84  ? -13.708 4.650   5.016   1.00 45.23 ? 1085 ASP A CG  1 
ATOM   648  O OD1 . ASP A 1 84  ? -13.067 3.769   4.407   1.00 37.41 ? 1085 ASP A OD1 1 
ATOM   649  O OD2 . ASP A 1 84  ? -14.362 5.532   4.419   1.00 42.92 ? 1085 ASP A OD2 1 
ATOM   650  N N   . GLU A 1 85  ? -11.992 3.312   9.178   1.00 52.25 ? 1086 GLU A N   1 
ATOM   651  C CA  . GLU A 1 85  ? -11.716 3.451   10.601  1.00 52.12 ? 1086 GLU A CA  1 
ATOM   652  C C   . GLU A 1 85  ? -11.921 4.907   11.024  1.00 47.99 ? 1086 GLU A C   1 
ATOM   653  O O   . GLU A 1 85  ? -12.628 5.181   11.993  1.00 48.33 ? 1086 GLU A O   1 
ATOM   654  C CB  . GLU A 1 85  ? -10.288 2.974   10.911  1.00 55.09 ? 1086 GLU A CB  1 
ATOM   655  C CG  . GLU A 1 85  ? -10.013 2.671   12.389  1.00 58.28 ? 1086 GLU A CG  1 
ATOM   656  C CD  . GLU A 1 85  ? -9.354  1.310   12.607  1.00 60.34 ? 1086 GLU A CD  1 
ATOM   657  O OE1 . GLU A 1 85  ? -8.390  0.989   11.886  1.00 59.76 ? 1086 GLU A OE1 1 
ATOM   658  O OE2 . GLU A 1 85  ? -9.799  0.560   13.502  1.00 60.87 ? 1086 GLU A OE2 1 
ATOM   659  N N   . ASN A 1 86  ? -11.343 5.829   10.261  1.00 44.06 ? 1087 ASN A N   1 
ATOM   660  C CA  . ASN A 1 86  ? -11.448 7.264   10.527  1.00 39.81 ? 1087 ASN A CA  1 
ATOM   661  C C   . ASN A 1 86  ? -10.585 8.025   9.527   1.00 37.28 ? 1087 ASN A C   1 
ATOM   662  O O   . ASN A 1 86  ? -9.991  7.415   8.643   1.00 34.78 ? 1087 ASN A O   1 
ATOM   663  C CB  . ASN A 1 86  ? -10.985 7.584   11.948  1.00 41.40 ? 1087 ASN A CB  1 
ATOM   664  C CG  . ASN A 1 86  ? -9.554  7.174   12.192  1.00 41.91 ? 1087 ASN A CG  1 
ATOM   665  O OD1 . ASN A 1 86  ? -8.626  7.966   12.006  1.00 43.27 ? 1087 ASN A OD1 1 
ATOM   666  N ND2 . ASN A 1 86  ? -9.363  5.927   12.601  1.00 40.92 ? 1087 ASN A ND2 1 
ATOM   667  N N   . PHE A 1 87  ? -10.503 9.346   9.673   1.00 35.82 ? 1088 PHE A N   1 
ATOM   668  C CA  . PHE A 1 87  ? -9.697  10.161  8.768   1.00 32.53 ? 1088 PHE A CA  1 
ATOM   669  C C   . PHE A 1 87  ? -8.765  11.124  9.491   1.00 33.25 ? 1088 PHE A C   1 
ATOM   670  O O   . PHE A 1 87  ? -8.283  12.111  8.908   1.00 29.08 ? 1088 PHE A O   1 
ATOM   671  C CB  . PHE A 1 87  ? -10.587 10.909  7.766   1.00 31.12 ? 1088 PHE A CB  1 
ATOM   672  C CG  . PHE A 1 87  ? -11.403 9.995   6.891   1.00 31.70 ? 1088 PHE A CG  1 
ATOM   673  C CD1 . PHE A 1 87  ? -10.792 9.234   5.891   1.00 26.61 ? 1088 PHE A CD1 1 
ATOM   674  C CD2 . PHE A 1 87  ? -12.767 9.845   7.112   1.00 24.61 ? 1088 PHE A CD2 1 
ATOM   675  C CE1 . PHE A 1 87  ? -11.532 8.334   5.132   1.00 24.25 ? 1088 PHE A CE1 1 
ATOM   676  C CE2 . PHE A 1 87  ? -13.513 8.958   6.364   1.00 22.72 ? 1088 PHE A CE2 1 
ATOM   677  C CZ  . PHE A 1 87  ? -12.897 8.195   5.371   1.00 23.90 ? 1088 PHE A CZ  1 
ATOM   678  N N   . ILE A 1 88  ? -8.463  10.795  10.744  1.00 31.84 ? 1089 ILE A N   1 
ATOM   679  C CA  . ILE A 1 88  ? -7.576  11.606  11.578  1.00 30.24 ? 1089 ILE A CA  1 
ATOM   680  C C   . ILE A 1 88  ? -6.296  12.015  10.821  1.00 30.02 ? 1089 ILE A C   1 
ATOM   681  O O   . ILE A 1 88  ? -6.002  13.203  10.678  1.00 26.57 ? 1089 ILE A O   1 
ATOM   682  C CB  . ILE A 1 88  ? -7.218  10.841  12.889  1.00 29.79 ? 1089 ILE A CB  1 
ATOM   683  C CG1 . ILE A 1 88  ? -8.486  10.489  13.668  1.00 30.48 ? 1089 ILE A CG1 1 
ATOM   684  C CG2 . ILE A 1 88  ? -6.339  11.687  13.780  1.00 32.42 ? 1089 ILE A CG2 1 
ATOM   685  C CD1 . ILE A 1 88  ? -8.254  9.515   14.814  1.00 30.40 ? 1089 ILE A CD1 1 
ATOM   686  N N   . LEU A 1 89  ? -5.586  11.026  10.275  1.00 32.89 ? 1090 LEU A N   1 
ATOM   687  C CA  . LEU A 1 89  ? -4.347  11.267  9.533   1.00 33.71 ? 1090 LEU A CA  1 
ATOM   688  C C   . LEU A 1 89  ? -4.575  11.735  8.091   1.00 35.21 ? 1090 LEU A C   1 
ATOM   689  O O   . LEU A 1 89  ? -5.450  11.219  7.384   1.00 31.67 ? 1090 LEU A O   1 
ATOM   690  C CB  . LEU A 1 89  ? -3.473  10.012  9.536   1.00 36.23 ? 1090 LEU A CB  1 
ATOM   691  C CG  . LEU A 1 89  ? -3.025  9.428   10.879  1.00 37.86 ? 1090 LEU A CG  1 
ATOM   692  C CD1 . LEU A 1 89  ? -2.357  10.503  11.730  1.00 32.80 ? 1090 LEU A CD1 1 
ATOM   693  C CD2 . LEU A 1 89  ? -4.225  8.822   11.592  1.00 37.00 ? 1090 LEU A CD2 1 
ATOM   694  N N   . LYS A 1 90  ? -3.727  12.662  7.647   1.00 34.12 ? 1091 LYS A N   1 
ATOM   695  C CA  . LYS A 1 90  ? -3.817  13.244  6.312   1.00 32.36 ? 1091 LYS A CA  1 
ATOM   696  C C   . LYS A 1 90  ? -2.628  12.985  5.384   1.00 31.86 ? 1091 LYS A C   1 
ATOM   697  O O   . LYS A 1 90  ? -1.495  12.770  5.825   1.00 30.36 ? 1091 LYS A O   1 
ATOM   698  C CB  . LYS A 1 90  ? -4.038  14.757  6.425   1.00 32.84 ? 1091 LYS A CB  1 
ATOM   699  C CG  . LYS A 1 90  ? -5.243  15.160  7.269   1.00 33.92 ? 1091 LYS A CG  1 
ATOM   700  C CD  . LYS A 1 90  ? -5.493  16.664  7.175   1.00 39.04 ? 1091 LYS A CD  1 
ATOM   701  C CE  . LYS A 1 90  ? -6.733  17.070  7.954   1.00 38.84 ? 1091 LYS A CE  1 
ATOM   702  N NZ  . LYS A 1 90  ? -7.934  16.298  7.528   1.00 41.92 ? 1091 LYS A NZ  1 
ATOM   703  N N   . HIS A 1 91  ? -2.902  13.089  4.089   1.00 26.34 ? 1092 HIS A N   1 
ATOM   704  C CA  . HIS A 1 91  ? -1.914  12.879  3.045   1.00 25.37 ? 1092 HIS A CA  1 
ATOM   705  C C   . HIS A 1 91  ? -0.991  14.078  2.955   1.00 26.69 ? 1092 HIS A C   1 
ATOM   706  O O   . HIS A 1 91  ? -1.059  14.865  2.001   1.00 26.66 ? 1092 HIS A O   1 
ATOM   707  C CB  . HIS A 1 91  ? -2.611  12.619  1.700   1.00 22.87 ? 1092 HIS A CB  1 
ATOM   708  C CG  . HIS A 1 91  ? -3.476  11.399  1.702   1.00 17.05 ? 1092 HIS A CG  1 
ATOM   709  N ND1 . HIS A 1 91  ? -4.739  11.382  2.256   1.00 12.16 ? 1092 HIS A ND1 1 
ATOM   710  C CD2 . HIS A 1 91  ? -3.237  10.136  1.275   1.00 14.27 ? 1092 HIS A CD2 1 
ATOM   711  C CE1 . HIS A 1 91  ? -5.237  10.161  2.171   1.00 12.28 ? 1092 HIS A CE1 1 
ATOM   712  N NE2 . HIS A 1 91  ? -4.345  9.388   1.583   1.00 7.87  ? 1092 HIS A NE2 1 
ATOM   713  N N   . THR A 1 92  ? -0.090  14.164  3.932   1.00 24.15 ? 1093 THR A N   1 
ATOM   714  C CA  . THR A 1 92  ? 0.873   15.260  4.047   1.00 24.47 ? 1093 THR A CA  1 
ATOM   715  C C   . THR A 1 92  ? 2.020   15.263  3.054   1.00 22.25 ? 1093 THR A C   1 
ATOM   716  O O   . THR A 1 92  ? 2.582   16.321  2.764   1.00 26.73 ? 1093 THR A O   1 
ATOM   717  C CB  . THR A 1 92  ? 1.456   15.341  5.475   1.00 24.23 ? 1093 THR A CB  1 
ATOM   718  O OG1 . THR A 1 92  ? 1.955   14.050  5.864   1.00 26.24 ? 1093 THR A OG1 1 
ATOM   719  C CG2 . THR A 1 92  ? 0.377   15.803  6.463   1.00 22.54 ? 1093 THR A CG2 1 
ATOM   720  N N   . GLY A 1 93  ? 2.396   14.092  2.548   1.00 19.18 ? 1094 GLY A N   1 
ATOM   721  C CA  . GLY A 1 93  ? 3.487   14.064  1.596   1.00 16.61 ? 1094 GLY A CA  1 
ATOM   722  C C   . GLY A 1 93  ? 3.916   12.688  1.153   1.00 14.24 ? 1094 GLY A C   1 
ATOM   723  O O   . GLY A 1 93  ? 3.191   11.715  1.338   1.00 17.14 ? 1094 GLY A O   1 
ATOM   724  N N   . PRO A 1 94  ? 5.076   12.585  0.493   1.00 14.81 ? 1095 PRO A N   1 
ATOM   725  C CA  . PRO A 1 94  ? 5.568   11.286  0.037   1.00 15.35 ? 1095 PRO A CA  1 
ATOM   726  C C   . PRO A 1 94  ? 5.853   10.339  1.219   1.00 18.53 ? 1095 PRO A C   1 
ATOM   727  O O   . PRO A 1 94  ? 6.143   10.785  2.341   1.00 16.07 ? 1095 PRO A O   1 
ATOM   728  C CB  . PRO A 1 94  ? 6.834   11.648  -0.746  1.00 16.33 ? 1095 PRO A CB  1 
ATOM   729  C CG  . PRO A 1 94  ? 7.282   12.931  -0.118  1.00 20.77 ? 1095 PRO A CG  1 
ATOM   730  C CD  . PRO A 1 94  ? 5.999   13.670  0.111   1.00 18.18 ? 1095 PRO A CD  1 
ATOM   731  N N   . GLY A 1 95  ? 5.668   9.045   0.975   1.00 17.16 ? 1096 GLY A N   1 
ATOM   732  C CA  . GLY A 1 95  ? 5.906   8.043   1.996   1.00 17.34 ? 1096 GLY A CA  1 
ATOM   733  C C   . GLY A 1 95  ? 4.638   7.633   2.697   1.00 18.04 ? 1096 GLY A C   1 
ATOM   734  O O   . GLY A 1 95  ? 4.562   6.555   3.275   1.00 23.74 ? 1096 GLY A O   1 
ATOM   735  N N   . ILE A 1 96  ? 3.635   8.507   2.645   1.00 16.31 ? 1097 ILE A N   1 
ATOM   736  C CA  . ILE A 1 96  ? 2.357   8.248   3.265   1.00 12.67 ? 1097 ILE A CA  1 
ATOM   737  C C   . ILE A 1 96  ? 1.741   6.963   2.747   1.00 14.84 ? 1097 ILE A C   1 
ATOM   738  O O   . ILE A 1 96  ? 1.722   6.703   1.550   1.00 16.40 ? 1097 ILE A O   1 
ATOM   739  C CB  . ILE A 1 96  ? 1.397   9.458   3.073   1.00 18.22 ? 1097 ILE A CB  1 
ATOM   740  C CG1 . ILE A 1 96  ? 1.651   10.460  4.191   1.00 20.43 ? 1097 ILE A CG1 1 
ATOM   741  C CG2 . ILE A 1 96  ? -0.077  9.036   3.115   1.00 18.50 ? 1097 ILE A CG2 1 
ATOM   742  C CD1 . ILE A 1 96  ? 1.333   9.893   5.551   1.00 15.96 ? 1097 ILE A CD1 1 
ATOM   743  N N   . LEU A 1 97  ? 1.311   6.124   3.675   1.00 14.92 ? 1098 LEU A N   1 
ATOM   744  C CA  . LEU A 1 97  ? 0.687   4.870   3.322   1.00 16.02 ? 1098 LEU A CA  1 
ATOM   745  C C   . LEU A 1 97  ? -0.814  5.012   3.582   1.00 14.56 ? 1098 LEU A C   1 
ATOM   746  O O   . LEU A 1 97  ? -1.250  5.275   4.708   1.00 12.38 ? 1098 LEU A O   1 
ATOM   747  C CB  . LEU A 1 97  ? 1.292   3.725   4.141   1.00 13.56 ? 1098 LEU A CB  1 
ATOM   748  C CG  . LEU A 1 97  ? 0.728   2.317   3.936   1.00 19.19 ? 1098 LEU A CG  1 
ATOM   749  C CD1 . LEU A 1 97  ? 1.128   1.756   2.576   1.00 9.83  ? 1098 LEU A CD1 1 
ATOM   750  C CD2 . LEU A 1 97  ? 1.229   1.419   5.068   1.00 10.90 ? 1098 LEU A CD2 1 
ATOM   751  N N   . SER A 1 98  ? -1.594  4.869   2.518   1.00 11.89 ? 1099 SER A N   1 
ATOM   752  C CA  . SER A 1 98  ? -3.034  4.989   2.618   1.00 11.17 ? 1099 SER A CA  1 
ATOM   753  C C   . SER A 1 98  ? -3.774  3.807   1.982   1.00 8.88  ? 1099 SER A C   1 
ATOM   754  O O   . SER A 1 98  ? -3.247  3.066   1.134   1.00 9.28  ? 1099 SER A O   1 
ATOM   755  C CB  . SER A 1 98  ? -3.489  6.321   2.003   1.00 9.57  ? 1099 SER A CB  1 
ATOM   756  O OG  . SER A 1 98  ? -4.792  6.672   2.450   1.00 8.33  ? 1099 SER A OG  1 
ATOM   757  N N   . MET A 1 99  ? -5.008  3.627   2.417   1.00 7.65  ? 1100 MET A N   1 
ATOM   758  C CA  . MET A 1 99  ? -5.834  2.558   1.911   1.00 5.39  ? 1100 MET A CA  1 
ATOM   759  C C   . MET A 1 99  ? -6.462  2.936   0.562   1.00 7.53  ? 1100 MET A C   1 
ATOM   760  O O   . MET A 1 99  ? -6.988  4.044   0.418   1.00 14.22 ? 1100 MET A O   1 
ATOM   761  C CB  . MET A 1 99  ? -6.897  2.212   2.952   1.00 8.56  ? 1100 MET A CB  1 
ATOM   762  C CG  . MET A 1 99  ? -6.376  1.382   4.139   1.00 14.39 ? 1100 MET A CG  1 
ATOM   763  S SD  . MET A 1 99  ? -5.564  -0.163  3.615   1.00 18.65 ? 1100 MET A SD  1 
ATOM   764  C CE  . MET A 1 99  ? -6.925  -1.104  2.952   1.00 17.11 ? 1100 MET A CE  1 
ATOM   765  N N   . ALA A 1 100 ? -6.370  2.042   -0.418  1.00 13.19 ? 1101 ALA A N   1 
ATOM   766  C CA  . ALA A 1 100 ? -6.947  2.275   -1.759  1.00 14.16 ? 1101 ALA A CA  1 
ATOM   767  C C   . ALA A 1 100 ? -8.319  1.623   -1.853  1.00 18.44 ? 1101 ALA A C   1 
ATOM   768  O O   . ALA A 1 100 ? -8.430  0.441   -2.173  1.00 23.91 ? 1101 ALA A O   1 
ATOM   769  C CB  . ALA A 1 100 ? -6.041  1.713   -2.828  1.00 8.68  ? 1101 ALA A CB  1 
ATOM   770  N N   . ASN A 1 101 ? -9.365  2.409   -1.649  1.00 20.00 ? 1102 ASN A N   1 
ATOM   771  C CA  . ASN A 1 101 ? -10.727 1.889   -1.674  1.00 19.98 ? 1102 ASN A CA  1 
ATOM   772  C C   . ASN A 1 101 ? -11.484 2.078   -3.001  1.00 18.37 ? 1102 ASN A C   1 
ATOM   773  O O   . ASN A 1 101 ? -10.921 2.523   -4.003  1.00 15.07 ? 1102 ASN A O   1 
ATOM   774  C CB  . ASN A 1 101 ? -11.510 2.525   -0.530  1.00 20.77 ? 1102 ASN A CB  1 
ATOM   775  C CG  . ASN A 1 101 ? -11.638 4.024   -0.683  1.00 18.53 ? 1102 ASN A CG  1 
ATOM   776  O OD1 . ASN A 1 101 ? -12.338 4.498   -1.573  1.00 24.88 ? 1102 ASN A OD1 1 
ATOM   777  N ND2 . ASN A 1 101 ? -10.947 4.779   0.165   1.00 15.33 ? 1102 ASN A ND2 1 
ATOM   778  N N   . ALA A 1 102 ? -12.749 1.670   -3.003  1.00 22.41 ? 1103 ALA A N   1 
ATOM   779  C CA  . ALA A 1 102 ? -13.632 1.807   -4.163  1.00 24.04 ? 1103 ALA A CA  1 
ATOM   780  C C   . ALA A 1 102 ? -14.950 2.333   -3.610  1.00 27.20 ? 1103 ALA A C   1 
ATOM   781  O O   . ALA A 1 102 ? -15.977 1.649   -3.634  1.00 28.83 ? 1103 ALA A O   1 
ATOM   782  C CB  . ALA A 1 102 ? -13.836 0.474   -4.844  1.00 25.49 ? 1103 ALA A CB  1 
ATOM   783  N N   . GLY A 1 103 ? -14.901 3.560   -3.107  1.00 29.23 ? 1104 GLY A N   1 
ATOM   784  C CA  . GLY A 1 103 ? -16.067 4.170   -2.514  1.00 33.73 ? 1104 GLY A CA  1 
ATOM   785  C C   . GLY A 1 103 ? -16.022 3.972   -1.009  1.00 38.07 ? 1104 GLY A C   1 
ATOM   786  O O   . GLY A 1 103 ? -15.478 2.975   -0.529  1.00 35.21 ? 1104 GLY A O   1 
ATOM   787  N N   . PRO A 1 104 ? -16.571 4.922   -0.237  1.00 41.76 ? 1105 PRO A N   1 
ATOM   788  C CA  . PRO A 1 104 ? -16.611 4.882   1.226   1.00 43.00 ? 1105 PRO A CA  1 
ATOM   789  C C   . PRO A 1 104 ? -16.934 3.536   1.863   1.00 41.96 ? 1105 PRO A C   1 
ATOM   790  O O   . PRO A 1 104 ? -17.829 2.810   1.421   1.00 44.62 ? 1105 PRO A O   1 
ATOM   791  C CB  . PRO A 1 104 ? -17.663 5.935   1.554   1.00 43.19 ? 1105 PRO A CB  1 
ATOM   792  C CG  . PRO A 1 104 ? -17.328 6.998   0.547   1.00 46.35 ? 1105 PRO A CG  1 
ATOM   793  C CD  . PRO A 1 104 ? -17.128 6.195   -0.733  1.00 44.03 ? 1105 PRO A CD  1 
ATOM   794  N N   . ASN A 1 105 ? -16.133 3.200   2.870   1.00 41.42 ? 1106 ASN A N   1 
ATOM   795  C CA  . ASN A 1 105 ? -16.275 1.975   3.651   1.00 36.95 ? 1106 ASN A CA  1 
ATOM   796  C C   . ASN A 1 105 ? -16.075 0.645   2.891   1.00 34.14 ? 1106 ASN A C   1 
ATOM   797  O O   . ASN A 1 105 ? -16.800 -0.325  3.123   1.00 37.56 ? 1106 ASN A O   1 
ATOM   798  C CB  . ASN A 1 105 ? -17.621 2.003   4.403   1.00 31.63 ? 1106 ASN A CB  1 
ATOM   799  C CG  . ASN A 1 105 ? -17.861 3.332   5.150   1.00 32.82 ? 1106 ASN A CG  1 
ATOM   800  O OD1 . ASN A 1 105 ? -19.004 3.701   5.429   1.00 33.35 ? 1106 ASN A OD1 1 
ATOM   801  N ND2 . ASN A 1 105 ? -16.785 4.049   5.463   1.00 24.99 ? 1106 ASN A ND2 1 
ATOM   802  N N   . THR A 1 106 ? -15.075 0.594   2.005   1.00 31.06 ? 1107 THR A N   1 
ATOM   803  C CA  . THR A 1 106 ? -14.777 -0.622  1.239   1.00 27.35 ? 1107 THR A CA  1 
ATOM   804  C C   . THR A 1 106 ? -13.278 -0.967  1.258   1.00 27.69 ? 1107 THR A C   1 
ATOM   805  O O   . THR A 1 106 ? -12.716 -1.443  0.266   1.00 28.03 ? 1107 THR A O   1 
ATOM   806  C CB  . THR A 1 106 ? -15.305 -0.558  -0.246  1.00 27.05 ? 1107 THR A CB  1 
ATOM   807  O OG1 . THR A 1 106 ? -14.582 0.425   -0.989  1.00 21.63 ? 1107 THR A OG1 1 
ATOM   808  C CG2 . THR A 1 106 ? -16.788 -0.203  -0.288  1.00 25.71 ? 1107 THR A CG2 1 
ATOM   809  N N   . ASN A 1 107 ? -12.644 -0.741  2.404   1.00 28.59 ? 1108 ASN A N   1 
ATOM   810  C CA  . ASN A 1 107 ? -11.221 -1.034  2.585   1.00 25.90 ? 1108 ASN A CA  1 
ATOM   811  C C   . ASN A 1 107 ? -10.983 -2.525  2.609   1.00 24.83 ? 1108 ASN A C   1 
ATOM   812  O O   . ASN A 1 107 ? -11.499 -3.206  3.479   1.00 26.07 ? 1108 ASN A O   1 
ATOM   813  C CB  . ASN A 1 107 ? -10.729 -0.477  3.909   1.00 22.13 ? 1108 ASN A CB  1 
ATOM   814  C CG  . ASN A 1 107 ? -10.943 0.991   4.025   1.00 17.69 ? 1108 ASN A CG  1 
ATOM   815  O OD1 . ASN A 1 107 ? -10.278 1.778   3.362   1.00 19.18 ? 1108 ASN A OD1 1 
ATOM   816  N ND2 . ASN A 1 107 ? -11.888 1.380   4.860   1.00 20.95 ? 1108 ASN A ND2 1 
ATOM   817  N N   . GLY A 1 108 ? -10.205 -3.028  1.660   1.00 25.89 ? 1109 GLY A N   1 
ATOM   818  C CA  . GLY A 1 108 ? -9.907  -4.447  1.621   1.00 23.55 ? 1109 GLY A CA  1 
ATOM   819  C C   . GLY A 1 108 ? -8.454  -4.686  1.977   1.00 22.23 ? 1109 GLY A C   1 
ATOM   820  O O   . GLY A 1 108 ? -8.054  -4.523  3.130   1.00 24.69 ? 1109 GLY A O   1 
ATOM   821  N N   . SER A 1 109 ? -7.661  -5.022  0.970   1.00 19.11 ? 1110 SER A N   1 
ATOM   822  C CA  . SER A 1 109 ? -6.233  -5.282  1.137   1.00 18.64 ? 1110 SER A CA  1 
ATOM   823  C C   . SER A 1 109 ? -5.402  -4.223  0.405   1.00 20.23 ? 1110 SER A C   1 
ATOM   824  O O   . SER A 1 109 ? -4.261  -3.951  0.774   1.00 14.09 ? 1110 SER A O   1 
ATOM   825  C CB  . SER A 1 109 ? -5.888  -6.658  0.568   1.00 14.85 ? 1110 SER A CB  1 
ATOM   826  O OG  . SER A 1 109 ? -6.108  -6.707  -0.832  1.00 16.47 ? 1110 SER A OG  1 
ATOM   827  N N   . GLN A 1 110 ? -5.984  -3.636  -0.640  1.00 17.20 ? 1111 GLN A N   1 
ATOM   828  C CA  . GLN A 1 110 ? -5.309  -2.629  -1.446  1.00 13.97 ? 1111 GLN A CA  1 
ATOM   829  C C   . GLN A 1 110 ? -4.884  -1.357  -0.715  1.00 10.32 ? 1111 GLN A C   1 
ATOM   830  O O   . GLN A 1 110 ? -5.579  -0.843  0.162   1.00 14.39 ? 1111 GLN A O   1 
ATOM   831  C CB  . GLN A 1 110 ? -6.141  -2.293  -2.675  1.00 11.65 ? 1111 GLN A CB  1 
ATOM   832  C CG  . GLN A 1 110 ? -6.289  -3.474  -3.604  1.00 15.93 ? 1111 GLN A CG  1 
ATOM   833  C CD  . GLN A 1 110 ? -6.996  -3.114  -4.888  1.00 13.21 ? 1111 GLN A CD  1 
ATOM   834  O OE1 . GLN A 1 110 ? -6.670  -2.121  -5.537  1.00 14.56 ? 1111 GLN A OE1 1 
ATOM   835  N NE2 . GLN A 1 110 ? -7.979  -3.926  -5.261  1.00 11.14 ? 1111 GLN A NE2 1 
ATOM   836  N N   . PHE A 1 111 ? -3.758  -0.820  -1.147  1.00 11.15 ? 1112 PHE A N   1 
ATOM   837  C CA  . PHE A 1 111 ? -3.184  0.364   -0.531  1.00 7.26  ? 1112 PHE A CA  1 
ATOM   838  C C   . PHE A 1 111 ? -2.326  1.067   -1.556  1.00 2.94  ? 1112 PHE A C   1 
ATOM   839  O O   . PHE A 1 111 ? -1.929  0.494   -2.575  1.00 5.52  ? 1112 PHE A O   1 
ATOM   840  C CB  . PHE A 1 111 ? -2.247  -0.072  0.616   1.00 8.46  ? 1112 PHE A CB  1 
ATOM   841  C CG  . PHE A 1 111 ? -1.055  -0.876  0.130   1.00 7.63  ? 1112 PHE A CG  1 
ATOM   842  C CD1 . PHE A 1 111 ? 0.105   -0.238  -0.323  1.00 8.24  ? 1112 PHE A CD1 1 
ATOM   843  C CD2 . PHE A 1 111 ? -1.127  -2.265  0.048   1.00 8.29  ? 1112 PHE A CD2 1 
ATOM   844  C CE1 . PHE A 1 111 ? 1.163   -0.968  -0.855  1.00 6.23  ? 1112 PHE A CE1 1 
ATOM   845  C CE2 . PHE A 1 111 ? -0.071  -2.998  -0.482  1.00 12.60 ? 1112 PHE A CE2 1 
ATOM   846  C CZ  . PHE A 1 111 ? 1.072   -2.350  -0.936  1.00 8.47  ? 1112 PHE A CZ  1 
ATOM   847  N N   . PHE A 1 112 ? -1.915  2.275   -1.197  1.00 4.60  ? 1113 PHE A N   1 
ATOM   848  C CA  . PHE A 1 112 ? -1.046  3.034   -2.043  1.00 6.39  ? 1113 PHE A CA  1 
ATOM   849  C C   . PHE A 1 112 ? -0.019  3.804   -1.205  1.00 7.39  ? 1113 PHE A C   1 
ATOM   850  O O   . PHE A 1 112 ? -0.288  4.193   -0.062  1.00 9.53  ? 1113 PHE A O   1 
ATOM   851  C CB  . PHE A 1 112 ? -1.847  3.977   -2.977  1.00 4.43  ? 1113 PHE A CB  1 
ATOM   852  C CG  . PHE A 1 112 ? -2.640  5.057   -2.253  1.00 6.01  ? 1113 PHE A CG  1 
ATOM   853  C CD1 . PHE A 1 112 ? -3.921  4.801   -1.772  1.00 5.36  ? 1113 PHE A CD1 1 
ATOM   854  C CD2 . PHE A 1 112 ? -2.125  6.327   -2.098  1.00 3.45  ? 1113 PHE A CD2 1 
ATOM   855  C CE1 . PHE A 1 112 ? -4.661  5.814   -1.149  1.00 2.93  ? 1113 PHE A CE1 1 
ATOM   856  C CE2 . PHE A 1 112 ? -2.860  7.321   -1.487  1.00 6.58  ? 1113 PHE A CE2 1 
ATOM   857  C CZ  . PHE A 1 112 ? -4.131  7.060   -1.011  1.00 2.06  ? 1113 PHE A CZ  1 
ATOM   858  N N   . ILE A 1 113 ? 1.180   3.958   -1.764  1.00 12.73 ? 1114 ILE A N   1 
ATOM   859  C CA  . ILE A 1 113 ? 2.257   4.707   -1.124  1.00 8.66  ? 1114 ILE A CA  1 
ATOM   860  C C   . ILE A 1 113 ? 2.346   6.040   -1.871  1.00 11.08 ? 1114 ILE A C   1 
ATOM   861  O O   . ILE A 1 113 ? 2.528   6.066   -3.090  1.00 8.76  ? 1114 ILE A O   1 
ATOM   862  C CB  . ILE A 1 113 ? 3.641   3.991   -1.235  1.00 9.02  ? 1114 ILE A CB  1 
ATOM   863  C CG1 . ILE A 1 113 ? 3.556   2.543   -0.741  1.00 9.82  ? 1114 ILE A CG1 1 
ATOM   864  C CG2 . ILE A 1 113 ? 4.671   4.737   -0.402  1.00 11.23 ? 1114 ILE A CG2 1 
ATOM   865  C CD1 . ILE A 1 113 ? 4.776   1.715   -1.085  1.00 8.72  ? 1114 ILE A CD1 1 
ATOM   866  N N   . CYS A 1 114 ? 2.206   7.144   -1.145  1.00 11.50 ? 1115 CYS A N   1 
ATOM   867  C CA  . CYS A 1 114 ? 2.281   8.448   -1.763  1.00 14.92 ? 1115 CYS A CA  1 
ATOM   868  C C   . CYS A 1 114 ? 3.696   8.866   -2.110  1.00 18.20 ? 1115 CYS A C   1 
ATOM   869  O O   . CYS A 1 114 ? 4.653   8.503   -1.431  1.00 16.38 ? 1115 CYS A O   1 
ATOM   870  C CB  . CYS A 1 114 ? 1.634   9.497   -0.868  1.00 14.79 ? 1115 CYS A CB  1 
ATOM   871  S SG  . CYS A 1 114 ? -0.113  9.281   -0.761  1.00 16.73 ? 1115 CYS A SG  1 
ATOM   872  N N   . THR A 1 115 ? 3.817   9.606   -3.203  1.00 17.21 ? 1116 THR A N   1 
ATOM   873  C CA  . THR A 1 115 ? 5.105   10.110  -3.647  1.00 21.28 ? 1116 THR A CA  1 
ATOM   874  C C   . THR A 1 115 ? 4.973   11.613  -3.850  1.00 22.53 ? 1116 THR A C   1 
ATOM   875  O O   . THR A 1 115 ? 5.711   12.212  -4.629  1.00 24.55 ? 1116 THR A O   1 
ATOM   876  C CB  . THR A 1 115 ? 5.570   9.462   -4.962  1.00 20.38 ? 1116 THR A CB  1 
ATOM   877  O OG1 . THR A 1 115 ? 4.700   9.852   -6.040  1.00 23.10 ? 1116 THR A OG1 1 
ATOM   878  C CG2 . THR A 1 115 ? 5.614   7.945   -4.822  1.00 25.18 ? 1116 THR A CG2 1 
ATOM   879  N N   . ALA A 1 116 ? 4.005   12.198  -3.146  1.00 22.21 ? 1117 ALA A N   1 
ATOM   880  C CA  . ALA A 1 116 ? 3.727   13.628  -3.185  1.00 22.26 ? 1117 ALA A CA  1 
ATOM   881  C C   . ALA A 1 116 ? 2.592   13.921  -2.227  1.00 24.95 ? 1117 ALA A C   1 
ATOM   882  O O   . ALA A 1 116 ? 1.911   13.012  -1.751  1.00 29.51 ? 1117 ALA A O   1 
ATOM   883  C CB  . ALA A 1 116 ? 3.333   14.062  -4.588  1.00 27.12 ? 1117 ALA A CB  1 
ATOM   884  N N   . LYS A 1 117 ? 2.400   15.195  -1.921  1.00 22.96 ? 1118 LYS A N   1 
ATOM   885  C CA  . LYS A 1 117 ? 1.316   15.575  -1.050  1.00 25.85 ? 1118 LYS A CA  1 
ATOM   886  C C   . LYS A 1 117 ? 0.040   15.367  -1.873  1.00 26.82 ? 1118 LYS A C   1 
ATOM   887  O O   . LYS A 1 117 ? -0.048  15.820  -3.022  1.00 31.17 ? 1118 LYS A O   1 
ATOM   888  C CB  . LYS A 1 117 ? 1.455   17.038  -0.649  1.00 26.89 ? 1118 LYS A CB  1 
ATOM   889  C CG  . LYS A 1 117 ? 0.453   17.461  0.391   1.00 33.11 ? 1118 LYS A CG  1 
ATOM   890  C CD  . LYS A 1 117 ? 0.610   18.917  0.728   1.00 34.19 ? 1118 LYS A CD  1 
ATOM   891  C CE  . LYS A 1 117 ? -0.330  19.293  1.842   1.00 35.91 ? 1118 LYS A CE  1 
ATOM   892  N NZ  . LYS A 1 117 ? -0.227  20.748  2.108   1.00 42.87 ? 1118 LYS A NZ  1 
ATOM   893  N N   . THR A 1 118 ? -0.912  14.632  -1.306  1.00 24.20 ? 1119 THR A N   1 
ATOM   894  C CA  . THR A 1 118 ? -2.179  14.347  -1.972  1.00 19.51 ? 1119 THR A CA  1 
ATOM   895  C C   . THR A 1 118 ? -3.354  14.663  -1.036  1.00 18.54 ? 1119 THR A C   1 
ATOM   896  O O   . THR A 1 118 ? -4.210  13.814  -0.773  1.00 19.00 ? 1119 THR A O   1 
ATOM   897  C CB  . THR A 1 118 ? -2.248  12.860  -2.440  1.00 16.06 ? 1119 THR A CB  1 
ATOM   898  O OG1 . THR A 1 118 ? -2.094  11.979  -1.315  1.00 19.26 ? 1119 THR A OG1 1 
ATOM   899  C CG2 . THR A 1 118 ? -1.172  12.560  -3.475  1.00 12.69 ? 1119 THR A CG2 1 
ATOM   900  N N   . GLU A 1 119 ? -3.421  15.912  -0.577  1.00 24.63 ? 1120 GLU A N   1 
ATOM   901  C CA  . GLU A 1 119 ? -4.469  16.342  0.353   1.00 22.63 ? 1120 GLU A CA  1 
ATOM   902  C C   . GLU A 1 119 ? -5.906  16.169  -0.144  1.00 20.88 ? 1120 GLU A C   1 
ATOM   903  O O   . GLU A 1 119 ? -6.823  16.030  0.664   1.00 16.52 ? 1120 GLU A O   1 
ATOM   904  C CB  . GLU A 1 119 ? -4.228  17.781  0.855   1.00 27.66 ? 1120 GLU A CB  1 
ATOM   905  C CG  . GLU A 1 119 ? -4.611  18.907  -0.105  1.00 28.11 ? 1120 GLU A CG  1 
ATOM   906  C CD  . GLU A 1 119 ? -3.584  19.173  -1.193  1.00 31.38 ? 1120 GLU A CD  1 
ATOM   907  O OE1 . GLU A 1 119 ? -2.981  18.219  -1.732  1.00 33.04 ? 1120 GLU A OE1 1 
ATOM   908  O OE2 . GLU A 1 119 ? -3.381  20.357  -1.519  1.00 37.21 ? 1120 GLU A OE2 1 
ATOM   909  N N   . TRP A 1 120 ? -6.090  16.110  -1.461  1.00 19.03 ? 1121 TRP A N   1 
ATOM   910  C CA  . TRP A 1 120 ? -7.418  15.932  -2.039  1.00 19.08 ? 1121 TRP A CA  1 
ATOM   911  C C   . TRP A 1 120 ? -8.024  14.557  -1.708  1.00 23.97 ? 1121 TRP A C   1 
ATOM   912  O O   . TRP A 1 120 ? -9.233  14.331  -1.864  1.00 21.89 ? 1121 TRP A O   1 
ATOM   913  C CB  . TRP A 1 120 ? -7.377  16.185  -3.551  1.00 14.81 ? 1121 TRP A CB  1 
ATOM   914  C CG  . TRP A 1 120 ? -6.488  15.280  -4.314  1.00 11.30 ? 1121 TRP A CG  1 
ATOM   915  C CD1 . TRP A 1 120 ? -6.816  14.060  -4.838  1.00 14.94 ? 1121 TRP A CD1 1 
ATOM   916  C CD2 . TRP A 1 120 ? -5.122  15.514  -4.673  1.00 13.36 ? 1121 TRP A CD2 1 
ATOM   917  N NE1 . TRP A 1 120 ? -5.748  13.523  -5.500  1.00 11.14 ? 1121 TRP A NE1 1 
ATOM   918  C CE2 . TRP A 1 120 ? -4.688  14.393  -5.417  1.00 12.61 ? 1121 TRP A CE2 1 
ATOM   919  C CE3 . TRP A 1 120 ? -4.224  16.564  -4.450  1.00 11.18 ? 1121 TRP A CE3 1 
ATOM   920  C CZ2 . TRP A 1 120 ? -3.394  14.291  -5.934  1.00 14.60 ? 1121 TRP A CZ2 1 
ATOM   921  C CZ3 . TRP A 1 120 ? -2.926  16.462  -4.972  1.00 14.32 ? 1121 TRP A CZ3 1 
ATOM   922  C CH2 . TRP A 1 120 ? -2.531  15.333  -5.703  1.00 17.04 ? 1121 TRP A CH2 1 
ATOM   923  N N   . LEU A 1 121 ? -7.175  13.647  -1.233  1.00 21.84 ? 1122 LEU A N   1 
ATOM   924  C CA  . LEU A 1 121 ? -7.612  12.314  -0.847  1.00 18.89 ? 1122 LEU A CA  1 
ATOM   925  C C   . LEU A 1 121 ? -8.017  12.290  0.640   1.00 17.50 ? 1122 LEU A C   1 
ATOM   926  O O   . LEU A 1 121 ? -8.586  11.313  1.097   1.00 18.35 ? 1122 LEU A O   1 
ATOM   927  C CB  . LEU A 1 121 ? -6.504  11.284  -1.129  1.00 17.44 ? 1122 LEU A CB  1 
ATOM   928  C CG  . LEU A 1 121 ? -6.009  11.205  -2.579  1.00 13.28 ? 1122 LEU A CG  1 
ATOM   929  C CD1 . LEU A 1 121 ? -4.837  10.234  -2.689  1.00 9.29  ? 1122 LEU A CD1 1 
ATOM   930  C CD2 . LEU A 1 121 ? -7.156  10.768  -3.493  1.00 11.09 ? 1122 LEU A CD2 1 
ATOM   931  N N   . ASP A 1 122 ? -7.745  13.376  1.370   1.00 22.57 ? 1123 ASP A N   1 
ATOM   932  C CA  . ASP A 1 122 ? -8.084  13.490  2.802   1.00 27.07 ? 1123 ASP A CA  1 
ATOM   933  C C   . ASP A 1 122 ? -9.593  13.434  3.028   1.00 25.63 ? 1123 ASP A C   1 
ATOM   934  O O   . ASP A 1 122 ? -10.316 14.307  2.569   1.00 29.90 ? 1123 ASP A O   1 
ATOM   935  C CB  . ASP A 1 122 ? -7.532  14.799  3.401   1.00 24.58 ? 1123 ASP A CB  1 
ATOM   936  C CG  . ASP A 1 122 ? -6.013  14.876  3.363   1.00 31.15 ? 1123 ASP A CG  1 
ATOM   937  O OD1 . ASP A 1 122 ? -5.372  13.816  3.268   1.00 32.18 ? 1123 ASP A OD1 1 
ATOM   938  O OD2 . ASP A 1 122 ? -5.449  15.994  3.424   1.00 30.69 ? 1123 ASP A OD2 1 
ATOM   939  N N   . GLY A 1 123 ? -10.054 12.414  3.752   1.00 27.15 ? 1124 GLY A N   1 
ATOM   940  C CA  . GLY A 1 123 ? -11.476 12.249  4.014   1.00 25.31 ? 1124 GLY A CA  1 
ATOM   941  C C   . GLY A 1 123 ? -12.082 11.162  3.141   1.00 27.69 ? 1124 GLY A C   1 
ATOM   942  O O   . GLY A 1 123 ? -13.169 10.649  3.421   1.00 30.64 ? 1124 GLY A O   1 
ATOM   943  N N   . LYS A 1 124 ? -11.347 10.784  2.099   1.00 26.81 ? 1125 LYS A N   1 
ATOM   944  C CA  . LYS A 1 124 ? -11.771 9.764   1.153   1.00 25.67 ? 1125 LYS A CA  1 
ATOM   945  C C   . LYS A 1 124 ? -10.982 8.476   1.403   1.00 22.74 ? 1125 LYS A C   1 
ATOM   946  O O   . LYS A 1 124 ? -11.536 7.379   1.352   1.00 23.29 ? 1125 LYS A O   1 
ATOM   947  C CB  . LYS A 1 124 ? -11.523 10.266  -0.277  1.00 27.79 ? 1125 LYS A CB  1 
ATOM   948  C CG  . LYS A 1 124 ? -12.028 11.695  -0.520  1.00 33.82 ? 1125 LYS A CG  1 
ATOM   949  C CD  . LYS A 1 124 ? -11.517 12.284  -1.834  1.00 37.26 ? 1125 LYS A CD  1 
ATOM   950  C CE  . LYS A 1 124 ? -12.490 12.084  -2.980  1.00 36.83 ? 1125 LYS A CE  1 
ATOM   951  N NZ  . LYS A 1 124 ? -12.736 10.651  -3.294  1.00 44.21 ? 1125 LYS A NZ  1 
ATOM   952  N N   . HIS A 1 125 ? -9.685  8.624   1.669   1.00 21.07 ? 1126 HIS A N   1 
ATOM   953  C CA  . HIS A 1 125 ? -8.804  7.479   1.920   1.00 20.99 ? 1126 HIS A CA  1 
ATOM   954  C C   . HIS A 1 125 ? -8.169  7.514   3.316   1.00 13.51 ? 1126 HIS A C   1 
ATOM   955  O O   . HIS A 1 125 ? -7.604  8.530   3.724   1.00 16.73 ? 1126 HIS A O   1 
ATOM   956  C CB  . HIS A 1 125 ? -7.717  7.411   0.839   1.00 21.44 ? 1126 HIS A CB  1 
ATOM   957  C CG  . HIS A 1 125 ? -8.246  7.151   -0.539  1.00 15.53 ? 1126 HIS A CG  1 
ATOM   958  N ND1 . HIS A 1 125 ? -8.408  5.877   -1.046  1.00 16.77 ? 1126 HIS A ND1 1 
ATOM   959  C CD2 . HIS A 1 125 ? -8.661  7.998   -1.514  1.00 15.19 ? 1126 HIS A CD2 1 
ATOM   960  C CE1 . HIS A 1 125 ? -8.899  5.954   -2.270  1.00 20.45 ? 1126 HIS A CE1 1 
ATOM   961  N NE2 . HIS A 1 125 ? -9.060  7.228   -2.578  1.00 15.60 ? 1126 HIS A NE2 1 
ATOM   962  N N   . VAL A 1 126 ? -8.277  6.394   4.028   1.00 17.62 ? 1127 VAL A N   1 
ATOM   963  C CA  . VAL A 1 126 ? -7.736  6.242   5.383   1.00 17.48 ? 1127 VAL A CA  1 
ATOM   964  C C   . VAL A 1 126 ? -6.213  6.141   5.408   1.00 16.42 ? 1127 VAL A C   1 
ATOM   965  O O   . VAL A 1 126 ? -5.661  5.161   4.923   1.00 18.31 ? 1127 VAL A O   1 
ATOM   966  C CB  . VAL A 1 126 ? -8.272  4.967   6.040   1.00 16.45 ? 1127 VAL A CB  1 
ATOM   967  C CG1 . VAL A 1 126 ? -7.823  4.896   7.495   1.00 17.31 ? 1127 VAL A CG1 1 
ATOM   968  C CG2 . VAL A 1 126 ? -9.781  4.906   5.926   1.00 20.36 ? 1127 VAL A CG2 1 
ATOM   969  N N   . VAL A 1 127 ? -5.545  7.149   5.972   1.00 20.60 ? 1128 VAL A N   1 
ATOM   970  C CA  . VAL A 1 127 ? -4.084  7.152   6.081   1.00 23.91 ? 1128 VAL A CA  1 
ATOM   971  C C   . VAL A 1 127 ? -3.731  6.355   7.338   1.00 25.29 ? 1128 VAL A C   1 
ATOM   972  O O   . VAL A 1 127 ? -4.095  6.752   8.442   1.00 28.35 ? 1128 VAL A O   1 
ATOM   973  C CB  . VAL A 1 127 ? -3.528  8.577   6.200   1.00 20.84 ? 1128 VAL A CB  1 
ATOM   974  C CG1 . VAL A 1 127 ? -2.032  8.539   6.425   1.00 17.49 ? 1128 VAL A CG1 1 
ATOM   975  C CG2 . VAL A 1 127 ? -3.828  9.349   4.945   1.00 22.05 ? 1128 VAL A CG2 1 
ATOM   976  N N   . PHE A 1 128 ? -3.005  5.251   7.182   1.00 22.19 ? 1129 PHE A N   1 
ATOM   977  C CA  . PHE A 1 128 ? -2.701  4.415   8.346   1.00 18.73 ? 1129 PHE A CA  1 
ATOM   978  C C   . PHE A 1 128 ? -1.241  4.076   8.620   1.00 15.54 ? 1129 PHE A C   1 
ATOM   979  O O   . PHE A 1 128 ? -0.946  3.343   9.567   1.00 14.39 ? 1129 PHE A O   1 
ATOM   980  C CB  . PHE A 1 128 ? -3.479  3.111   8.239   1.00 16.45 ? 1129 PHE A CB  1 
ATOM   981  C CG  . PHE A 1 128 ? -3.032  2.256   7.112   1.00 15.25 ? 1129 PHE A CG  1 
ATOM   982  C CD1 . PHE A 1 128 ? -3.399  2.565   5.807   1.00 15.10 ? 1129 PHE A CD1 1 
ATOM   983  C CD2 . PHE A 1 128 ? -2.193  1.178   7.338   1.00 11.06 ? 1129 PHE A CD2 1 
ATOM   984  C CE1 . PHE A 1 128 ? -2.936  1.818   4.754   1.00 8.06  ? 1129 PHE A CE1 1 
ATOM   985  C CE2 . PHE A 1 128 ? -1.726  0.427   6.289   1.00 8.55  ? 1129 PHE A CE2 1 
ATOM   986  C CZ  . PHE A 1 128 ? -2.092  0.739   4.989   1.00 12.43 ? 1129 PHE A CZ  1 
ATOM   987  N N   . GLY A 1 129 ? -0.346  4.585   7.790   1.00 12.92 ? 1130 GLY A N   1 
ATOM   988  C CA  . GLY A 1 129 ? 1.066   4.307   7.957   1.00 18.25 ? 1130 GLY A CA  1 
ATOM   989  C C   . GLY A 1 129 ? 1.914   5.247   7.138   1.00 19.32 ? 1130 GLY A C   1 
ATOM   990  O O   . GLY A 1 129 ? 1.384   6.156   6.484   1.00 20.05 ? 1130 GLY A O   1 
ATOM   991  N N   . LYS A 1 130 ? 3.228   5.012   7.151   1.00 19.31 ? 1131 LYS A N   1 
ATOM   992  C CA  . LYS A 1 130 ? 4.181   5.833   6.412   1.00 20.39 ? 1131 LYS A CA  1 
ATOM   993  C C   . LYS A 1 130 ? 5.539   5.140   6.304   1.00 17.04 ? 1131 LYS A C   1 
ATOM   994  O O   . LYS A 1 130 ? 5.966   4.458   7.232   1.00 17.01 ? 1131 LYS A O   1 
ATOM   995  C CB  . LYS A 1 130 ? 4.351   7.186   7.118   1.00 27.88 ? 1131 LYS A CB  1 
ATOM   996  C CG  . LYS A 1 130 ? 5.143   8.224   6.342   1.00 36.29 ? 1131 LYS A CG  1 
ATOM   997  C CD  . LYS A 1 130 ? 5.064   9.588   7.031   1.00 46.04 ? 1131 LYS A CD  1 
ATOM   998  C CE  . LYS A 1 130 ? 5.743   10.684  6.215   1.00 46.79 ? 1131 LYS A CE  1 
ATOM   999  N NZ  . LYS A 1 130 ? 7.185   10.391  5.968   1.00 52.31 ? 1131 LYS A NZ  1 
ATOM   1000 N N   . VAL A 1 131 ? 6.211   5.333   5.172   1.00 16.38 ? 1132 VAL A N   1 
ATOM   1001 C CA  . VAL A 1 131 ? 7.535   4.758   4.924   1.00 16.18 ? 1132 VAL A CA  1 
ATOM   1002 C C   . VAL A 1 131 ? 8.489   5.340   5.977   1.00 19.73 ? 1132 VAL A C   1 
ATOM   1003 O O   . VAL A 1 131 ? 8.407   6.534   6.298   1.00 14.20 ? 1132 VAL A O   1 
ATOM   1004 C CB  . VAL A 1 131 ? 8.063   5.152   3.510   1.00 13.28 ? 1132 VAL A CB  1 
ATOM   1005 C CG1 . VAL A 1 131 ? 9.495   4.668   3.306   1.00 17.86 ? 1132 VAL A CG1 1 
ATOM   1006 C CG2 . VAL A 1 131 ? 7.166   4.584   2.423   1.00 14.06 ? 1132 VAL A CG2 1 
ATOM   1007 N N   . LYS A 1 132 ? 9.329   4.480   6.554   1.00 19.00 ? 1133 LYS A N   1 
ATOM   1008 C CA  . LYS A 1 132 ? 10.312  4.883   7.562   1.00 17.79 ? 1133 LYS A CA  1 
ATOM   1009 C C   . LYS A 1 132 ? 11.648  4.979   6.862   1.00 17.58 ? 1133 LYS A C   1 
ATOM   1010 O O   . LYS A 1 132 ? 12.427  5.894   7.096   1.00 16.13 ? 1133 LYS A O   1 
ATOM   1011 C CB  . LYS A 1 132 ? 10.422  3.837   8.672   1.00 21.90 ? 1133 LYS A CB  1 
ATOM   1012 C CG  . LYS A 1 132 ? 9.211   3.715   9.561   1.00 26.03 ? 1133 LYS A CG  1 
ATOM   1013 C CD  . LYS A 1 132 ? 9.438   2.653   10.627  1.00 30.88 ? 1133 LYS A CD  1 
ATOM   1014 C CE  . LYS A 1 132 ? 10.616  3.012   11.515  1.00 36.17 ? 1133 LYS A CE  1 
ATOM   1015 N NZ  . LYS A 1 132 ? 10.872  1.995   12.574  1.00 42.49 ? 1133 LYS A NZ  1 
ATOM   1016 N N   . GLU A 1 133 ? 11.910  3.992   6.014   1.00 19.14 ? 1134 GLU A N   1 
ATOM   1017 C CA  . GLU A 1 133 ? 13.146  3.935   5.258   1.00 24.10 ? 1134 GLU A CA  1 
ATOM   1018 C C   . GLU A 1 133 ? 12.873  3.261   3.920   1.00 18.44 ? 1134 GLU A C   1 
ATOM   1019 O O   . GLU A 1 133 ? 12.051  2.353   3.832   1.00 16.67 ? 1134 GLU A O   1 
ATOM   1020 C CB  . GLU A 1 133 ? 14.215  3.168   6.045   1.00 26.87 ? 1134 GLU A CB  1 
ATOM   1021 C CG  . GLU A 1 133 ? 15.626  3.693   5.796   1.00 35.29 ? 1134 GLU A CG  1 
ATOM   1022 C CD  . GLU A 1 133 ? 16.652  3.167   6.794   1.00 38.18 ? 1134 GLU A CD  1 
ATOM   1023 O OE1 . GLU A 1 133 ? 16.509  3.445   8.008   1.00 42.81 ? 1134 GLU A OE1 1 
ATOM   1024 O OE2 . GLU A 1 133 ? 17.612  2.489   6.358   1.00 35.21 ? 1134 GLU A OE2 1 
ATOM   1025 N N   . GLY A 1 134 ? 13.567  3.716   2.883   1.00 21.62 ? 1135 GLY A N   1 
ATOM   1026 C CA  . GLY A 1 134 ? 13.381  3.141   1.568   1.00 26.63 ? 1135 GLY A CA  1 
ATOM   1027 C C   . GLY A 1 134 ? 12.549  4.000   0.635   1.00 27.43 ? 1135 GLY A C   1 
ATOM   1028 O O   . GLY A 1 134 ? 12.012  3.503   -0.356  1.00 34.52 ? 1135 GLY A O   1 
ATOM   1029 N N   . MET A 1 135 ? 12.447  5.290   0.933   1.00 26.72 ? 1136 MET A N   1 
ATOM   1030 C CA  . MET A 1 135 ? 11.684  6.196   0.088   1.00 25.43 ? 1136 MET A CA  1 
ATOM   1031 C C   . MET A 1 135 ? 12.364  6.357   -1.271  1.00 30.64 ? 1136 MET A C   1 
ATOM   1032 O O   . MET A 1 135 ? 11.754  6.855   -2.213  1.00 33.99 ? 1136 MET A O   1 
ATOM   1033 C CB  . MET A 1 135 ? 11.517  7.555   0.766   1.00 25.84 ? 1136 MET A CB  1 
ATOM   1034 C CG  . MET A 1 135 ? 10.526  8.490   0.074   1.00 25.44 ? 1136 MET A CG  1 
ATOM   1035 S SD  . MET A 1 135 ? 8.859   7.785   -0.058  1.00 26.74 ? 1136 MET A SD  1 
ATOM   1036 C CE  . MET A 1 135 ? 8.522   7.975   -1.790  1.00 24.03 ? 1136 MET A CE  1 
ATOM   1037 N N   . ASN A 1 136 ? 13.624  5.930   -1.361  1.00 33.93 ? 1137 ASN A N   1 
ATOM   1038 C CA  . ASN A 1 136 ? 14.398  6.004   -2.606  1.00 35.47 ? 1137 ASN A CA  1 
ATOM   1039 C C   . ASN A 1 136 ? 14.159  4.747   -3.451  1.00 34.54 ? 1137 ASN A C   1 
ATOM   1040 O O   . ASN A 1 136 ? 14.509  4.698   -4.642  1.00 34.28 ? 1137 ASN A O   1 
ATOM   1041 C CB  . ASN A 1 136 ? 15.891  6.171   -2.306  1.00 36.04 ? 1137 ASN A CB  1 
ATOM   1042 C CG  . ASN A 1 136 ? 16.488  4.958   -1.619  1.00 39.91 ? 1137 ASN A CG  1 
ATOM   1043 O OD1 . ASN A 1 136 ? 15.908  4.399   -0.682  1.00 37.68 ? 1137 ASN A OD1 1 
ATOM   1044 N ND2 . ASN A 1 136 ? 17.656  4.536   -2.092  1.00 43.36 ? 1137 ASN A ND2 1 
ATOM   1045 N N   . ILE A 1 137 ? 13.618  3.713   -2.810  1.00 31.05 ? 1138 ILE A N   1 
ATOM   1046 C CA  . ILE A 1 137 ? 13.288  2.476   -3.509  1.00 29.09 ? 1138 ILE A CA  1 
ATOM   1047 C C   . ILE A 1 137 ? 11.924  2.722   -4.143  1.00 31.49 ? 1138 ILE A C   1 
ATOM   1048 O O   . ILE A 1 137 ? 11.748  2.512   -5.342  1.00 29.20 ? 1138 ILE A O   1 
ATOM   1049 C CB  . ILE A 1 137 ? 13.258  1.269   -2.553  1.00 28.17 ? 1138 ILE A CB  1 
ATOM   1050 C CG1 . ILE A 1 137 ? 14.665  1.048   -1.989  1.00 27.38 ? 1138 ILE A CG1 1 
ATOM   1051 C CG2 . ILE A 1 137 ? 12.751  0.016   -3.270  1.00 21.68 ? 1138 ILE A CG2 1 
ATOM   1052 C CD1 . ILE A 1 137 ? 15.762  1.131   -3.054  1.00 27.35 ? 1138 ILE A CD1 1 
ATOM   1053 N N   . VAL A 1 138 ? 11.002  3.261   -3.343  1.00 31.54 ? 1139 VAL A N   1 
ATOM   1054 C CA  . VAL A 1 138 ? 9.654   3.599   -3.798  1.00 29.45 ? 1139 VAL A CA  1 
ATOM   1055 C C   . VAL A 1 138 ? 9.769   4.544   -5.003  1.00 33.14 ? 1139 VAL A C   1 
ATOM   1056 O O   . VAL A 1 138 ? 9.050   4.405   -5.995  1.00 33.04 ? 1139 VAL A O   1 
ATOM   1057 C CB  . VAL A 1 138 ? 8.836   4.296   -2.663  1.00 25.99 ? 1139 VAL A CB  1 
ATOM   1058 C CG1 . VAL A 1 138 ? 7.490   4.802   -3.192  1.00 22.85 ? 1139 VAL A CG1 1 
ATOM   1059 C CG2 . VAL A 1 138 ? 8.602   3.336   -1.505  1.00 17.83 ? 1139 VAL A CG2 1 
ATOM   1060 N N   . GLU A 1 139 ? 10.733  5.457   -4.928  1.00 36.08 ? 1140 GLU A N   1 
ATOM   1061 C CA  . GLU A 1 139 ? 10.982  6.439   -5.981  1.00 38.66 ? 1140 GLU A CA  1 
ATOM   1062 C C   . GLU A 1 139 ? 11.637  5.835   -7.224  1.00 37.13 ? 1140 GLU A C   1 
ATOM   1063 O O   . GLU A 1 139 ? 11.465  6.339   -8.334  1.00 37.11 ? 1140 GLU A O   1 
ATOM   1064 C CB  . GLU A 1 139 ? 11.852  7.559   -5.427  1.00 40.72 ? 1140 GLU A CB  1 
ATOM   1065 C CG  . GLU A 1 139 ? 11.727  8.862   -6.170  1.00 49.65 ? 1140 GLU A CG  1 
ATOM   1066 C CD  . GLU A 1 139 ? 12.233  10.034  -5.362  1.00 53.79 ? 1140 GLU A CD  1 
ATOM   1067 O OE1 . GLU A 1 139 ? 12.575  9.849   -4.170  1.00 55.08 ? 1140 GLU A OE1 1 
ATOM   1068 O OE2 . GLU A 1 139 ? 12.278  11.149  -5.922  1.00 57.84 ? 1140 GLU A OE2 1 
ATOM   1069 N N   . ALA A 1 140 ? 12.389  4.760   -7.025  1.00 35.94 ? 1141 ALA A N   1 
ATOM   1070 C CA  . ALA A 1 140 ? 13.066  4.075   -8.116  1.00 37.28 ? 1141 ALA A CA  1 
ATOM   1071 C C   . ALA A 1 140 ? 12.061  3.273   -8.948  1.00 37.53 ? 1141 ALA A C   1 
ATOM   1072 O O   . ALA A 1 140 ? 12.120  3.268   -10.181 1.00 37.57 ? 1141 ALA A O   1 
ATOM   1073 C CB  . ALA A 1 140 ? 14.141  3.163   -7.557  1.00 40.22 ? 1141 ALA A CB  1 
ATOM   1074 N N   . MET A 1 141 ? 11.151  2.588   -8.261  1.00 34.12 ? 1142 MET A N   1 
ATOM   1075 C CA  . MET A 1 141 ? 10.112  1.788   -8.904  1.00 31.32 ? 1142 MET A CA  1 
ATOM   1076 C C   . MET A 1 141 ? 9.011   2.687   -9.491  1.00 30.80 ? 1142 MET A C   1 
ATOM   1077 O O   . MET A 1 141 ? 8.205   2.242   -10.304 1.00 28.58 ? 1142 MET A O   1 
ATOM   1078 C CB  . MET A 1 141 ? 9.504   0.819   -7.889  1.00 30.78 ? 1142 MET A CB  1 
ATOM   1079 C CG  . MET A 1 141 ? 8.858   1.519   -6.711  1.00 30.19 ? 1142 MET A CG  1 
ATOM   1080 S SD  . MET A 1 141 ? 8.532   0.461   -5.314  1.00 27.01 ? 1142 MET A SD  1 
ATOM   1081 C CE  . MET A 1 141 ? 6.768   0.298   -5.411  1.00 31.99 ? 1142 MET A CE  1 
ATOM   1082 N N   . GLU A 1 142 ? 8.988   3.948   -9.069  1.00 30.87 ? 1143 GLU A N   1 
ATOM   1083 C CA  . GLU A 1 142 ? 8.006   4.910   -9.555  1.00 34.42 ? 1143 GLU A CA  1 
ATOM   1084 C C   . GLU A 1 142 ? 8.246   5.218   -11.032 1.00 37.66 ? 1143 GLU A C   1 
ATOM   1085 O O   . GLU A 1 142 ? 7.291   5.352   -11.801 1.00 34.75 ? 1143 GLU A O   1 
ATOM   1086 C CB  . GLU A 1 142 ? 8.074   6.194   -8.734  1.00 33.87 ? 1143 GLU A CB  1 
ATOM   1087 C CG  . GLU A 1 142 ? 7.122   7.274   -9.197  1.00 36.42 ? 1143 GLU A CG  1 
ATOM   1088 C CD  . GLU A 1 142 ? 7.279   8.583   -8.445  1.00 36.15 ? 1143 GLU A CD  1 
ATOM   1089 O OE1 . GLU A 1 142 ? 8.430   8.990   -8.166  1.00 40.26 ? 1143 GLU A OE1 1 
ATOM   1090 O OE2 . GLU A 1 142 ? 6.245   9.215   -8.147  1.00 34.02 ? 1143 GLU A OE2 1 
ATOM   1091 N N   . ARG A 1 143 ? 9.523   5.313   -11.413 1.00 39.28 ? 1144 ARG A N   1 
ATOM   1092 C CA  . ARG A 1 143 ? 9.929   5.592   -12.793 1.00 40.65 ? 1144 ARG A CA  1 
ATOM   1093 C C   . ARG A 1 143 ? 9.475   4.490   -13.757 1.00 40.38 ? 1144 ARG A C   1 
ATOM   1094 O O   . ARG A 1 143 ? 9.393   4.706   -14.970 1.00 38.43 ? 1144 ARG A O   1 
ATOM   1095 C CB  . ARG A 1 143 ? 11.449  5.762   -12.878 1.00 46.03 ? 1144 ARG A CB  1 
ATOM   1096 C CG  . ARG A 1 143 ? 12.005  6.995   -12.156 1.00 53.11 ? 1144 ARG A CG  1 
ATOM   1097 C CD  . ARG A 1 143 ? 13.533  7.092   -12.286 1.00 54.11 ? 1144 ARG A CD  1 
ATOM   1098 N NE  . ARG A 1 143 ? 14.248  6.160   -11.407 1.00 58.90 ? 1144 ARG A NE  1 
ATOM   1099 C CZ  . ARG A 1 143 ? 14.529  4.890   -11.700 1.00 58.87 ? 1144 ARG A CZ  1 
ATOM   1100 N NH1 . ARG A 1 143 ? 14.160  4.365   -12.864 1.00 62.29 ? 1144 ARG A NH1 1 
ATOM   1101 N NH2 . ARG A 1 143 ? 15.184  4.138   -10.822 1.00 55.12 ? 1144 ARG A NH2 1 
ATOM   1102 N N   . PHE A 1 144 ? 9.186   3.311   -13.205 1.00 38.35 ? 1145 PHE A N   1 
ATOM   1103 C CA  . PHE A 1 144 ? 8.711   2.171   -13.982 1.00 37.71 ? 1145 PHE A CA  1 
ATOM   1104 C C   . PHE A 1 144 ? 7.180   2.159   -14.015 1.00 36.16 ? 1145 PHE A C   1 
ATOM   1105 O O   . PHE A 1 144 ? 6.550   1.102   -14.110 1.00 31.07 ? 1145 PHE A O   1 
ATOM   1106 C CB  . PHE A 1 144 ? 9.230   0.867   -13.378 1.00 42.45 ? 1145 PHE A CB  1 
ATOM   1107 C CG  . PHE A 1 144 ? 10.725  0.779   -13.326 1.00 51.61 ? 1145 PHE A CG  1 
ATOM   1108 C CD1 . PHE A 1 144 ? 11.479  0.820   -14.498 1.00 52.74 ? 1145 PHE A CD1 1 
ATOM   1109 C CD2 . PHE A 1 144 ? 11.386  0.680   -12.104 1.00 54.59 ? 1145 PHE A CD2 1 
ATOM   1110 C CE1 . PHE A 1 144 ? 12.869  0.765   -14.457 1.00 53.97 ? 1145 PHE A CE1 1 
ATOM   1111 C CE2 . PHE A 1 144 ? 12.777  0.624   -12.048 1.00 56.18 ? 1145 PHE A CE2 1 
ATOM   1112 C CZ  . PHE A 1 144 ? 13.521  0.667   -13.230 1.00 56.40 ? 1145 PHE A CZ  1 
ATOM   1113 N N   . GLY A 1 145 ? 6.593   3.344   -13.878 1.00 33.87 ? 1146 GLY A N   1 
ATOM   1114 C CA  . GLY A 1 145 ? 5.149   3.477   -13.907 1.00 32.35 ? 1146 GLY A CA  1 
ATOM   1115 C C   . GLY A 1 145 ? 4.752   4.241   -15.152 1.00 30.51 ? 1146 GLY A C   1 
ATOM   1116 O O   . GLY A 1 145 ? 5.466   4.204   -16.151 1.00 27.54 ? 1146 GLY A O   1 
ATOM   1117 N N   . SER A 1 146 ? 3.608   4.919   -15.097 1.00 33.78 ? 1147 SER A N   1 
ATOM   1118 C CA  . SER A 1 146 ? 3.114   5.709   -16.226 1.00 34.06 ? 1147 SER A CA  1 
ATOM   1119 C C   . SER A 1 146 ? 1.976   6.649   -15.832 1.00 36.13 ? 1147 SER A C   1 
ATOM   1120 O O   . SER A 1 146 ? 1.739   6.893   -14.651 1.00 33.46 ? 1147 SER A O   1 
ATOM   1121 C CB  . SER A 1 146 ? 2.690   4.814   -17.400 1.00 29.23 ? 1147 SER A CB  1 
ATOM   1122 O OG  . SER A 1 146 ? 1.717   3.867   -17.014 1.00 31.90 ? 1147 SER A OG  1 
ATOM   1123 N N   . ARG A 1 147 ? 1.284   7.178   -16.840 1.00 38.63 ? 1148 ARG A N   1 
ATOM   1124 C CA  . ARG A 1 147 ? 0.185   8.118   -16.640 1.00 36.54 ? 1148 ARG A CA  1 
ATOM   1125 C C   . ARG A 1 147 ? -1.083  7.408   -16.173 1.00 32.07 ? 1148 ARG A C   1 
ATOM   1126 O O   . ARG A 1 147 ? -1.750  7.866   -15.249 1.00 30.48 ? 1148 ARG A O   1 
ATOM   1127 C CB  . ARG A 1 147 ? -0.092  8.866   -17.951 1.00 43.65 ? 1148 ARG A CB  1 
ATOM   1128 C CG  . ARG A 1 147 ? -0.513  10.324  -17.797 1.00 48.89 ? 1148 ARG A CG  1 
ATOM   1129 C CD  . ARG A 1 147 ? 0.692   11.266  -17.754 1.00 50.29 ? 1148 ARG A CD  1 
ATOM   1130 N NE  . ARG A 1 147 ? 1.515   11.192  -18.968 1.00 56.96 ? 1148 ARG A NE  1 
ATOM   1131 C CZ  . ARG A 1 147 ? 1.112   11.533  -20.192 1.00 53.57 ? 1148 ARG A CZ  1 
ATOM   1132 N NH1 . ARG A 1 147 ? -0.116  11.985  -20.394 1.00 53.27 ? 1148 ARG A NH1 1 
ATOM   1133 N NH2 . ARG A 1 147 ? 1.940   11.403  -21.223 1.00 52.72 ? 1148 ARG A NH2 1 
ATOM   1134 N N   . ASN A 1 148 ? -1.403  6.286   -16.815 1.00 31.40 ? 1149 ASN A N   1 
ATOM   1135 C CA  . ASN A 1 148 ? -2.593  5.502   -16.483 1.00 31.70 ? 1149 ASN A CA  1 
ATOM   1136 C C   . ASN A 1 148 ? -2.346  4.467   -15.384 1.00 33.72 ? 1149 ASN A C   1 
ATOM   1137 O O   . ASN A 1 148 ? -3.256  3.724   -14.999 1.00 32.40 ? 1149 ASN A O   1 
ATOM   1138 C CB  . ASN A 1 148 ? -3.135  4.810   -17.740 1.00 34.41 ? 1149 ASN A CB  1 
ATOM   1139 C CG  . ASN A 1 148 ? -2.145  3.816   -18.342 1.00 35.97 ? 1149 ASN A CG  1 
ATOM   1140 O OD1 . ASN A 1 148 ? -2.081  2.658   -17.926 1.00 34.17 ? 1149 ASN A OD1 1 
ATOM   1141 N ND2 . ASN A 1 148 ? -1.384  4.264   -19.337 1.00 41.03 ? 1149 ASN A ND2 1 
ATOM   1142 N N   . GLY A 1 149 ? -1.106  4.406   -14.898 1.00 34.46 ? 1150 GLY A N   1 
ATOM   1143 C CA  . GLY A 1 149 ? -0.757  3.458   -13.850 1.00 33.26 ? 1150 GLY A CA  1 
ATOM   1144 C C   . GLY A 1 149 ? -0.167  2.147   -14.346 1.00 31.55 ? 1150 GLY A C   1 
ATOM   1145 O O   . GLY A 1 149 ? 0.143   1.254   -13.550 1.00 20.10 ? 1150 GLY A O   1 
ATOM   1146 N N   . LYS A 1 150 ? -0.058  2.001   -15.665 1.00 34.87 ? 1151 LYS A N   1 
ATOM   1147 C CA  . LYS A 1 150 ? 0.499   0.784   -16.242 1.00 37.11 ? 1151 LYS A CA  1 
ATOM   1148 C C   . LYS A 1 150 ? 1.978   0.775   -15.908 1.00 35.54 ? 1151 LYS A C   1 
ATOM   1149 O O   . LYS A 1 150 ? 2.644   1.803   -16.002 1.00 34.73 ? 1151 LYS A O   1 
ATOM   1150 C CB  . LYS A 1 150 ? 0.315   0.766   -17.762 1.00 41.39 ? 1151 LYS A CB  1 
ATOM   1151 C CG  . LYS A 1 150 ? 0.810   -0.511  -18.437 1.00 45.26 ? 1151 LYS A CG  1 
ATOM   1152 C CD  . LYS A 1 150 ? 0.931   -0.329  -19.945 1.00 45.10 ? 1151 LYS A CD  1 
ATOM   1153 C CE  . LYS A 1 150 ? 1.484   -1.572  -20.630 1.00 44.08 ? 1151 LYS A CE  1 
ATOM   1154 N NZ  . LYS A 1 150 ? 1.747   -1.318  -22.075 1.00 44.62 ? 1151 LYS A NZ  1 
ATOM   1155 N N   . THR A 1 151 ? 2.482   -0.380  -15.491 1.00 36.10 ? 1152 THR A N   1 
ATOM   1156 C CA  . THR A 1 151 ? 3.891   -0.498  -15.136 1.00 35.18 ? 1152 THR A CA  1 
ATOM   1157 C C   . THR A 1 151 ? 4.727   -1.067  -16.284 1.00 34.46 ? 1152 THR A C   1 
ATOM   1158 O O   . THR A 1 151 ? 4.461   -2.178  -16.766 1.00 33.59 ? 1152 THR A O   1 
ATOM   1159 C CB  . THR A 1 151 ? 4.072   -1.341  -13.851 1.00 32.04 ? 1152 THR A CB  1 
ATOM   1160 O OG1 . THR A 1 151 ? 3.580   -2.668  -14.067 1.00 35.84 ? 1152 THR A OG1 1 
ATOM   1161 C CG2 . THR A 1 151 ? 3.302   -0.710  -12.688 1.00 30.39 ? 1152 THR A CG2 1 
ATOM   1162 N N   . SER A 1 152 ? 5.729   -0.289  -16.710 1.00 35.12 ? 1153 SER A N   1 
ATOM   1163 C CA  . SER A 1 152 ? 6.644   -0.650  -17.799 1.00 35.39 ? 1153 SER A CA  1 
ATOM   1164 C C   . SER A 1 152 ? 7.573   -1.815  -17.464 1.00 35.97 ? 1153 SER A C   1 
ATOM   1165 O O   . SER A 1 152 ? 8.322   -2.285  -18.317 1.00 36.03 ? 1153 SER A O   1 
ATOM   1166 C CB  . SER A 1 152 ? 7.464   0.566   -18.256 1.00 34.19 ? 1153 SER A CB  1 
ATOM   1167 O OG  . SER A 1 152 ? 8.353   1.025   -17.252 1.00 38.09 ? 1153 SER A OG  1 
ATOM   1168 N N   . LYS A 1 153 ? 7.533   -2.247  -16.208 1.00 39.48 ? 1154 LYS A N   1 
ATOM   1169 C CA  . LYS A 1 153 ? 8.315   -3.378  -15.713 1.00 39.96 ? 1154 LYS A CA  1 
ATOM   1170 C C   . LYS A 1 153 ? 7.487   -4.000  -14.584 1.00 40.67 ? 1154 LYS A C   1 
ATOM   1171 O O   . LYS A 1 153 ? 6.630   -3.328  -14.006 1.00 40.25 ? 1154 LYS A O   1 
ATOM   1172 C CB  . LYS A 1 153 ? 9.690   -2.921  -15.192 1.00 40.12 ? 1154 LYS A CB  1 
ATOM   1173 C CG  . LYS A 1 153 ? 10.735  -2.657  -16.287 1.00 38.85 ? 1154 LYS A CG  1 
ATOM   1174 C CD  . LYS A 1 153 ? 12.141  -2.545  -15.709 1.00 37.48 ? 1154 LYS A CD  1 
ATOM   1175 C CE  . LYS A 1 153 ? 13.218  -2.640  -16.780 1.00 37.85 ? 1154 LYS A CE  1 
ATOM   1176 N NZ  . LYS A 1 153 ? 13.228  -1.461  -17.676 1.00 33.15 ? 1154 LYS A NZ  1 
ATOM   1177 N N   . LYS A 1 154 ? 7.709   -5.282  -14.299 1.00 40.36 ? 1155 LYS A N   1 
ATOM   1178 C CA  . LYS A 1 154 ? 6.973   -5.988  -13.239 1.00 36.70 ? 1155 LYS A CA  1 
ATOM   1179 C C   . LYS A 1 154 ? 7.520   -5.739  -11.821 1.00 38.01 ? 1155 LYS A C   1 
ATOM   1180 O O   . LYS A 1 154 ? 8.427   -6.439  -11.373 1.00 40.01 ? 1155 LYS A O   1 
ATOM   1181 C CB  . LYS A 1 154 ? 6.940   -7.496  -13.548 1.00 36.23 ? 1155 LYS A CB  1 
ATOM   1182 C CG  . LYS A 1 154 ? 6.427   -8.415  -12.428 1.00 35.64 ? 1155 LYS A CG  1 
ATOM   1183 C CD  . LYS A 1 154 ? 4.946   -8.220  -12.121 1.00 40.95 ? 1155 LYS A CD  1 
ATOM   1184 C CE  . LYS A 1 154 ? 4.422   -9.233  -11.088 1.00 43.63 ? 1155 LYS A CE  1 
ATOM   1185 N NZ  . LYS A 1 154 ? 4.403   -10.655 -11.562 1.00 40.07 ? 1155 LYS A NZ  1 
ATOM   1186 N N   . ILE A 1 155 ? 6.984   -4.728  -11.131 1.00 35.93 ? 1156 ILE A N   1 
ATOM   1187 C CA  . ILE A 1 155 ? 7.399   -4.413  -9.759  1.00 30.39 ? 1156 ILE A CA  1 
ATOM   1188 C C   . ILE A 1 155 ? 6.618   -5.317  -8.800  1.00 26.56 ? 1156 ILE A C   1 
ATOM   1189 O O   . ILE A 1 155 ? 5.391   -5.267  -8.765  1.00 21.97 ? 1156 ILE A O   1 
ATOM   1190 C CB  . ILE A 1 155 ? 7.154   -2.924  -9.398  1.00 32.56 ? 1156 ILE A CB  1 
ATOM   1191 C CG1 . ILE A 1 155 ? 8.168   -2.027  -10.115 1.00 36.29 ? 1156 ILE A CG1 1 
ATOM   1192 C CG2 . ILE A 1 155 ? 7.247   -2.713  -7.887  1.00 31.83 ? 1156 ILE A CG2 1 
ATOM   1193 C CD1 . ILE A 1 155 ? 7.832   -1.712  -11.550 1.00 31.99 ? 1156 ILE A CD1 1 
ATOM   1194 N N   . THR A 1 156 ? 7.351   -6.115  -8.020  1.00 22.61 ? 1157 THR A N   1 
ATOM   1195 C CA  . THR A 1 156 ? 6.789   -7.087  -7.072  1.00 21.40 ? 1157 THR A CA  1 
ATOM   1196 C C   . THR A 1 156 ? 7.285   -6.892  -5.637  1.00 21.62 ? 1157 THR A C   1 
ATOM   1197 O O   . THR A 1 156 ? 8.307   -6.247  -5.405  1.00 18.50 ? 1157 THR A O   1 
ATOM   1198 C CB  . THR A 1 156 ? 7.238   -8.516  -7.459  1.00 23.92 ? 1157 THR A CB  1 
ATOM   1199 O OG1 . THR A 1 156 ? 7.184   -8.672  -8.880  1.00 26.90 ? 1157 THR A OG1 1 
ATOM   1200 C CG2 . THR A 1 156 ? 6.367   -9.583  -6.785  1.00 17.97 ? 1157 THR A CG2 1 
ATOM   1201 N N   . ILE A 1 157 ? 6.545   -7.460  -4.686  1.00 23.30 ? 1158 ILE A N   1 
ATOM   1202 C CA  . ILE A 1 157 ? 6.933   -7.431  -3.281  1.00 23.49 ? 1158 ILE A CA  1 
ATOM   1203 C C   . ILE A 1 157 ? 7.628   -8.791  -3.099  1.00 25.60 ? 1158 ILE A C   1 
ATOM   1204 O O   . ILE A 1 157 ? 7.024   -9.756  -2.610  1.00 21.64 ? 1158 ILE A O   1 
ATOM   1205 C CB  . ILE A 1 157 ? 5.725   -7.375  -2.299  1.00 20.90 ? 1158 ILE A CB  1 
ATOM   1206 C CG1 . ILE A 1 157 ? 4.861   -6.136  -2.529  1.00 15.97 ? 1158 ILE A CG1 1 
ATOM   1207 C CG2 . ILE A 1 157 ? 6.225   -7.392  -0.862  1.00 18.20 ? 1158 ILE A CG2 1 
ATOM   1208 C CD1 . ILE A 1 157 ? 3.720   -6.021  -1.546  1.00 12.92 ? 1158 ILE A CD1 1 
ATOM   1209 N N   . ALA A 1 158 ? 8.883   -8.855  -3.550  1.00 29.08 ? 1159 ALA A N   1 
ATOM   1210 C CA  . ALA A 1 158 ? 9.711   -10.062 -3.473  1.00 31.84 ? 1159 ALA A CA  1 
ATOM   1211 C C   . ALA A 1 158 ? 9.669   -10.760 -2.109  1.00 29.55 ? 1159 ALA A C   1 
ATOM   1212 O O   . ALA A 1 158 ? 9.766   -11.984 -2.036  1.00 31.58 ? 1159 ALA A O   1 
ATOM   1213 C CB  . ALA A 1 158 ? 11.162  -9.733  -3.870  1.00 33.37 ? 1159 ALA A CB  1 
ATOM   1214 N N   . ASP A 1 159 ? 9.491   -9.978  -1.044  1.00 30.88 ? 1160 ASP A N   1 
ATOM   1215 C CA  . ASP A 1 159 ? 9.411   -10.501 0.320   1.00 30.40 ? 1160 ASP A CA  1 
ATOM   1216 C C   . ASP A 1 159 ? 8.802   -9.436  1.257   1.00 28.23 ? 1160 ASP A C   1 
ATOM   1217 O O   . ASP A 1 159 ? 8.774   -8.256  0.911   1.00 30.58 ? 1160 ASP A O   1 
ATOM   1218 C CB  . ASP A 1 159 ? 10.813  -10.909 0.804   1.00 33.84 ? 1160 ASP A CB  1 
ATOM   1219 C CG  . ASP A 1 159 ? 10.778  -11.762 2.067   1.00 37.32 ? 1160 ASP A CG  1 
ATOM   1220 O OD1 . ASP A 1 159 ? 9.756   -12.438 2.306   1.00 33.60 ? 1160 ASP A OD1 1 
ATOM   1221 O OD2 . ASP A 1 159 ? 11.780  -11.755 2.820   1.00 42.43 ? 1160 ASP A OD2 1 
ATOM   1222 N N   . CYS A 1 160 ? 8.308   -9.855  2.426   1.00 21.19 ? 1161 CYS A N   1 
ATOM   1223 C CA  . CYS A 1 160 ? 7.707   -8.939  3.399   1.00 20.44 ? 1161 CYS A CA  1 
ATOM   1224 C C   . CYS A 1 160 ? 7.462   -9.548  4.794   1.00 18.82 ? 1161 CYS A C   1 
ATOM   1225 O O   . CYS A 1 160 ? 7.388   -10.772 4.943   1.00 18.19 ? 1161 CYS A O   1 
ATOM   1226 C CB  . CYS A 1 160 ? 6.396   -8.380  2.838   1.00 23.72 ? 1161 CYS A CB  1 
ATOM   1227 S SG  . CYS A 1 160 ? 5.263   -9.660  2.246   1.00 26.61 ? 1161 CYS A SG  1 
ATOM   1228 N N   . GLY A 1 161 ? 7.340   -8.683  5.806   1.00 17.06 ? 1162 GLY A N   1 
ATOM   1229 C CA  . GLY A 1 161 ? 7.106   -9.131  7.174   1.00 15.42 ? 1162 GLY A CA  1 
ATOM   1230 C C   . GLY A 1 161 ? 7.232   -8.041  8.233   1.00 18.25 ? 1162 GLY A C   1 
ATOM   1231 O O   . GLY A 1 161 ? 7.400   -6.864  7.909   1.00 16.32 ? 1162 GLY A O   1 
ATOM   1232 N N   . GLN A 1 162 ? 7.216   -8.439  9.504   1.00 16.26 ? 1163 GLN A N   1 
ATOM   1233 C CA  . GLN A 1 162 ? 7.306   -7.501  10.633  1.00 15.93 ? 1163 GLN A CA  1 
ATOM   1234 C C   . GLN A 1 162 ? 8.660   -7.461  11.369  1.00 20.23 ? 1163 GLN A C   1 
ATOM   1235 O O   . GLN A 1 162 ? 9.135   -8.484  11.865  1.00 19.38 ? 1163 GLN A O   1 
ATOM   1236 C CB  . GLN A 1 162 ? 6.202   -7.837  11.629  1.00 14.05 ? 1163 GLN A CB  1 
ATOM   1237 C CG  . GLN A 1 162 ? 5.978   -6.849  12.750  1.00 15.48 ? 1163 GLN A CG  1 
ATOM   1238 C CD  . GLN A 1 162 ? 4.752   -7.213  13.574  1.00 10.63 ? 1163 GLN A CD  1 
ATOM   1239 O OE1 . GLN A 1 162 ? 4.472   -6.609  14.603  1.00 20.43 ? 1163 GLN A OE1 1 
ATOM   1240 N NE2 . GLN A 1 162 ? 4.016   -8.214  13.115  1.00 23.79 ? 1163 GLN A NE2 1 
ATOM   1241 N N   . LEU A 1 163 ? 9.247   -6.269  11.475  1.00 19.71 ? 1164 LEU A N   1 
ATOM   1242 C CA  . LEU A 1 163 ? 10.526  -6.091  12.164  1.00 21.84 ? 1164 LEU A CA  1 
ATOM   1243 C C   . LEU A 1 163 ? 10.365  -5.694  13.627  1.00 23.64 ? 1164 LEU A C   1 
ATOM   1244 O O   . LEU A 1 163 ? 11.334  -5.675  14.389  1.00 25.59 ? 1164 LEU A O   1 
ATOM   1245 C CB  . LEU A 1 163 ? 11.405  -5.094  11.422  1.00 20.08 ? 1164 LEU A CB  1 
ATOM   1246 C CG  . LEU A 1 163 ? 11.897  -5.668  10.098  1.00 23.56 ? 1164 LEU A CG  1 
ATOM   1247 C CD1 . LEU A 1 163 ? 12.574  -4.598  9.283   1.00 24.25 ? 1164 LEU A CD1 1 
ATOM   1248 C CD2 . LEU A 1 163 ? 12.824  -6.853  10.324  1.00 23.08 ? 1164 LEU A CD2 1 
ATOM   1249 N N   . GLU A 1 164 ? 9.136   -5.351  13.998  1.00 28.52 ? 1165 GLU A N   1 
ATOM   1250 C CA  . GLU A 1 164 ? 8.762   -4.989  15.369  1.00 26.56 ? 1165 GLU A CA  1 
ATOM   1251 C C   . GLU A 1 164 ? 7.343   -4.436  15.398  1.00 26.59 ? 1165 GLU A C   1 
ATOM   1252 O O   . GLU A 1 164 ? 6.831   -4.179  16.504  1.00 26.49 ? 1165 GLU A O   1 
ATOM   1253 C CB  . GLU A 1 164 ? 9.747   -4.006  16.021  1.00 28.22 ? 1165 GLU A CB  1 
ATOM   1254 C CG  . GLU A 1 164 ? 9.670   -2.564  15.568  1.00 32.37 ? 1165 GLU A CG  1 
ATOM   1255 C CD  . GLU A 1 164 ? 10.628  -1.679  16.346  1.00 35.69 ? 1165 GLU A CD  1 
ATOM   1256 O OE1 . GLU A 1 164 ? 10.435  -1.506  17.569  1.00 40.13 ? 1165 GLU A OE1 1 
ATOM   1257 O OE2 . GLU A 1 164 ? 11.585  -1.164  15.740  1.00 38.20 ? 1165 GLU A OE2 1 
ATOM   1258 O OXT . GLU A 1 164 ? 6.739   -4.319  14.313  1.00 19.11 ? 1165 GLU A OXT 1 
ATOM   1259 N N   . HIS B 2 1   ? -13.606 -1.602  -9.034  1.00 20.09 ? 1    HIS B N   1 
ATOM   1260 C CA  . HIS B 2 1   ? -12.181 -1.183  -9.165  1.00 21.65 ? 1    HIS B CA  1 
ATOM   1261 C C   . HIS B 2 1   ? -11.780 -0.127  -8.114  1.00 19.24 ? 1    HIS B C   1 
ATOM   1262 O O   . HIS B 2 1   ? -12.404 0.932   -7.991  1.00 17.81 ? 1    HIS B O   1 
ATOM   1263 C CB  . HIS B 2 1   ? -11.918 -0.680  -10.589 1.00 26.84 ? 1    HIS B CB  1 
ATOM   1264 C CG  . HIS B 2 1   ? -10.831 -1.419  -11.320 1.00 33.98 ? 1    HIS B CG  1 
ATOM   1265 N ND1 . HIS B 2 1   ? -9.499  -1.059  -11.240 1.00 31.37 ? 1    HIS B ND1 1 
ATOM   1266 C CD2 . HIS B 2 1   ? -10.887 -2.450  -12.199 1.00 37.10 ? 1    HIS B CD2 1 
ATOM   1267 C CE1 . HIS B 2 1   ? -8.787  -1.832  -12.042 1.00 34.43 ? 1    HIS B CE1 1 
ATOM   1268 N NE2 . HIS B 2 1   ? -9.605  -2.686  -12.636 1.00 30.95 ? 1    HIS B NE2 1 
ATOM   1269 N N   . ALA B 2 2   ? -10.734 -0.439  -7.352  1.00 12.43 ? 2    ALA B N   1 
ATOM   1270 C CA  . ALA B 2 2   ? -10.232 0.430   -6.294  1.00 12.48 ? 2    ALA B CA  1 
ATOM   1271 C C   . ALA B 2 2   ? -9.053  1.317   -6.703  1.00 8.11  ? 2    ALA B C   1 
ATOM   1272 O O   . ALA B 2 2   ? -8.383  1.076   -7.717  1.00 9.46  ? 2    ALA B O   1 
ATOM   1273 C CB  . ALA B 2 2   ? -9.851  -0.414  -5.087  1.00 12.03 ? 2    ALA B CB  1 
ATOM   1274 N N   . GLY B 2 3   ? -8.829  2.358   -5.907  1.00 10.49 ? 3    GLY B N   1 
ATOM   1275 C CA  . GLY B 2 3   ? -7.730  3.273   -6.143  1.00 11.80 ? 3    GLY B CA  1 
ATOM   1276 C C   . GLY B 2 3   ? -8.043  4.761   -6.130  1.00 15.70 ? 3    GLY B C   1 
ATOM   1277 O O   . GLY B 2 3   ? -9.118  5.203   -6.570  1.00 12.52 ? 3    GLY B O   1 
ATOM   1278 N N   . PRO B 2 4   ? -7.103  5.573   -5.621  1.00 15.86 ? 4    PRO B N   1 
ATOM   1279 C CA  . PRO B 2 4   ? -7.246  7.037   -5.547  1.00 15.32 ? 4    PRO B CA  1 
ATOM   1280 C C   . PRO B 2 4   ? -7.017  7.658   -6.945  1.00 8.40  ? 4    PRO B C   1 
ATOM   1281 O O   . PRO B 2 4   ? -6.415  7.025   -7.814  1.00 9.56  ? 4    PRO B O   1 
ATOM   1282 C CB  . PRO B 2 4   ? -6.099  7.421   -4.601  1.00 13.15 ? 4    PRO B CB  1 
ATOM   1283 C CG  . PRO B 2 4   ? -5.038  6.442   -5.011  1.00 10.13 ? 4    PRO B CG  1 
ATOM   1284 C CD  . PRO B 2 4   ? -5.804  5.151   -5.065  1.00 9.12  ? 4    PRO B CD  1 
ATOM   1285 N N   . ILE B 2 5   ? -7.515  8.869   -7.171  1.00 10.71 ? 5    ILE B N   1 
ATOM   1286 C CA  . ILE B 2 5   ? -7.297  9.550   -8.458  1.00 14.13 ? 5    ILE B CA  1 
ATOM   1287 C C   . ILE B 2 5   ? -6.737  10.914  -8.154  1.00 12.89 ? 5    ILE B C   1 
ATOM   1288 O O   . ILE B 2 5   ? -6.922  11.421  -7.053  1.00 16.75 ? 5    ILE B O   1 
ATOM   1289 C CB  . ILE B 2 5   ? -8.605  9.758   -9.286  1.00 15.59 ? 5    ILE B CB  1 
ATOM   1290 C CG1 . ILE B 2 5   ? -9.646  10.519  -8.460  1.00 12.42 ? 5    ILE B CG1 1 
ATOM   1291 C CG2 . ILE B 2 5   ? -9.101  8.431   -9.860  1.00 18.27 ? 5    ILE B CG2 1 
ATOM   1292 C CD1 . ILE B 2 5   ? -11.062 10.305  -8.902  1.00 14.65 ? 5    ILE B CD1 1 
ATOM   1293 N N   . ALA B 2 6   ? -6.108  11.547  -9.134  1.00 14.50 ? 6    ALA B N   1 
ATOM   1294 C CA  . ALA B 2 6   ? -5.552  12.875  -8.890  1.00 22.64 ? 6    ALA B CA  1 
ATOM   1295 C C   . ALA B 2 6   ? -6.582  13.992  -9.065  1.00 23.88 ? 6    ALA B C   1 
ATOM   1296 O O   . ALA B 2 6   ? -6.574  14.663  -10.121 1.00 36.09 ? 6    ALA B O   1 
ATOM   1297 C CB  . ALA B 2 6   ? -4.333  13.111  -9.755  1.00 15.10 ? 6    ALA B CB  1 
ATOM   1298 O OXT . ALA B 2 6   ? -7.393  14.189  -8.135  1.00 26.35 ? 6    ALA B OXT 1 
HETATM 1299 O O   . HOH C 3 .   ? -5.683  -1.906  6.035   1.00 22.27 ? 201  HOH A O   1 
HETATM 1300 O O   . HOH C 3 .   ? -9.888  4.141   2.705   1.00 20.44 ? 202  HOH A O   1 
HETATM 1301 O O   . HOH C 3 .   ? 12.358  -14.768 5.156   1.00 27.61 ? 203  HOH A O   1 
HETATM 1302 O O   . HOH C 3 .   ? 1.315   12.981  -11.700 1.00 13.62 ? 204  HOH A O   1 
HETATM 1303 O O   . HOH C 3 .   ? 1.315   -5.314  -3.875  1.00 15.15 ? 206  HOH A O   1 
HETATM 1304 O O   . HOH C 3 .   ? -8.345  -1.335  -0.213  1.00 15.39 ? 207  HOH A O   1 
HETATM 1305 O O   . HOH C 3 .   ? -5.078  5.066   -13.393 1.00 24.99 ? 208  HOH A O   1 
HETATM 1306 O O   . HOH C 3 .   ? 15.693  6.271   2.053   1.00 25.21 ? 209  HOH A O   1 
HETATM 1307 O O   . HOH C 3 .   ? -1.858  -5.731  -6.416  1.00 38.57 ? 210  HOH A O   1 
HETATM 1308 O O   . HOH C 3 .   ? -1.295  -3.597  15.211  1.00 24.47 ? 211  HOH A O   1 
HETATM 1309 O O   . HOH C 3 .   ? -9.799  8.952   -5.011  1.00 14.43 ? 213  HOH A O   1 
HETATM 1310 O O   . HOH C 3 .   ? -4.575  8.538   -14.628 1.00 14.18 ? 214  HOH A O   1 
HETATM 1311 O O   . HOH C 3 .   ? -2.853  0.333   -13.811 1.00 34.16 ? 215  HOH A O   1 
HETATM 1312 O O   . HOH C 3 .   ? 7.810   -13.736 4.006   1.00 30.43 ? 216  HOH A O   1 
HETATM 1313 O O   . HOH C 3 .   ? -11.631 -12.648 -2.840  1.00 49.61 ? 217  HOH A O   1 
HETATM 1314 O O   . HOH C 3 .   ? -7.186  9.337   7.194   1.00 18.92 ? 218  HOH A O   1 
HETATM 1315 O O   . HOH C 3 .   ? -6.770  7.399   9.453   1.00 23.24 ? 219  HOH A O   1 
HETATM 1316 O O   . HOH C 3 .   ? -7.980  11.030  4.943   1.00 23.12 ? 220  HOH A O   1 
HETATM 1317 O O   . HOH C 3 .   ? 0.496   12.541  8.036   1.00 50.47 ? 221  HOH A O   1 
HETATM 1318 O O   . HOH C 3 .   ? -13.314 2.682   1.878   1.00 28.99 ? 222  HOH A O   1 
HETATM 1319 O O   . HOH C 3 .   ? -12.339 7.148   -2.046  1.00 22.50 ? 223  HOH A O   1 
HETATM 1320 O O   . HOH C 3 .   ? 0.544   12.722  0.687   1.00 29.11 ? 224  HOH A O   1 
HETATM 1321 O O   . HOH C 3 .   ? 9.713   -8.120  -9.815  1.00 33.77 ? 225  HOH A O   1 
HETATM 1322 O O   . HOH C 3 .   ? 20.175  -5.943  -7.620  1.00 34.73 ? 226  HOH A O   1 
HETATM 1323 O O   . HOH C 3 .   ? 2.295   7.284   17.938  1.00 45.09 ? 227  HOH A O   1 
HETATM 1324 O O   . HOH C 3 .   ? -2.325  -12.868 5.275   1.00 21.07 ? 228  HOH A O   1 
HETATM 1325 O O   . HOH C 3 .   ? -17.432 -7.468  -1.002  1.00 45.20 ? 229  HOH A O   1 
HETATM 1326 O O   . HOH C 3 .   ? -10.324 -12.711 4.357   1.00 44.21 ? 230  HOH A O   1 
HETATM 1327 O O   . HOH C 3 .   ? 2.504   -18.538 2.755   1.00 45.72 ? 231  HOH A O   1 
HETATM 1328 O O   . HOH C 3 .   ? 1.562   -15.749 2.675   1.00 37.89 ? 232  HOH A O   1 
HETATM 1329 O O   . HOH C 3 .   ? 8.219   -19.689 7.676   1.00 40.33 ? 233  HOH A O   1 
HETATM 1330 O O   . HOH C 3 .   ? -0.469  -7.882  -7.755  1.00 30.17 ? 234  HOH A O   1 
HETATM 1331 O O   . HOH C 3 .   ? 1.870   -13.780 -8.685  1.00 24.37 ? 235  HOH A O   1 
HETATM 1332 O O   . HOH C 3 .   ? -1.624  -14.247 -2.117  1.00 26.00 ? 236  HOH A O   1 
HETATM 1333 O O   . HOH C 3 .   ? 16.842  -0.213  -12.413 1.00 52.71 ? 237  HOH A O   1 
HETATM 1334 O O   . HOH C 3 .   ? 17.895  1.848   -5.361  1.00 62.47 ? 238  HOH A O   1 
HETATM 1335 O O   . HOH C 3 .   ? 4.861   9.327   13.705  1.00 28.28 ? 239  HOH A O   1 
HETATM 1336 O O   . HOH C 3 .   ? 4.589   10.608  17.417  1.00 27.04 ? 240  HOH A O   1 
HETATM 1337 O O   . HOH C 3 .   ? 4.399   -5.355  17.121  1.00 28.77 ? 241  HOH A O   1 
HETATM 1338 O O   . HOH C 3 .   ? -0.936  1.313   20.797  1.00 48.15 ? 242  HOH A O   1 
HETATM 1339 O O   . HOH C 3 .   ? -8.853  0.013   22.454  1.00 22.43 ? 243  HOH A O   1 
HETATM 1340 O O   . HOH C 3 .   ? -11.763 4.483   15.043  1.00 29.15 ? 244  HOH A O   1 
HETATM 1341 O O   . HOH C 3 .   ? -10.202 1.707   7.305   1.00 20.26 ? 245  HOH A O   1 
HETATM 1342 O O   . HOH C 3 .   ? -15.022 9.471   1.554   1.00 26.91 ? 246  HOH A O   1 
HETATM 1343 O O   . HOH C 3 .   ? -6.601  10.322  -15.605 1.00 12.66 ? 248  HOH A O   1 
HETATM 1344 O O   . HOH C 3 .   ? 8.431   10.078  -4.390  1.00 33.95 ? 250  HOH A O   1 
HETATM 1345 O O   . HOH C 3 .   ? 5.978   13.444  4.165   1.00 24.97 ? 251  HOH A O   1 
HETATM 1346 O O   . HOH C 3 .   ? -6.944  11.831  17.377  1.00 35.57 ? 252  HOH A O   1 
HETATM 1347 O O   . HOH D 3 .   ? -6.294  -0.210  -9.542  1.00 28.80 ? 205  HOH B O   1 
HETATM 1348 O O   . HOH D 3 .   ? -10.054 12.319  -12.346 1.00 34.84 ? 212  HOH B O   1 
HETATM 1349 O O   . HOH D 3 .   ? -5.540  19.711  -11.206 1.00 36.69 ? 247  HOH B O   1 
HETATM 1350 O O   . HOH D 3 .   ? -2.686  11.593  -11.854 1.00 37.28 ? 249  HOH B O   1 
# 
